data_1EQB
#
_entry.id   1EQB
#
_cell.length_a   77.740
_cell.length_b   172.480
_cell.length_c   95.410
_cell.angle_alpha   90.00
_cell.angle_beta   104.28
_cell.angle_gamma   90.00
#
_symmetry.space_group_name_H-M   'P 1 21 1'
#
loop_
_entity.id
_entity.type
_entity.pdbx_description
1 polymer 'SERINE HYDROXYMETHYLTRANSFERASE'
2 non-polymer GLYCINE
3 non-polymer "PYRIDOXAL-5'-PHOSPHATE"
4 non-polymer 'N-[4-({[(6S)-2-amino-5-formyl-4-oxo-3,4,5,6,7,8-hexahydropteridin-6-yl]methyl}amino)benzoyl]-L-glutamic acid'
5 water water
#
_entity_poly.entity_id   1
_entity_poly.type   'polypeptide(L)'
_entity_poly.pdbx_seq_one_letter_code
;MLKREMNIADYDAELWQAMEQEKVRQEEHIELIASENYTSPRVMQAQGSQLTNKYAEGYPGKRYFGGCEYVDIVEQLAID
RAKELFGADYANVQPHSGSQANFAVYTALLEPGDTVLGMNLAHGGHLTHGSPVNFSGKLYNIVPYGIDATGHIDYADLEK
QAKEHKPKMIIGGFSAYSGVVDWAKMREIADSIGAYLFVDMAHVAGLVAAGVYPNPVPHAHVVTTTTHKTLAGPRGGLIL
AKGGSEELYKKLNSAVFPGGQGGPLMHVIAGKAVALKEAMEPEFKTYQQQVAKNAKAMVEVFLERGYKVVSGGTDNHLFL
VDLVDKNLTGKEADAALGRANITVNKNSVPNDPKSPFVTSGIRVGTPAITRRGFKEAEAKELAGWMCDVLDSINDEAVIE
RIKGKVLDICARYPVYA
;
_entity_poly.pdbx_strand_id   A,B,C,D
#
# COMPACT_ATOMS: atom_id res chain seq x y z
N LEU A 2 26.71 -35.22 -16.51
CA LEU A 2 26.32 -33.77 -16.42
C LEU A 2 27.58 -32.92 -16.51
N LYS A 3 28.73 -33.58 -16.65
CA LYS A 3 30.05 -32.96 -16.82
C LYS A 3 30.44 -31.81 -15.88
N ARG A 4 31.48 -32.05 -15.08
CA ARG A 4 31.99 -31.06 -14.12
C ARG A 4 32.56 -29.82 -14.78
N GLU A 5 33.01 -29.94 -16.03
CA GLU A 5 33.61 -28.81 -16.74
C GLU A 5 32.69 -27.66 -17.11
N MET A 6 31.40 -27.80 -16.86
CA MET A 6 30.46 -26.73 -17.18
C MET A 6 30.74 -25.52 -16.28
N ASN A 7 30.76 -24.33 -16.89
CA ASN A 7 31.04 -23.12 -16.14
C ASN A 7 30.28 -21.95 -16.74
N ILE A 8 30.18 -20.86 -15.99
CA ILE A 8 29.44 -19.68 -16.43
C ILE A 8 30.12 -18.88 -17.54
N ALA A 9 31.42 -18.64 -17.41
CA ALA A 9 32.16 -17.86 -18.39
C ALA A 9 31.84 -18.09 -19.86
N ASP A 10 31.88 -19.35 -20.29
CA ASP A 10 31.64 -19.68 -21.70
C ASP A 10 30.19 -19.94 -22.03
N TYR A 11 29.32 -19.87 -21.05
CA TYR A 11 27.92 -20.16 -21.28
C TYR A 11 27.01 -18.97 -21.06
N ASP A 12 27.38 -18.09 -20.13
CA ASP A 12 26.55 -16.93 -19.83
C ASP A 12 27.43 -15.70 -19.58
N ALA A 13 28.04 -15.21 -20.66
CA ALA A 13 28.92 -14.06 -20.65
C ALA A 13 28.39 -12.84 -19.93
N GLU A 14 27.08 -12.63 -19.98
CA GLU A 14 26.48 -11.49 -19.30
C GLU A 14 26.62 -11.65 -17.79
N LEU A 15 26.12 -12.77 -17.28
CA LEU A 15 26.18 -13.06 -15.85
C LEU A 15 27.62 -13.04 -15.37
N TRP A 16 28.49 -13.62 -16.19
CA TRP A 16 29.90 -13.72 -15.88
C TRP A 16 30.58 -12.35 -15.82
N GLN A 17 30.24 -11.50 -16.79
CA GLN A 17 30.85 -10.18 -16.82
C GLN A 17 30.49 -9.38 -15.55
N ALA A 18 29.21 -9.42 -15.17
CA ALA A 18 28.74 -8.72 -13.99
C ALA A 18 29.41 -9.30 -12.76
N MET A 19 29.52 -10.63 -12.70
CA MET A 19 30.15 -11.27 -11.56
C MET A 19 31.59 -10.81 -11.43
N GLU A 20 32.35 -10.94 -12.51
CA GLU A 20 33.75 -10.53 -12.50
C GLU A 20 33.92 -9.07 -12.09
N GLN A 21 33.00 -8.20 -12.51
CA GLN A 21 33.11 -6.79 -12.14
C GLN A 21 32.94 -6.59 -10.65
N GLU A 22 32.03 -7.34 -10.05
CA GLU A 22 31.78 -7.28 -8.62
C GLU A 22 33.05 -7.72 -7.90
N LYS A 23 33.74 -8.68 -8.51
CA LYS A 23 34.96 -9.24 -7.97
C LYS A 23 36.03 -8.15 -7.90
N VAL A 24 36.05 -7.29 -8.91
CA VAL A 24 37.01 -6.20 -8.98
C VAL A 24 36.58 -5.03 -8.09
N ARG A 25 35.28 -4.77 -8.05
CA ARG A 25 34.72 -3.70 -7.23
C ARG A 25 35.12 -3.94 -5.79
N GLN A 26 34.99 -5.19 -5.35
CA GLN A 26 35.33 -5.54 -3.98
C GLN A 26 36.81 -5.29 -3.68
N GLU A 27 37.61 -5.21 -4.73
CA GLU A 27 39.04 -4.95 -4.56
C GLU A 27 39.34 -3.46 -4.64
N GLU A 28 38.70 -2.76 -5.57
CA GLU A 28 38.94 -1.34 -5.75
C GLU A 28 38.13 -0.40 -4.86
N HIS A 29 37.28 -0.93 -4.00
CA HIS A 29 36.47 -0.10 -3.11
C HIS A 29 36.79 -0.30 -1.64
N ILE A 30 36.70 0.77 -0.87
CA ILE A 30 36.91 0.70 0.58
C ILE A 30 35.51 0.48 1.14
N GLU A 31 35.18 -0.73 1.55
CA GLU A 31 33.84 -1.00 2.09
C GLU A 31 33.76 -0.59 3.56
N LEU A 32 32.87 0.35 3.86
CA LEU A 32 32.69 0.81 5.24
C LEU A 32 31.28 0.56 5.74
N ILE A 33 30.60 -0.39 5.12
CA ILE A 33 29.24 -0.78 5.52
C ILE A 33 29.38 -1.73 6.71
N ALA A 34 28.94 -1.26 7.87
CA ALA A 34 29.02 -2.00 9.12
C ALA A 34 28.54 -3.44 9.10
N SER A 35 27.52 -3.72 8.30
CA SER A 35 26.98 -5.07 8.24
C SER A 35 27.67 -6.01 7.24
N GLU A 36 28.68 -5.51 6.53
CA GLU A 36 29.39 -6.32 5.55
C GLU A 36 30.75 -6.79 6.02
N ASN A 37 31.34 -7.71 5.26
CA ASN A 37 32.65 -8.28 5.58
C ASN A 37 33.13 -9.06 4.36
N TYR A 38 34.16 -9.88 4.55
CA TYR A 38 34.71 -10.70 3.46
C TYR A 38 34.86 -12.10 4.02
N THR A 39 33.96 -12.99 3.65
CA THR A 39 34.05 -14.36 4.15
C THR A 39 35.23 -15.12 3.54
N SER A 40 35.77 -16.10 4.26
CA SER A 40 36.91 -16.85 3.74
C SER A 40 36.54 -17.71 2.56
N PRO A 41 37.53 -18.07 1.72
CA PRO A 41 37.29 -18.91 0.56
C PRO A 41 36.75 -20.28 0.98
N ARG A 42 36.98 -20.65 2.24
CA ARG A 42 36.51 -21.93 2.78
C ARG A 42 34.99 -21.93 2.90
N VAL A 43 34.42 -20.77 3.24
CA VAL A 43 32.97 -20.63 3.37
C VAL A 43 32.34 -20.62 1.99
N MET A 44 33.02 -20.02 1.03
CA MET A 44 32.52 -19.98 -0.34
C MET A 44 32.57 -21.39 -0.93
N GLN A 45 33.66 -22.11 -0.63
CA GLN A 45 33.83 -23.47 -1.12
C GLN A 45 32.62 -24.34 -0.70
N ALA A 46 32.22 -24.20 0.56
CA ALA A 46 31.10 -24.94 1.11
C ALA A 46 29.83 -24.60 0.35
N GLN A 47 29.56 -23.31 0.26
CA GLN A 47 28.37 -22.82 -0.41
C GLN A 47 28.26 -23.26 -1.87
N GLY A 48 29.39 -23.62 -2.47
CA GLY A 48 29.36 -24.07 -3.85
C GLY A 48 29.42 -25.59 -3.96
N SER A 49 29.13 -26.29 -2.86
CA SER A 49 29.20 -27.75 -2.86
C SER A 49 27.93 -28.43 -3.35
N GLN A 50 27.97 -29.75 -3.43
CA GLN A 50 26.81 -30.51 -3.89
C GLN A 50 25.76 -30.64 -2.81
N LEU A 51 26.02 -30.09 -1.62
CA LEU A 51 25.05 -30.16 -0.53
C LEU A 51 23.79 -29.38 -0.86
N THR A 52 23.86 -28.58 -1.91
CA THR A 52 22.72 -27.79 -2.35
C THR A 52 21.62 -28.69 -2.95
N ASN A 53 21.96 -29.94 -3.24
CA ASN A 53 21.01 -30.89 -3.83
C ASN A 53 20.11 -31.61 -2.83
N LYS A 54 20.56 -31.72 -1.57
CA LYS A 54 19.79 -32.45 -0.58
C LYS A 54 18.66 -31.73 0.15
N TYR A 55 17.51 -32.41 0.23
CA TYR A 55 16.35 -31.91 0.95
C TYR A 55 16.45 -32.61 2.30
N ALA A 56 16.45 -31.84 3.38
CA ALA A 56 16.57 -32.42 4.73
C ALA A 56 15.70 -31.76 5.77
N GLU A 57 14.38 -31.80 5.60
CA GLU A 57 13.50 -31.18 6.58
C GLU A 57 13.56 -31.95 7.88
N GLY A 58 13.44 -31.22 8.99
CA GLY A 58 13.52 -31.83 10.30
C GLY A 58 14.88 -31.54 10.93
N TYR A 59 15.29 -32.36 11.86
CA TYR A 59 16.59 -32.16 12.49
C TYR A 59 17.41 -33.43 12.43
N PRO A 60 18.73 -33.34 12.65
CA PRO A 60 19.55 -34.56 12.58
C PRO A 60 18.98 -35.69 13.43
N GLY A 61 18.64 -36.79 12.75
CA GLY A 61 18.08 -37.94 13.44
C GLY A 61 16.58 -38.07 13.22
N LYS A 62 15.90 -36.94 13.09
CA LYS A 62 14.46 -36.90 12.87
C LYS A 62 14.14 -36.12 11.60
N ARG A 63 14.55 -36.66 10.45
CA ARG A 63 14.30 -36.02 9.16
C ARG A 63 13.01 -36.53 8.52
N TYR A 64 12.56 -35.83 7.48
CA TYR A 64 11.35 -36.24 6.76
C TYR A 64 11.67 -36.79 5.38
N PHE A 65 12.97 -36.99 5.12
CA PHE A 65 13.46 -37.55 3.85
C PHE A 65 14.58 -38.53 4.18
N GLY A 66 14.85 -39.45 3.25
CA GLY A 66 15.91 -40.41 3.47
C GLY A 66 17.22 -39.93 2.85
N GLY A 67 18.33 -40.54 3.26
CA GLY A 67 19.62 -40.16 2.72
C GLY A 67 20.24 -38.95 3.39
N CYS A 68 19.86 -38.69 4.64
CA CYS A 68 20.39 -37.55 5.38
C CYS A 68 21.48 -37.93 6.37
N GLU A 69 22.25 -38.96 6.06
CA GLU A 69 23.30 -39.42 6.97
C GLU A 69 24.47 -38.45 7.09
N TYR A 70 24.88 -37.90 5.96
CA TYR A 70 26.02 -36.99 5.95
C TYR A 70 25.67 -35.54 6.19
N VAL A 71 24.47 -35.12 5.78
CA VAL A 71 24.04 -33.75 6.01
C VAL A 71 23.73 -33.63 7.48
N ASP A 72 23.43 -34.77 8.11
CA ASP A 72 23.14 -34.80 9.54
C ASP A 72 24.43 -34.53 10.31
N ILE A 73 25.53 -35.06 9.78
CA ILE A 73 26.82 -34.84 10.39
C ILE A 73 27.17 -33.37 10.26
N VAL A 74 26.95 -32.82 9.07
CA VAL A 74 27.24 -31.42 8.79
C VAL A 74 26.49 -30.48 9.72
N GLU A 75 25.18 -30.66 9.82
CA GLU A 75 24.37 -29.80 10.68
C GLU A 75 24.77 -29.91 12.15
N GLN A 76 25.15 -31.11 12.59
CA GLN A 76 25.55 -31.33 13.97
C GLN A 76 26.85 -30.57 14.27
N LEU A 77 27.78 -30.58 13.31
CA LEU A 77 29.03 -29.86 13.46
C LEU A 77 28.73 -28.39 13.68
N ALA A 78 27.86 -27.81 12.85
CA ALA A 78 27.52 -26.40 13.00
C ALA A 78 26.87 -26.12 14.35
N ILE A 79 25.97 -27.01 14.79
CA ILE A 79 25.30 -26.83 16.06
C ILE A 79 26.27 -26.92 17.23
N ASP A 80 27.11 -27.95 17.26
CA ASP A 80 28.06 -28.09 18.35
C ASP A 80 29.05 -26.92 18.44
N ARG A 81 29.63 -26.52 17.31
CA ARG A 81 30.58 -25.40 17.33
C ARG A 81 29.88 -24.13 17.78
N ALA A 82 28.65 -23.92 17.30
CA ALA A 82 27.90 -22.74 17.68
C ALA A 82 27.73 -22.67 19.19
N LYS A 83 27.40 -23.81 19.80
CA LYS A 83 27.20 -23.86 21.24
C LYS A 83 28.49 -23.60 22.01
N GLU A 84 29.58 -24.21 21.55
CA GLU A 84 30.84 -24.05 22.23
C GLU A 84 31.40 -22.63 22.10
N LEU A 85 31.25 -22.02 20.94
CA LEU A 85 31.80 -20.68 20.75
C LEU A 85 31.07 -19.63 21.58
N PHE A 86 29.78 -19.84 21.83
CA PHE A 86 29.01 -18.87 22.60
C PHE A 86 28.59 -19.28 24.01
N GLY A 87 28.81 -20.54 24.36
CA GLY A 87 28.46 -21.01 25.70
C GLY A 87 26.99 -21.32 25.91
N ALA A 88 26.32 -21.71 24.84
CA ALA A 88 24.91 -22.03 24.90
C ALA A 88 24.76 -23.52 24.96
N ASP A 89 23.60 -24.00 25.43
CA ASP A 89 23.34 -25.43 25.50
C ASP A 89 22.31 -25.79 24.44
N TYR A 90 21.91 -24.77 23.67
CA TYR A 90 20.95 -24.93 22.59
C TYR A 90 21.31 -24.02 21.43
N ALA A 91 21.21 -24.55 20.22
CA ALA A 91 21.54 -23.78 19.04
C ALA A 91 20.76 -24.33 17.86
N ASN A 92 20.25 -23.43 17.02
CA ASN A 92 19.51 -23.81 15.83
C ASN A 92 20.18 -23.12 14.67
N VAL A 93 20.73 -23.91 13.74
CA VAL A 93 21.46 -23.37 12.60
C VAL A 93 20.73 -23.34 11.27
N GLN A 94 19.42 -23.57 11.28
CA GLN A 94 18.68 -23.59 10.04
C GLN A 94 18.07 -22.28 9.51
N PRO A 95 17.85 -21.28 10.37
CA PRO A 95 17.27 -20.03 9.86
C PRO A 95 18.00 -19.51 8.63
N HIS A 96 17.25 -19.17 7.58
CA HIS A 96 17.87 -18.70 6.35
C HIS A 96 18.52 -17.32 6.47
N SER A 97 18.19 -16.58 7.52
CA SER A 97 18.73 -15.24 7.67
C SER A 97 18.42 -14.69 9.04
N GLY A 98 18.83 -13.45 9.28
CA GLY A 98 18.55 -12.83 10.56
C GLY A 98 17.07 -12.60 10.77
N SER A 99 16.40 -12.12 9.71
CA SER A 99 14.96 -11.86 9.77
C SER A 99 14.22 -13.13 10.11
N GLN A 100 14.59 -14.23 9.45
CA GLN A 100 13.96 -15.51 9.70
C GLN A 100 14.22 -16.01 11.12
N ALA A 101 15.45 -15.87 11.61
CA ALA A 101 15.72 -16.29 12.98
C ALA A 101 14.82 -15.51 13.94
N ASN A 102 14.75 -14.18 13.77
CA ASN A 102 13.90 -13.34 14.60
C ASN A 102 12.43 -13.72 14.49
N PHE A 103 11.96 -13.92 13.26
CA PHE A 103 10.57 -14.30 13.06
C PHE A 103 10.22 -15.54 13.86
N ALA A 104 11.15 -16.49 13.94
CA ALA A 104 10.94 -17.73 14.67
C ALA A 104 10.74 -17.42 16.14
N VAL A 105 11.64 -16.62 16.70
CA VAL A 105 11.53 -16.26 18.12
C VAL A 105 10.18 -15.63 18.44
N TYR A 106 9.69 -14.74 17.57
CA TYR A 106 8.40 -14.10 17.79
C TYR A 106 7.27 -15.11 17.85
N THR A 107 7.12 -15.88 16.77
CA THR A 107 6.06 -16.88 16.67
C THR A 107 6.16 -18.04 17.67
N ALA A 108 7.32 -18.20 18.29
CA ALA A 108 7.48 -19.27 19.24
C ALA A 108 7.15 -18.83 20.68
N LEU A 109 7.28 -17.54 20.95
CA LEU A 109 7.01 -17.04 22.29
C LEU A 109 5.82 -16.11 22.44
N LEU A 110 5.34 -15.55 21.33
CA LEU A 110 4.22 -14.63 21.42
C LEU A 110 3.02 -15.01 20.57
N GLU A 111 1.90 -14.35 20.86
CA GLU A 111 0.65 -14.54 20.14
C GLU A 111 0.42 -13.24 19.38
N PRO A 112 -0.14 -13.32 18.16
CA PRO A 112 -0.38 -12.09 17.41
C PRO A 112 -1.09 -11.08 18.31
N GLY A 113 -0.58 -9.86 18.34
CA GLY A 113 -1.19 -8.83 19.16
C GLY A 113 -0.54 -8.61 20.53
N ASP A 114 0.39 -9.47 20.92
CA ASP A 114 1.06 -9.29 22.21
C ASP A 114 1.89 -8.02 22.19
N THR A 115 2.16 -7.46 23.36
CA THR A 115 2.95 -6.25 23.46
C THR A 115 4.45 -6.56 23.52
N VAL A 116 5.21 -5.78 22.78
CA VAL A 116 6.65 -5.96 22.72
C VAL A 116 7.35 -4.63 22.89
N LEU A 117 8.43 -4.63 23.64
CA LEU A 117 9.20 -3.42 23.88
C LEU A 117 10.48 -3.58 23.06
N GLY A 118 10.61 -2.78 22.01
CA GLY A 118 11.80 -2.87 21.15
C GLY A 118 12.39 -1.52 20.83
N MET A 119 13.67 -1.51 20.46
CA MET A 119 14.37 -0.27 20.13
C MET A 119 13.93 0.29 18.79
N ASN A 120 13.53 1.56 18.80
CA ASN A 120 13.06 2.28 17.63
C ASN A 120 14.12 2.25 16.52
N LEU A 121 13.67 2.13 15.27
CA LEU A 121 14.62 2.05 14.13
C LEU A 121 15.53 3.27 13.96
N ALA A 122 14.99 4.48 14.00
CA ALA A 122 15.84 5.68 13.85
C ALA A 122 16.86 5.79 14.98
N HIS A 123 16.54 5.22 16.13
CA HIS A 123 17.47 5.28 17.25
C HIS A 123 18.48 4.15 17.26
N GLY A 124 18.46 3.31 16.22
CA GLY A 124 19.41 2.22 16.14
C GLY A 124 18.84 0.81 16.13
N GLY A 125 17.54 0.69 16.32
CA GLY A 125 16.92 -0.64 16.31
C GLY A 125 16.76 -1.16 14.90
N HIS A 126 16.60 -2.48 14.76
CA HIS A 126 16.45 -3.06 13.45
C HIS A 126 15.00 -3.13 12.98
N LEU A 127 14.80 -3.26 11.67
CA LEU A 127 13.47 -3.37 11.08
C LEU A 127 12.60 -4.39 11.79
N THR A 128 13.19 -5.55 12.05
CA THR A 128 12.48 -6.63 12.71
C THR A 128 12.30 -6.40 14.21
N HIS A 129 12.60 -5.19 14.68
CA HIS A 129 12.44 -4.87 16.09
C HIS A 129 11.20 -4.02 16.34
N GLY A 130 10.22 -4.14 15.44
CA GLY A 130 8.99 -3.39 15.57
C GLY A 130 8.63 -2.36 14.50
N SER A 131 9.39 -2.32 13.41
CA SER A 131 9.11 -1.34 12.36
C SER A 131 7.72 -1.65 11.82
N PRO A 132 6.89 -0.63 11.62
CA PRO A 132 5.51 -0.75 11.10
C PRO A 132 5.40 -1.29 9.67
N VAL A 133 6.50 -1.24 8.93
CA VAL A 133 6.54 -1.75 7.56
C VAL A 133 7.13 -3.16 7.51
N ASN A 134 7.28 -3.79 8.67
CA ASN A 134 7.85 -5.13 8.81
C ASN A 134 6.83 -6.02 9.53
N PHE A 135 6.98 -7.33 9.40
CA PHE A 135 6.04 -8.22 10.05
C PHE A 135 5.97 -7.98 11.56
N SER A 136 7.07 -7.57 12.16
CA SER A 136 7.11 -7.31 13.61
C SER A 136 6.10 -6.24 14.03
N GLY A 137 6.05 -5.17 13.23
CA GLY A 137 5.14 -4.07 13.51
C GLY A 137 3.70 -4.35 13.10
N LYS A 138 3.49 -5.25 12.15
CA LYS A 138 2.15 -5.56 11.70
C LYS A 138 1.46 -6.61 12.53
N LEU A 139 2.18 -7.59 13.04
CA LEU A 139 1.59 -8.67 13.82
C LEU A 139 1.57 -8.45 15.34
N TYR A 140 2.35 -7.51 15.84
CA TYR A 140 2.39 -7.29 17.29
C TYR A 140 2.20 -5.84 17.67
N ASN A 141 1.92 -5.62 18.95
CA ASN A 141 1.73 -4.29 19.52
C ASN A 141 3.08 -3.83 20.03
N ILE A 142 3.70 -2.90 19.32
CA ILE A 142 5.03 -2.44 19.70
C ILE A 142 5.11 -1.14 20.47
N VAL A 143 5.91 -1.14 21.53
CA VAL A 143 6.15 0.06 22.31
C VAL A 143 7.63 0.32 22.08
N PRO A 144 7.98 1.47 21.52
CA PRO A 144 9.38 1.76 21.27
C PRO A 144 10.17 2.40 22.41
N TYR A 145 11.49 2.36 22.28
CA TYR A 145 12.38 2.98 23.26
C TYR A 145 13.60 3.40 22.46
N GLY A 146 14.14 4.57 22.77
CA GLY A 146 15.30 5.05 22.03
C GLY A 146 16.48 5.32 22.92
N ILE A 147 17.22 6.38 22.62
CA ILE A 147 18.39 6.74 23.40
C ILE A 147 18.32 8.15 23.97
N ASP A 148 19.12 8.40 25.02
CA ASP A 148 19.20 9.70 25.70
C ASP A 148 19.59 10.80 24.75
N ALA A 149 19.77 11.98 25.33
CA ALA A 149 20.21 13.13 24.57
C ALA A 149 21.74 12.98 24.61
N THR A 150 22.17 12.02 25.43
CA THR A 150 23.58 11.69 25.64
C THR A 150 24.02 10.66 24.60
N GLY A 151 23.02 10.04 23.96
CA GLY A 151 23.29 9.04 22.94
C GLY A 151 23.27 7.60 23.43
N HIS A 152 22.84 7.37 24.67
CA HIS A 152 22.78 6.01 25.23
C HIS A 152 21.40 5.64 25.76
N ILE A 153 21.16 4.35 25.90
CA ILE A 153 19.88 3.88 26.41
C ILE A 153 19.73 4.28 27.88
N ASP A 154 18.55 4.77 28.24
CA ASP A 154 18.28 5.13 29.63
C ASP A 154 17.51 4.00 30.28
N TYR A 155 18.25 3.13 30.97
CA TYR A 155 17.64 1.98 31.61
C TYR A 155 16.61 2.34 32.65
N ALA A 156 16.60 3.60 33.07
CA ALA A 156 15.63 4.05 34.06
C ALA A 156 14.27 4.20 33.37
N ASP A 157 14.28 4.81 32.19
CA ASP A 157 13.07 5.04 31.42
C ASP A 157 12.55 3.71 30.85
N LEU A 158 13.49 2.84 30.47
CA LEU A 158 13.13 1.54 29.91
C LEU A 158 12.31 0.77 30.94
N GLU A 159 12.78 0.82 32.18
CA GLU A 159 12.12 0.14 33.28
C GLU A 159 10.72 0.70 33.48
N LYS A 160 10.61 2.03 33.40
CA LYS A 160 9.31 2.70 33.56
C LYS A 160 8.35 2.20 32.48
N GLN A 161 8.82 2.22 31.23
CA GLN A 161 8.01 1.75 30.11
C GLN A 161 7.57 0.31 30.31
N ALA A 162 8.50 -0.50 30.78
CA ALA A 162 8.22 -1.91 31.02
C ALA A 162 7.16 -2.09 32.11
N LYS A 163 7.27 -1.34 33.18
CA LYS A 163 6.31 -1.44 34.27
C LYS A 163 4.94 -0.90 33.88
N GLU A 164 4.92 0.11 33.02
CA GLU A 164 3.66 0.69 32.62
C GLU A 164 2.92 -0.08 31.54
N HIS A 165 3.66 -0.65 30.59
CA HIS A 165 3.02 -1.38 29.49
C HIS A 165 3.00 -2.88 29.67
N LYS A 166 3.72 -3.37 30.67
CA LYS A 166 3.78 -4.80 30.94
C LYS A 166 3.89 -5.61 29.63
N PRO A 167 4.99 -5.42 28.87
CA PRO A 167 5.21 -6.13 27.61
C PRO A 167 5.50 -7.60 27.87
N LYS A 168 5.12 -8.45 26.93
CA LYS A 168 5.32 -9.88 27.02
C LYS A 168 6.77 -10.25 26.69
N MET A 169 7.45 -9.35 26.00
CA MET A 169 8.83 -9.58 25.62
C MET A 169 9.56 -8.26 25.46
N ILE A 170 10.83 -8.23 25.82
CA ILE A 170 11.62 -7.01 25.66
C ILE A 170 12.76 -7.40 24.73
N ILE A 171 12.97 -6.58 23.69
CA ILE A 171 14.01 -6.85 22.71
C ILE A 171 15.24 -6.00 22.92
N GLY A 172 16.39 -6.66 23.00
CA GLY A 172 17.65 -5.97 23.17
C GLY A 172 18.45 -6.29 21.92
N GLY A 173 19.07 -5.28 21.34
CA GLY A 173 19.82 -5.51 20.12
C GLY A 173 19.72 -4.24 19.31
N PHE A 174 20.47 -4.18 18.21
CA PHE A 174 20.47 -2.98 17.40
C PHE A 174 21.20 -3.17 16.07
N SER A 175 20.99 -2.23 15.15
CA SER A 175 21.65 -2.28 13.84
C SER A 175 22.54 -1.04 13.69
N ALA A 176 22.26 -0.02 14.49
CA ALA A 176 23.03 1.21 14.44
C ALA A 176 23.28 1.93 15.76
N TYR A 177 23.59 1.17 16.82
CA TYR A 177 23.89 1.76 18.12
C TYR A 177 25.37 1.46 18.37
N SER A 178 26.15 2.45 18.79
CA SER A 178 27.58 2.21 19.02
C SER A 178 27.99 1.92 20.47
N GLY A 179 27.04 1.98 21.40
CA GLY A 179 27.39 1.73 22.78
C GLY A 179 27.41 0.28 23.21
N VAL A 180 27.52 0.07 24.51
CA VAL A 180 27.54 -1.24 25.12
C VAL A 180 26.20 -1.41 25.81
N VAL A 181 25.52 -2.52 25.57
CA VAL A 181 24.23 -2.72 26.22
C VAL A 181 24.40 -3.58 27.47
N ASP A 182 23.73 -3.19 28.53
CA ASP A 182 23.80 -3.92 29.79
C ASP A 182 22.77 -5.04 29.72
N TRP A 183 23.20 -6.20 29.26
CA TRP A 183 22.31 -7.35 29.14
C TRP A 183 21.71 -7.76 30.48
N ALA A 184 22.56 -7.81 31.50
CA ALA A 184 22.11 -8.20 32.83
C ALA A 184 21.03 -7.26 33.36
N LYS A 185 21.19 -5.97 33.08
CA LYS A 185 20.25 -4.96 33.54
C LYS A 185 18.91 -5.11 32.82
N MET A 186 18.95 -5.48 31.54
CA MET A 186 17.72 -5.66 30.80
C MET A 186 17.01 -6.90 31.30
N ARG A 187 17.78 -7.91 31.67
CA ARG A 187 17.20 -9.13 32.18
C ARG A 187 16.54 -8.84 33.53
N GLU A 188 17.14 -7.94 34.31
CA GLU A 188 16.55 -7.58 35.60
C GLU A 188 15.15 -7.04 35.33
N ILE A 189 15.09 -6.05 34.44
CA ILE A 189 13.84 -5.40 34.07
C ILE A 189 12.80 -6.40 33.58
N ALA A 190 13.24 -7.33 32.75
CA ALA A 190 12.33 -8.32 32.22
C ALA A 190 11.75 -9.13 33.36
N ASP A 191 12.62 -9.64 34.22
CA ASP A 191 12.19 -10.46 35.35
C ASP A 191 11.17 -9.80 36.26
N SER A 192 11.27 -8.49 36.45
CA SER A 192 10.35 -7.78 37.33
C SER A 192 8.92 -7.81 36.83
N ILE A 193 8.71 -8.00 35.54
CA ILE A 193 7.36 -8.04 35.01
C ILE A 193 7.09 -9.36 34.34
N GLY A 194 7.99 -10.32 34.56
CA GLY A 194 7.84 -11.63 33.98
C GLY A 194 7.84 -11.66 32.46
N ALA A 195 8.64 -10.80 31.84
CA ALA A 195 8.70 -10.76 30.39
C ALA A 195 9.90 -11.57 29.89
N TYR A 196 9.97 -11.79 28.58
CA TYR A 196 11.06 -12.53 27.97
C TYR A 196 12.10 -11.53 27.51
N LEU A 197 13.38 -11.83 27.73
CA LEU A 197 14.41 -10.93 27.22
C LEU A 197 14.98 -11.59 25.98
N PHE A 198 14.63 -11.03 24.82
CA PHE A 198 15.10 -11.52 23.53
C PHE A 198 16.19 -10.59 23.03
N VAL A 199 17.39 -11.12 22.83
CA VAL A 199 18.51 -10.32 22.34
C VAL A 199 18.99 -10.76 20.97
N ASP A 200 19.05 -9.79 20.06
CA ASP A 200 19.48 -9.99 18.68
C ASP A 200 20.87 -9.39 18.59
N MET A 201 21.90 -10.24 18.60
CA MET A 201 23.27 -9.74 18.55
C MET A 201 23.96 -9.84 17.19
N ALA A 202 23.19 -9.85 16.12
CA ALA A 202 23.73 -9.97 14.76
C ALA A 202 24.98 -9.13 14.51
N HIS A 203 24.90 -7.83 14.77
CA HIS A 203 26.04 -6.95 14.55
C HIS A 203 27.27 -7.20 15.42
N VAL A 204 27.07 -7.60 16.68
CA VAL A 204 28.22 -7.81 17.57
C VAL A 204 28.60 -9.27 17.86
N ALA A 205 28.02 -10.22 17.13
CA ALA A 205 28.31 -11.63 17.33
C ALA A 205 29.79 -11.91 17.22
N GLY A 206 30.44 -11.27 16.26
CA GLY A 206 31.87 -11.48 16.10
C GLY A 206 32.67 -10.98 17.29
N LEU A 207 32.38 -9.75 17.71
CA LEU A 207 33.06 -9.17 18.85
C LEU A 207 32.83 -10.00 20.10
N VAL A 208 31.60 -10.50 20.29
CA VAL A 208 31.27 -11.31 21.45
C VAL A 208 32.11 -12.59 21.41
N ALA A 209 32.18 -13.20 20.23
CA ALA A 209 32.94 -14.43 20.05
C ALA A 209 34.38 -14.25 20.52
N ALA A 210 34.98 -13.11 20.21
CA ALA A 210 36.37 -12.84 20.61
C ALA A 210 36.45 -12.37 22.08
N GLY A 211 35.31 -12.05 22.65
CA GLY A 211 35.27 -11.59 24.03
C GLY A 211 35.49 -10.09 24.11
N VAL A 212 35.29 -9.39 23.00
CA VAL A 212 35.48 -7.95 22.98
C VAL A 212 34.22 -7.15 23.30
N TYR A 213 33.09 -7.84 23.43
CA TYR A 213 31.82 -7.18 23.74
C TYR A 213 31.05 -8.12 24.65
N PRO A 214 30.30 -7.56 25.62
CA PRO A 214 29.52 -8.37 26.55
C PRO A 214 28.68 -9.45 25.87
N ASN A 215 28.84 -10.70 26.32
CA ASN A 215 28.05 -11.79 25.76
C ASN A 215 26.67 -11.79 26.41
N PRO A 216 25.61 -11.73 25.59
CA PRO A 216 24.23 -11.72 26.08
C PRO A 216 23.61 -13.08 26.36
N VAL A 217 24.25 -14.14 25.86
CA VAL A 217 23.74 -15.50 26.02
C VAL A 217 23.33 -15.90 27.44
N PRO A 218 24.15 -15.55 28.44
CA PRO A 218 23.82 -15.90 29.82
C PRO A 218 22.81 -15.00 30.54
N HIS A 219 22.22 -14.03 29.83
CA HIS A 219 21.26 -13.13 30.46
C HIS A 219 19.90 -13.12 29.78
N ALA A 220 19.87 -13.53 28.52
CA ALA A 220 18.63 -13.55 27.73
C ALA A 220 18.02 -14.93 27.66
N HIS A 221 16.70 -14.99 27.54
CA HIS A 221 16.03 -16.27 27.43
C HIS A 221 16.35 -16.87 26.07
N VAL A 222 16.46 -16.00 25.07
CA VAL A 222 16.77 -16.42 23.71
C VAL A 222 17.62 -15.35 22.99
N VAL A 223 18.58 -15.83 22.19
CA VAL A 223 19.45 -14.95 21.43
C VAL A 223 19.48 -15.34 19.96
N THR A 224 19.54 -14.34 19.08
CA THR A 224 19.63 -14.60 17.65
C THR A 224 20.81 -13.80 17.11
N THR A 225 21.29 -14.23 15.95
CA THR A 225 22.41 -13.56 15.30
C THR A 225 22.54 -14.04 13.85
N THR A 226 23.15 -13.21 13.02
CA THR A 226 23.37 -13.63 11.66
C THR A 226 24.80 -14.19 11.71
N THR A 227 25.23 -14.84 10.63
CA THR A 227 26.56 -15.42 10.61
C THR A 227 27.45 -14.67 9.65
N HIS A 228 26.88 -13.68 8.96
CA HIS A 228 27.62 -12.91 7.97
C HIS A 228 28.12 -11.49 8.29
N LYS A 229 27.98 -11.03 9.52
CA LYS A 229 28.44 -9.69 9.87
C LYS A 229 29.83 -9.74 10.50
N THR A 230 29.95 -9.34 11.75
CA THR A 230 31.26 -9.38 12.39
C THR A 230 31.74 -10.83 12.56
N LEU A 231 30.82 -11.78 12.50
CA LEU A 231 31.20 -13.18 12.63
C LEU A 231 31.96 -13.61 11.36
N ALA A 232 31.81 -12.80 10.31
CA ALA A 232 32.47 -13.01 9.03
C ALA A 232 32.18 -14.33 8.30
N GLY A 233 31.01 -14.91 8.53
CA GLY A 233 30.67 -16.16 7.88
C GLY A 233 29.69 -15.95 6.72
N PRO A 234 28.98 -17.02 6.31
CA PRO A 234 28.00 -16.95 5.22
C PRO A 234 26.75 -16.21 5.64
N ARG A 235 25.92 -15.83 4.69
CA ARG A 235 24.68 -15.13 5.02
C ARG A 235 23.70 -16.15 5.58
N GLY A 236 23.34 -15.99 6.85
CA GLY A 236 22.41 -16.89 7.48
C GLY A 236 22.01 -16.45 8.87
N GLY A 237 21.07 -17.17 9.45
CA GLY A 237 20.61 -16.85 10.79
C GLY A 237 21.04 -17.93 11.77
N LEU A 238 20.87 -17.64 13.05
CA LEU A 238 21.25 -18.58 14.09
C LEU A 238 20.50 -18.27 15.37
N ILE A 239 20.00 -19.30 16.05
CA ILE A 239 19.31 -19.10 17.32
C ILE A 239 20.14 -19.79 18.42
N LEU A 240 20.32 -19.10 19.54
CA LEU A 240 21.10 -19.62 20.67
C LEU A 240 20.33 -19.41 21.94
N ALA A 241 20.57 -20.27 22.92
CA ALA A 241 19.89 -20.16 24.21
C ALA A 241 20.67 -20.91 25.27
N LYS A 242 20.47 -20.52 26.52
CA LYS A 242 21.15 -21.19 27.61
C LYS A 242 20.26 -21.19 28.83
N GLY A 243 20.23 -22.33 29.52
CA GLY A 243 19.41 -22.46 30.73
C GLY A 243 17.91 -22.55 30.51
N GLY A 244 17.50 -22.75 29.26
CA GLY A 244 16.09 -22.87 29.00
C GLY A 244 15.61 -24.28 29.28
N SER A 245 14.30 -24.50 29.16
CA SER A 245 13.73 -25.81 29.41
C SER A 245 13.54 -26.57 28.10
N GLU A 246 13.23 -27.86 28.20
CA GLU A 246 13.02 -28.70 27.02
C GLU A 246 11.83 -28.15 26.23
N GLU A 247 10.86 -27.61 26.94
CA GLU A 247 9.68 -27.06 26.30
C GLU A 247 10.04 -25.87 25.41
N LEU A 248 10.79 -24.94 25.95
CA LEU A 248 11.19 -23.75 25.20
C LEU A 248 11.99 -24.07 23.95
N TYR A 249 12.88 -25.05 24.05
CA TYR A 249 13.70 -25.42 22.90
C TYR A 249 12.85 -26.19 21.90
N LYS A 250 11.82 -26.83 22.40
CA LYS A 250 10.95 -27.58 21.54
C LYS A 250 10.25 -26.54 20.71
N LYS A 251 9.68 -25.55 21.38
CA LYS A 251 8.97 -24.50 20.66
C LYS A 251 9.84 -23.82 19.63
N LEU A 252 11.06 -23.49 20.04
CA LEU A 252 11.98 -22.83 19.12
C LEU A 252 12.27 -23.70 17.88
N ASN A 253 12.45 -25.01 18.06
CA ASN A 253 12.71 -25.84 16.90
C ASN A 253 11.52 -25.92 15.98
N SER A 254 10.31 -25.90 16.57
CA SER A 254 9.08 -25.97 15.79
C SER A 254 8.81 -24.66 15.06
N ALA A 255 9.16 -23.54 15.70
CA ALA A 255 8.96 -22.24 15.12
C ALA A 255 9.76 -22.16 13.81
N VAL A 256 11.00 -22.65 13.81
CA VAL A 256 11.82 -22.63 12.61
C VAL A 256 11.23 -23.57 11.57
N PHE A 257 10.90 -24.81 11.98
CA PHE A 257 10.31 -25.79 11.07
C PHE A 257 9.43 -26.78 11.84
N PRO A 258 8.20 -27.04 11.35
CA PRO A 258 7.55 -26.51 10.14
C PRO A 258 6.92 -25.15 10.30
N GLY A 259 7.18 -24.49 11.43
CA GLY A 259 6.61 -23.18 11.66
C GLY A 259 6.80 -22.12 10.58
N GLY A 260 8.02 -21.68 10.33
CA GLY A 260 8.22 -20.65 9.33
C GLY A 260 9.11 -20.94 8.14
N GLN A 261 9.68 -22.14 8.04
CA GLN A 261 10.54 -22.46 6.90
C GLN A 261 10.28 -23.86 6.38
N GLY A 262 10.88 -24.15 5.23
CA GLY A 262 10.74 -25.46 4.63
C GLY A 262 12.06 -26.13 4.82
N GLY A 263 12.65 -26.59 3.73
CA GLY A 263 13.94 -27.25 3.84
C GLY A 263 15.05 -26.25 4.08
N PRO A 264 16.07 -26.62 4.87
CA PRO A 264 17.17 -25.69 5.12
C PRO A 264 18.17 -25.75 3.95
N LEU A 265 19.17 -24.87 3.98
CA LEU A 265 20.19 -24.84 2.93
C LEU A 265 21.44 -25.55 3.46
N MET A 266 21.49 -26.87 3.31
CA MET A 266 22.61 -27.64 3.82
C MET A 266 23.96 -27.16 3.37
N HIS A 267 24.05 -26.57 2.19
CA HIS A 267 25.34 -26.08 1.72
C HIS A 267 25.75 -24.80 2.45
N VAL A 268 24.76 -24.02 2.89
CA VAL A 268 25.07 -22.81 3.62
C VAL A 268 25.41 -23.17 5.06
N ILE A 269 24.76 -24.22 5.57
CA ILE A 269 25.02 -24.66 6.93
C ILE A 269 26.43 -25.23 7.05
N ALA A 270 26.92 -25.81 5.96
CA ALA A 270 28.27 -26.36 5.93
C ALA A 270 29.19 -25.16 6.10
N GLY A 271 28.86 -24.09 5.40
CA GLY A 271 29.65 -22.89 5.48
C GLY A 271 29.60 -22.30 6.88
N LYS A 272 28.44 -22.35 7.50
CA LYS A 272 28.32 -21.83 8.86
C LYS A 272 29.26 -22.62 9.74
N ALA A 273 29.25 -23.94 9.56
CA ALA A 273 30.08 -24.80 10.37
C ALA A 273 31.56 -24.49 10.24
N VAL A 274 32.03 -24.18 9.04
CA VAL A 274 33.45 -23.90 8.90
C VAL A 274 33.81 -22.50 9.41
N ALA A 275 32.85 -21.57 9.32
CA ALA A 275 33.10 -20.19 9.78
C ALA A 275 33.15 -20.12 11.29
N LEU A 276 32.34 -20.97 11.93
CA LEU A 276 32.32 -21.00 13.38
C LEU A 276 33.60 -21.63 13.90
N LYS A 277 34.30 -22.37 13.05
CA LYS A 277 35.56 -22.97 13.48
C LYS A 277 36.65 -21.91 13.35
N GLU A 278 36.55 -21.10 12.31
CA GLU A 278 37.52 -20.04 12.08
C GLU A 278 37.37 -18.96 13.17
N ALA A 279 36.16 -18.81 13.70
CA ALA A 279 35.93 -17.81 14.74
C ALA A 279 36.58 -18.25 16.04
N MET A 280 37.09 -19.48 16.05
CA MET A 280 37.75 -20.04 17.24
C MET A 280 39.25 -19.82 17.23
N GLU A 281 39.79 -19.33 16.12
CA GLU A 281 41.23 -19.08 16.00
C GLU A 281 41.67 -17.87 16.83
N PRO A 282 42.90 -17.91 17.34
CA PRO A 282 43.42 -16.81 18.14
C PRO A 282 43.54 -15.55 17.29
N GLU A 283 43.85 -15.74 16.01
CA GLU A 283 44.00 -14.62 15.10
C GLU A 283 42.66 -13.91 14.95
N PHE A 284 41.58 -14.66 15.20
CA PHE A 284 40.23 -14.11 15.08
C PHE A 284 39.94 -13.16 16.24
N LYS A 285 40.53 -13.46 17.40
CA LYS A 285 40.34 -12.65 18.59
C LYS A 285 41.09 -11.33 18.45
N THR A 286 42.29 -11.37 17.89
CA THR A 286 43.07 -10.14 17.72
C THR A 286 42.48 -9.34 16.58
N TYR A 287 41.79 -10.04 15.68
CA TYR A 287 41.14 -9.39 14.54
C TYR A 287 40.01 -8.46 15.02
N GLN A 288 39.13 -8.99 15.86
CA GLN A 288 38.04 -8.19 16.39
C GLN A 288 38.60 -7.01 17.21
N GLN A 289 39.72 -7.22 17.89
CA GLN A 289 40.35 -6.16 18.69
C GLN A 289 40.76 -4.99 17.80
N GLN A 290 41.28 -5.32 16.62
CA GLN A 290 41.69 -4.31 15.65
C GLN A 290 40.45 -3.57 15.13
N VAL A 291 39.38 -4.34 14.92
CA VAL A 291 38.12 -3.78 14.44
C VAL A 291 37.64 -2.67 15.37
N ALA A 292 37.48 -3.01 16.64
CA ALA A 292 37.01 -2.02 17.63
C ALA A 292 38.01 -0.87 17.69
N LYS A 293 39.30 -1.22 17.71
CA LYS A 293 40.36 -0.24 17.78
C LYS A 293 40.30 0.73 16.59
N ASN A 294 40.16 0.18 15.38
CA ASN A 294 40.07 1.01 14.19
C ASN A 294 38.85 1.91 14.22
N ALA A 295 37.75 1.39 14.75
CA ALA A 295 36.53 2.17 14.83
C ALA A 295 36.79 3.42 15.66
N LYS A 296 37.49 3.27 16.77
CA LYS A 296 37.78 4.41 17.64
C LYS A 296 38.65 5.45 16.94
N ALA A 297 39.63 4.97 16.17
CA ALA A 297 40.53 5.86 15.47
C ALA A 297 39.82 6.72 14.43
N MET A 298 38.81 6.17 13.77
CA MET A 298 38.08 6.95 12.78
C MET A 298 37.19 7.99 13.46
N VAL A 299 36.64 7.64 14.61
CA VAL A 299 35.77 8.54 15.37
C VAL A 299 36.54 9.79 15.80
N GLU A 300 37.75 9.60 16.32
CA GLU A 300 38.59 10.73 16.74
C GLU A 300 38.67 11.74 15.61
N VAL A 301 39.18 11.29 14.46
CA VAL A 301 39.32 12.16 13.31
C VAL A 301 38.02 12.88 12.95
N PHE A 302 36.91 12.15 12.92
CA PHE A 302 35.64 12.80 12.59
C PHE A 302 35.28 13.93 13.54
N LEU A 303 35.56 13.74 14.83
CA LEU A 303 35.26 14.78 15.81
C LEU A 303 36.20 15.96 15.65
N GLU A 304 37.49 15.67 15.42
CA GLU A 304 38.48 16.71 15.24
C GLU A 304 38.19 17.53 13.99
N ARG A 305 37.41 16.96 13.09
CA ARG A 305 37.09 17.63 11.84
C ARG A 305 35.74 18.36 11.90
N GLY A 306 35.12 18.35 13.07
CA GLY A 306 33.85 19.04 13.23
C GLY A 306 32.59 18.29 12.84
N TYR A 307 32.63 16.96 12.93
CA TYR A 307 31.45 16.18 12.58
C TYR A 307 30.79 15.59 13.81
N LYS A 308 29.46 15.62 13.82
CA LYS A 308 28.70 15.08 14.94
C LYS A 308 28.57 13.56 14.89
N VAL A 309 29.20 12.89 15.85
CA VAL A 309 29.14 11.43 15.93
C VAL A 309 28.16 11.07 17.04
N VAL A 310 27.06 10.43 16.66
CA VAL A 310 26.02 10.04 17.63
C VAL A 310 26.66 9.28 18.80
N SER A 311 26.16 9.53 20.01
CA SER A 311 26.67 8.87 21.22
C SER A 311 28.07 9.36 21.61
N GLY A 312 28.59 10.32 20.86
CA GLY A 312 29.92 10.86 21.14
C GLY A 312 31.08 9.91 20.93
N GLY A 313 30.81 8.66 20.62
CA GLY A 313 31.91 7.74 20.40
C GLY A 313 31.45 6.35 20.03
N THR A 314 32.34 5.38 20.21
CA THR A 314 32.01 4.01 19.88
C THR A 314 32.70 2.99 20.79
N ASP A 315 31.96 1.94 21.13
CA ASP A 315 32.43 0.85 21.96
C ASP A 315 32.29 -0.45 21.20
N ASN A 316 32.12 -0.35 19.88
CA ASN A 316 32.02 -1.55 19.03
C ASN A 316 32.64 -1.32 17.66
N HIS A 317 32.10 -1.98 16.64
CA HIS A 317 32.62 -1.87 15.28
C HIS A 317 32.05 -0.71 14.44
N LEU A 318 31.00 -0.05 14.92
CA LEU A 318 30.42 1.02 14.12
C LEU A 318 30.15 2.36 14.83
N PHE A 319 29.69 3.34 14.05
CA PHE A 319 29.33 4.65 14.57
C PHE A 319 28.51 5.41 13.51
N LEU A 320 27.69 6.35 13.96
CA LEU A 320 26.85 7.14 13.07
C LEU A 320 27.36 8.56 13.00
N VAL A 321 27.24 9.15 11.81
CA VAL A 321 27.65 10.53 11.59
C VAL A 321 26.40 11.35 11.23
N ASP A 322 25.96 12.18 12.16
CA ASP A 322 24.79 13.04 11.98
C ASP A 322 25.17 14.23 11.10
N LEU A 323 24.56 14.32 9.93
CA LEU A 323 24.88 15.39 9.00
C LEU A 323 23.84 16.50 8.90
N VAL A 324 22.92 16.55 9.86
CA VAL A 324 21.88 17.58 9.86
C VAL A 324 22.47 18.99 9.89
N ASP A 325 23.40 19.24 10.81
CA ASP A 325 24.02 20.56 10.94
C ASP A 325 24.89 20.95 9.74
N LYS A 326 25.11 20.00 8.83
CA LYS A 326 25.92 20.28 7.65
C LYS A 326 25.03 20.44 6.42
N ASN A 327 23.72 20.36 6.65
CA ASN A 327 22.77 20.51 5.56
C ASN A 327 23.04 19.51 4.44
N LEU A 328 23.22 18.25 4.81
CA LEU A 328 23.47 17.19 3.84
C LEU A 328 22.58 16.02 4.17
N THR A 329 22.14 15.30 3.13
CA THR A 329 21.33 14.11 3.35
C THR A 329 22.25 12.91 3.25
N GLY A 330 21.92 11.85 3.98
CA GLY A 330 22.76 10.67 3.92
C GLY A 330 22.88 10.21 2.48
N LYS A 331 21.81 10.38 1.72
CA LYS A 331 21.80 10.00 0.31
C LYS A 331 22.86 10.77 -0.47
N GLU A 332 23.06 12.04 -0.14
CA GLU A 332 24.08 12.85 -0.82
C GLU A 332 25.48 12.42 -0.41
N ALA A 333 25.71 12.30 0.89
CA ALA A 333 27.01 11.89 1.40
C ALA A 333 27.39 10.54 0.79
N ASP A 334 26.48 9.57 0.91
CA ASP A 334 26.70 8.24 0.37
C ASP A 334 27.13 8.28 -1.09
N ALA A 335 26.39 9.03 -1.90
CA ALA A 335 26.70 9.14 -3.33
C ALA A 335 28.04 9.82 -3.59
N ALA A 336 28.36 10.85 -2.80
CA ALA A 336 29.61 11.57 -2.98
C ALA A 336 30.80 10.69 -2.63
N LEU A 337 30.75 10.06 -1.46
CA LEU A 337 31.83 9.18 -1.03
C LEU A 337 31.99 8.02 -2.00
N GLY A 338 30.88 7.61 -2.61
CA GLY A 338 30.91 6.52 -3.56
C GLY A 338 31.75 6.83 -4.79
N ARG A 339 31.63 8.06 -5.30
CA ARG A 339 32.39 8.45 -6.48
C ARG A 339 33.87 8.48 -6.17
N ALA A 340 34.21 8.43 -4.89
CA ALA A 340 35.61 8.43 -4.46
C ALA A 340 36.00 7.00 -4.06
N ASN A 341 35.18 6.04 -4.47
CA ASN A 341 35.41 4.62 -4.19
C ASN A 341 35.39 4.25 -2.72
N ILE A 342 34.65 5.02 -1.94
CA ILE A 342 34.48 4.78 -0.50
C ILE A 342 33.00 4.46 -0.31
N THR A 343 32.69 3.18 -0.09
CA THR A 343 31.31 2.75 0.07
C THR A 343 30.79 2.65 1.51
N VAL A 344 29.76 3.44 1.79
CA VAL A 344 29.15 3.46 3.09
C VAL A 344 27.67 3.20 2.83
N ASN A 345 26.79 3.70 3.69
CA ASN A 345 25.36 3.56 3.47
C ASN A 345 24.62 4.63 4.23
N LYS A 346 23.66 5.27 3.58
CA LYS A 346 22.84 6.30 4.20
C LYS A 346 22.12 5.67 5.41
N ASN A 347 22.06 6.39 6.52
CA ASN A 347 21.42 5.82 7.69
C ASN A 347 20.63 6.84 8.45
N SER A 348 19.44 6.46 8.90
CA SER A 348 18.60 7.35 9.68
C SER A 348 19.34 7.59 10.99
N VAL A 349 19.14 8.76 11.58
CA VAL A 349 19.76 9.07 12.85
C VAL A 349 18.63 9.42 13.79
N PRO A 350 18.94 9.55 15.09
CA PRO A 350 17.87 9.89 16.04
C PRO A 350 17.21 11.24 15.72
N ASN A 351 15.88 11.25 15.70
CA ASN A 351 15.09 12.45 15.42
C ASN A 351 15.36 12.94 14.00
N ASP A 352 15.65 11.99 13.12
CA ASP A 352 15.94 12.29 11.72
C ASP A 352 14.75 12.95 11.05
N PRO A 353 14.96 14.16 10.49
CA PRO A 353 13.89 14.89 9.80
C PRO A 353 13.53 14.31 8.42
N LYS A 354 14.39 13.44 7.90
CA LYS A 354 14.17 12.82 6.60
C LYS A 354 13.70 11.38 6.75
N SER A 355 13.13 10.84 5.67
CA SER A 355 12.64 9.47 5.67
C SER A 355 13.82 8.51 5.49
N PRO A 356 13.63 7.23 5.85
CA PRO A 356 14.62 6.15 5.77
C PRO A 356 15.40 6.03 4.46
N PHE A 357 14.79 6.43 3.35
CA PHE A 357 15.44 6.34 2.05
C PHE A 357 16.37 7.53 1.79
N VAL A 358 16.13 8.62 2.49
CA VAL A 358 16.93 9.82 2.32
C VAL A 358 17.93 9.98 3.47
N THR A 359 17.41 10.04 4.69
CA THR A 359 18.20 10.19 5.92
C THR A 359 19.09 11.43 6.04
N SER A 360 19.55 11.67 7.26
CA SER A 360 20.39 12.82 7.56
C SER A 360 21.71 12.36 8.14
N GLY A 361 22.16 11.17 7.73
CA GLY A 361 23.43 10.66 8.22
C GLY A 361 23.95 9.45 7.50
N ILE A 362 25.13 9.01 7.91
CA ILE A 362 25.75 7.84 7.32
C ILE A 362 26.28 6.95 8.44
N ARG A 363 26.26 5.64 8.20
CA ARG A 363 26.76 4.68 9.17
C ARG A 363 28.12 4.16 8.69
N VAL A 364 29.07 4.03 9.62
CA VAL A 364 30.40 3.55 9.27
C VAL A 364 30.85 2.35 10.11
N GLY A 365 31.47 1.38 9.44
CA GLY A 365 31.93 0.19 10.12
C GLY A 365 33.33 -0.18 9.68
N THR A 366 34.10 -0.73 10.63
CA THR A 366 35.48 -1.12 10.38
C THR A 366 35.77 -2.60 10.11
N PRO A 367 34.78 -3.50 10.27
CA PRO A 367 35.02 -4.92 10.02
C PRO A 367 35.70 -5.27 8.70
N ALA A 368 35.23 -4.69 7.60
CA ALA A 368 35.79 -4.97 6.29
C ALA A 368 37.24 -4.55 6.11
N ILE A 369 37.53 -3.27 6.30
CA ILE A 369 38.90 -2.77 6.15
C ILE A 369 39.87 -3.40 7.14
N THR A 370 39.38 -3.77 8.31
CA THR A 370 40.23 -4.40 9.30
C THR A 370 40.63 -5.79 8.80
N ARG A 371 39.65 -6.54 8.29
CA ARG A 371 39.91 -7.88 7.77
C ARG A 371 40.79 -7.80 6.54
N ARG A 372 40.83 -6.61 5.98
CA ARG A 372 41.62 -6.34 4.79
C ARG A 372 43.08 -5.95 5.10
N GLY A 373 43.36 -5.70 6.37
CA GLY A 373 44.71 -5.33 6.76
C GLY A 373 44.89 -3.96 7.39
N PHE A 374 43.93 -3.07 7.21
CA PHE A 374 44.02 -1.73 7.77
C PHE A 374 44.21 -1.74 9.29
N LYS A 375 44.91 -0.73 9.78
CA LYS A 375 45.13 -0.58 11.22
C LYS A 375 44.90 0.90 11.53
N GLU A 376 45.07 1.30 12.79
CA GLU A 376 44.83 2.69 13.18
C GLU A 376 45.36 3.76 12.23
N ALA A 377 46.58 3.57 11.74
CA ALA A 377 47.18 4.54 10.83
C ALA A 377 46.36 4.70 9.55
N GLU A 378 46.09 3.59 8.88
CA GLU A 378 45.31 3.61 7.64
C GLU A 378 43.88 4.11 7.88
N ALA A 379 43.31 3.72 9.02
CA ALA A 379 41.95 4.11 9.37
C ALA A 379 41.82 5.60 9.64
N LYS A 380 42.82 6.19 10.30
CA LYS A 380 42.78 7.61 10.59
C LYS A 380 42.87 8.38 9.29
N GLU A 381 43.73 7.89 8.40
CA GLU A 381 43.93 8.51 7.10
C GLU A 381 42.67 8.41 6.23
N LEU A 382 41.99 7.26 6.29
CA LEU A 382 40.78 7.05 5.52
C LEU A 382 39.70 8.01 6.02
N ALA A 383 39.50 8.05 7.35
CA ALA A 383 38.52 8.94 7.95
C ALA A 383 38.79 10.36 7.47
N GLY A 384 40.07 10.71 7.39
CA GLY A 384 40.44 12.03 6.92
C GLY A 384 39.96 12.30 5.50
N TRP A 385 40.25 11.38 4.59
CA TRP A 385 39.83 11.54 3.20
C TRP A 385 38.33 11.71 3.14
N MET A 386 37.62 10.95 3.97
CA MET A 386 36.17 11.02 3.99
C MET A 386 35.71 12.44 4.33
N CYS A 387 36.28 13.01 5.38
CA CYS A 387 35.92 14.37 5.77
C CYS A 387 36.28 15.36 4.69
N ASP A 388 37.33 15.07 3.93
CA ASP A 388 37.75 15.95 2.83
C ASP A 388 36.62 15.98 1.80
N VAL A 389 36.07 14.81 1.50
CA VAL A 389 35.00 14.72 0.53
C VAL A 389 33.76 15.42 1.05
N LEU A 390 33.37 15.12 2.29
CA LEU A 390 32.20 15.75 2.87
C LEU A 390 32.36 17.27 2.89
N ASP A 391 33.54 17.75 3.28
CA ASP A 391 33.80 19.18 3.34
C ASP A 391 33.55 19.88 2.01
N SER A 392 34.03 19.28 0.93
CA SER A 392 33.87 19.85 -0.40
C SER A 392 33.07 18.88 -1.25
N ILE A 393 31.87 18.55 -0.79
CA ILE A 393 30.99 17.59 -1.47
C ILE A 393 30.66 17.91 -2.93
N ASN A 394 30.86 19.17 -3.35
CA ASN A 394 30.58 19.56 -4.73
C ASN A 394 31.83 19.72 -5.58
N ASP A 395 32.98 19.59 -4.94
CA ASP A 395 34.25 19.74 -5.65
C ASP A 395 34.68 18.43 -6.28
N GLU A 396 34.44 18.29 -7.59
CA GLU A 396 34.83 17.07 -8.29
C GLU A 396 36.33 16.85 -8.28
N ALA A 397 37.09 17.92 -8.16
CA ALA A 397 38.55 17.80 -8.13
C ALA A 397 38.99 17.15 -6.84
N VAL A 398 38.27 17.44 -5.75
CA VAL A 398 38.57 16.87 -4.45
C VAL A 398 38.23 15.38 -4.47
N ILE A 399 37.06 15.07 -4.99
CA ILE A 399 36.63 13.68 -5.06
C ILE A 399 37.58 12.85 -5.92
N GLU A 400 38.03 13.40 -7.05
CA GLU A 400 38.96 12.67 -7.92
C GLU A 400 40.29 12.34 -7.23
N ARG A 401 40.85 13.34 -6.55
CA ARG A 401 42.11 13.13 -5.86
C ARG A 401 41.99 12.03 -4.82
N ILE A 402 40.86 12.01 -4.11
CA ILE A 402 40.63 10.99 -3.09
C ILE A 402 40.44 9.61 -3.69
N LYS A 403 39.92 9.55 -4.91
CA LYS A 403 39.70 8.26 -5.55
C LYS A 403 41.05 7.66 -5.94
N GLY A 404 42.00 8.53 -6.26
CA GLY A 404 43.32 8.07 -6.61
C GLY A 404 43.99 7.53 -5.37
N LYS A 405 43.73 8.16 -4.23
CA LYS A 405 44.29 7.74 -2.95
C LYS A 405 43.76 6.38 -2.51
N VAL A 406 42.45 6.17 -2.68
CA VAL A 406 41.85 4.91 -2.28
C VAL A 406 42.32 3.78 -3.17
N LEU A 407 42.31 3.99 -4.49
CA LEU A 407 42.76 2.97 -5.42
C LEU A 407 44.17 2.54 -5.03
N ASP A 408 44.97 3.52 -4.65
CA ASP A 408 46.35 3.26 -4.27
C ASP A 408 46.46 2.40 -3.01
N ILE A 409 45.81 2.82 -1.92
CA ILE A 409 45.89 2.05 -0.70
C ILE A 409 45.20 0.70 -0.86
N CYS A 410 44.26 0.63 -1.79
CA CYS A 410 43.53 -0.60 -2.07
C CYS A 410 44.43 -1.62 -2.75
N ALA A 411 45.33 -1.16 -3.60
CA ALA A 411 46.25 -2.07 -4.29
C ALA A 411 47.26 -2.65 -3.30
N ARG A 412 47.53 -1.94 -2.22
CA ARG A 412 48.48 -2.41 -1.21
C ARG A 412 47.84 -3.37 -0.21
N TYR A 413 46.52 -3.47 -0.22
CA TYR A 413 45.81 -4.38 0.69
C TYR A 413 44.74 -5.13 -0.10
N PRO A 414 45.16 -6.10 -0.92
CA PRO A 414 44.15 -6.83 -1.67
C PRO A 414 43.31 -7.69 -0.73
N VAL A 415 42.02 -7.80 -1.02
CA VAL A 415 41.10 -8.60 -0.22
C VAL A 415 41.42 -10.09 -0.35
N TYR A 416 41.24 -10.63 -1.55
CA TYR A 416 41.52 -12.04 -1.81
C TYR A 416 42.70 -12.15 -2.74
N ALA A 417 43.68 -12.98 -2.38
CA ALA A 417 44.88 -13.17 -3.21
C ALA A 417 45.03 -14.64 -3.58
N MET B 1 44.51 -10.33 4.12
CA MET B 1 44.69 -10.91 2.76
C MET B 1 44.40 -12.41 2.75
N LEU B 2 43.12 -12.77 2.62
CA LEU B 2 42.69 -14.16 2.60
C LEU B 2 43.26 -14.79 1.33
N LYS B 3 43.74 -16.02 1.43
CA LYS B 3 44.29 -16.68 0.25
C LYS B 3 43.26 -17.55 -0.46
N ARG B 4 43.16 -17.38 -1.78
CA ARG B 4 42.22 -18.15 -2.59
C ARG B 4 42.46 -19.66 -2.39
N GLU B 5 43.66 -20.01 -1.96
CA GLU B 5 44.04 -21.40 -1.74
C GLU B 5 43.56 -21.95 -0.40
N MET B 6 42.99 -21.10 0.44
CA MET B 6 42.47 -21.56 1.73
C MET B 6 41.32 -22.50 1.39
N ASN B 7 41.47 -23.76 1.80
CA ASN B 7 40.46 -24.75 1.50
C ASN B 7 39.99 -25.44 2.76
N ILE B 8 38.91 -26.21 2.63
CA ILE B 8 38.31 -26.93 3.75
C ILE B 8 39.07 -28.21 4.10
N ALA B 9 39.46 -28.96 3.07
CA ALA B 9 40.16 -30.22 3.26
C ALA B 9 41.31 -30.19 4.25
N ASP B 10 42.20 -29.21 4.14
CA ASP B 10 43.35 -29.16 5.04
C ASP B 10 43.11 -28.35 6.31
N TYR B 11 41.95 -27.72 6.41
CA TYR B 11 41.63 -26.92 7.59
C TYR B 11 40.60 -27.56 8.54
N ASP B 12 39.60 -28.22 7.97
CA ASP B 12 38.55 -28.83 8.76
C ASP B 12 38.20 -30.18 8.13
N ALA B 13 38.91 -31.22 8.57
CA ALA B 13 38.71 -32.57 8.04
C ALA B 13 37.35 -33.17 8.41
N GLU B 14 36.87 -32.85 9.60
N GLU B 14 36.86 -32.84 9.59
CA GLU B 14 35.57 -33.35 10.07
CA GLU B 14 35.57 -33.35 10.06
C GLU B 14 34.50 -32.97 9.05
C GLU B 14 34.50 -32.97 9.06
N LEU B 15 34.34 -31.66 8.84
CA LEU B 15 33.34 -31.16 7.89
C LEU B 15 33.62 -31.71 6.50
N TRP B 16 34.90 -31.72 6.12
CA TRP B 16 35.32 -32.21 4.80
C TRP B 16 34.94 -33.67 4.51
N GLN B 17 35.24 -34.56 5.45
CA GLN B 17 34.90 -35.97 5.23
C GLN B 17 33.40 -36.13 4.94
N ALA B 18 32.57 -35.53 5.78
CA ALA B 18 31.12 -35.60 5.63
C ALA B 18 30.70 -35.11 4.26
N MET B 19 31.26 -34.00 3.82
CA MET B 19 30.92 -33.46 2.52
C MET B 19 31.24 -34.48 1.43
N GLU B 20 32.49 -34.95 1.40
CA GLU B 20 32.92 -35.94 0.41
C GLU B 20 32.02 -37.17 0.39
N GLN B 21 31.55 -37.60 1.56
CA GLN B 21 30.69 -38.77 1.61
C GLN B 21 29.35 -38.50 0.94
N GLU B 22 28.83 -37.29 1.14
CA GLU B 22 27.57 -36.89 0.54
C GLU B 22 27.74 -36.88 -0.98
N LYS B 23 28.94 -36.51 -1.40
CA LYS B 23 29.30 -36.45 -2.81
C LYS B 23 29.21 -37.84 -3.42
N VAL B 24 29.64 -38.85 -2.65
CA VAL B 24 29.61 -40.23 -3.11
C VAL B 24 28.22 -40.82 -2.99
N ARG B 25 27.49 -40.43 -1.93
CA ARG B 25 26.14 -40.91 -1.69
C ARG B 25 25.27 -40.51 -2.88
N GLN B 26 25.45 -39.29 -3.33
CA GLN B 26 24.68 -38.79 -4.46
C GLN B 26 24.97 -39.60 -5.72
N GLU B 27 26.11 -40.28 -5.74
CA GLU B 27 26.48 -41.09 -6.90
C GLU B 27 26.00 -42.54 -6.74
N GLU B 28 26.12 -43.08 -5.53
CA GLU B 28 25.72 -44.46 -5.28
C GLU B 28 24.27 -44.68 -4.91
N HIS B 29 23.47 -43.63 -4.87
CA HIS B 29 22.05 -43.77 -4.55
C HIS B 29 21.12 -43.36 -5.66
N ILE B 30 20.00 -44.07 -5.78
CA ILE B 30 18.98 -43.76 -6.79
C ILE B 30 18.02 -42.82 -6.04
N GLU B 31 18.11 -41.51 -6.32
CA GLU B 31 17.23 -40.53 -5.66
C GLU B 31 15.85 -40.50 -6.32
N LEU B 32 14.81 -40.82 -5.56
CA LEU B 32 13.47 -40.81 -6.12
C LEU B 32 12.58 -39.84 -5.34
N ILE B 33 13.20 -38.87 -4.66
CA ILE B 33 12.46 -37.85 -3.91
C ILE B 33 12.01 -36.80 -4.94
N ALA B 34 10.70 -36.72 -5.13
CA ALA B 34 10.09 -35.81 -6.10
C ALA B 34 10.55 -34.35 -6.07
N SER B 35 10.88 -33.85 -4.88
CA SER B 35 11.30 -32.47 -4.75
C SER B 35 12.79 -32.22 -4.93
N GLU B 36 13.56 -33.27 -5.21
CA GLU B 36 15.00 -33.12 -5.40
C GLU B 36 15.43 -33.20 -6.84
N ASN B 37 16.69 -32.84 -7.11
CA ASN B 37 17.24 -32.87 -8.45
C ASN B 37 18.75 -32.68 -8.34
N TYR B 38 19.43 -32.45 -9.46
CA TYR B 38 20.88 -32.25 -9.50
C TYR B 38 21.13 -30.97 -10.28
N THR B 39 21.44 -29.89 -9.57
CA THR B 39 21.68 -28.62 -10.24
C THR B 39 23.02 -28.66 -10.99
N SER B 40 23.15 -27.87 -12.05
CA SER B 40 24.37 -27.88 -12.84
C SER B 40 25.53 -27.27 -12.09
N PRO B 41 26.77 -27.60 -12.50
CA PRO B 41 27.94 -27.05 -11.84
C PRO B 41 28.00 -25.52 -12.00
N ARG B 42 27.25 -25.00 -12.97
CA ARG B 42 27.21 -23.56 -13.21
C ARG B 42 26.48 -22.86 -12.08
N VAL B 43 25.42 -23.49 -11.56
CA VAL B 43 24.65 -22.93 -10.47
C VAL B 43 25.47 -23.00 -9.19
N MET B 44 26.23 -24.08 -9.02
CA MET B 44 27.06 -24.21 -7.83
C MET B 44 28.17 -23.16 -7.90
N GLN B 45 28.75 -22.98 -9.08
CA GLN B 45 29.82 -22.00 -9.27
C GLN B 45 29.37 -20.62 -8.78
N ALA B 46 28.14 -20.25 -9.14
CA ALA B 46 27.57 -18.96 -8.75
C ALA B 46 27.45 -18.89 -7.24
N GLN B 47 26.83 -19.90 -6.65
CA GLN B 47 26.63 -19.94 -5.22
C GLN B 47 27.93 -19.86 -4.42
N GLY B 48 29.04 -20.22 -5.05
CA GLY B 48 30.29 -20.16 -4.34
C GLY B 48 31.10 -18.92 -4.70
N SER B 49 30.43 -17.92 -5.26
CA SER B 49 31.12 -16.70 -5.68
C SER B 49 31.26 -15.65 -4.58
N GLN B 50 31.95 -14.58 -4.89
CA GLN B 50 32.15 -13.52 -3.91
C GLN B 50 30.90 -12.66 -3.72
N LEU B 51 29.84 -12.95 -4.47
CA LEU B 51 28.60 -12.17 -4.34
C LEU B 51 27.96 -12.38 -2.95
N THR B 52 28.45 -13.36 -2.23
CA THR B 52 27.94 -13.65 -0.90
C THR B 52 28.34 -12.53 0.07
N ASN B 53 29.28 -11.69 -0.32
CA ASN B 53 29.76 -10.60 0.53
C ASN B 53 28.94 -9.32 0.51
N LYS B 54 28.19 -9.10 -0.57
CA LYS B 54 27.40 -7.88 -0.71
C LYS B 54 26.03 -7.81 -0.05
N TYR B 55 25.77 -6.70 0.64
CA TYR B 55 24.47 -6.43 1.26
C TYR B 55 23.76 -5.54 0.23
N ALA B 56 22.58 -5.96 -0.20
CA ALA B 56 21.84 -5.19 -1.21
C ALA B 56 20.33 -5.11 -0.95
N GLU B 57 19.91 -4.54 0.18
CA GLU B 57 18.50 -4.44 0.48
C GLU B 57 17.84 -3.47 -0.50
N GLY B 58 16.60 -3.78 -0.87
CA GLY B 58 15.88 -2.94 -1.82
C GLY B 58 15.84 -3.64 -3.16
N TYR B 59 15.66 -2.88 -4.23
CA TYR B 59 15.63 -3.48 -5.56
C TYR B 59 16.60 -2.76 -6.48
N PRO B 60 16.97 -3.39 -7.61
CA PRO B 60 17.92 -2.72 -8.52
C PRO B 60 17.55 -1.29 -8.83
N GLY B 61 18.43 -0.37 -8.46
CA GLY B 61 18.17 1.04 -8.69
C GLY B 61 17.70 1.76 -7.44
N LYS B 62 17.02 1.02 -6.57
CA LYS B 62 16.52 1.60 -5.33
C LYS B 62 17.02 0.77 -4.14
N ARG B 63 18.34 0.78 -3.91
CA ARG B 63 18.96 0.03 -2.81
C ARG B 63 19.17 0.88 -1.55
N TYR B 64 19.48 0.22 -0.44
CA TYR B 64 19.72 0.92 0.83
C TYR B 64 21.19 0.91 1.21
N PHE B 65 22.04 0.43 0.30
CA PHE B 65 23.48 0.40 0.52
C PHE B 65 24.15 0.83 -0.77
N GLY B 66 25.41 1.27 -0.69
CA GLY B 66 26.12 1.69 -1.87
C GLY B 66 26.92 0.54 -2.45
N GLY B 67 27.39 0.69 -3.68
CA GLY B 67 28.18 -0.36 -4.32
C GLY B 67 27.38 -1.52 -4.88
N CYS B 68 26.12 -1.26 -5.26
CA CYS B 68 25.26 -2.30 -5.81
C CYS B 68 25.11 -2.19 -7.33
N GLU B 69 26.16 -1.72 -8.01
CA GLU B 69 26.10 -1.56 -9.47
C GLU B 69 26.08 -2.88 -10.22
N TYR B 70 26.89 -3.84 -9.76
CA TYR B 70 26.99 -5.13 -10.43
C TYR B 70 25.98 -6.17 -9.92
N VAL B 71 25.62 -6.09 -8.64
CA VAL B 71 24.64 -7.03 -8.11
C VAL B 71 23.28 -6.63 -8.68
N ASP B 72 23.17 -5.37 -9.10
CA ASP B 72 21.94 -4.85 -9.69
C ASP B 72 21.77 -5.48 -11.07
N ILE B 73 22.88 -5.62 -11.77
CA ILE B 73 22.84 -6.24 -13.09
C ILE B 73 22.44 -7.70 -12.91
N VAL B 74 23.05 -8.36 -11.92
CA VAL B 74 22.77 -9.76 -11.64
C VAL B 74 21.29 -10.01 -11.36
N GLU B 75 20.73 -9.23 -10.44
CA GLU B 75 19.33 -9.38 -10.08
C GLU B 75 18.38 -9.10 -11.25
N GLN B 76 18.76 -8.15 -12.09
CA GLN B 76 17.94 -7.80 -13.25
C GLN B 76 17.93 -8.97 -14.23
N LEU B 77 19.09 -9.59 -14.42
CA LEU B 77 19.18 -10.73 -15.32
C LEU B 77 18.22 -11.83 -14.84
N ALA B 78 18.23 -12.13 -13.55
CA ALA B 78 17.35 -13.16 -13.03
C ALA B 78 15.88 -12.77 -13.24
N ILE B 79 15.56 -11.51 -12.97
CA ILE B 79 14.19 -11.04 -13.13
C ILE B 79 13.72 -11.10 -14.58
N ASP B 80 14.53 -10.60 -15.51
CA ASP B 80 14.14 -10.64 -16.92
C ASP B 80 13.98 -12.06 -17.45
N ARG B 81 14.92 -12.95 -17.15
CA ARG B 81 14.82 -14.33 -17.66
C ARG B 81 13.58 -15.00 -17.06
N ALA B 82 13.34 -14.76 -15.77
CA ALA B 82 12.18 -15.33 -15.10
C ALA B 82 10.89 -14.93 -15.82
N LYS B 83 10.79 -13.65 -16.19
CA LYS B 83 9.60 -13.17 -16.87
C LYS B 83 9.45 -13.77 -18.26
N GLU B 84 10.53 -13.84 -19.01
CA GLU B 84 10.48 -14.39 -20.34
C GLU B 84 10.21 -15.90 -20.37
N LEU B 85 10.79 -16.64 -19.43
CA LEU B 85 10.56 -18.07 -19.42
C LEU B 85 9.12 -18.45 -19.09
N PHE B 86 8.47 -17.64 -18.25
CA PHE B 86 7.09 -17.94 -17.84
C PHE B 86 5.99 -17.04 -18.40
N GLY B 87 6.38 -15.99 -19.12
CA GLY B 87 5.40 -15.08 -19.71
C GLY B 87 4.74 -14.12 -18.73
N ALA B 88 5.47 -13.74 -17.69
CA ALA B 88 4.94 -12.84 -16.68
C ALA B 88 5.44 -11.44 -16.99
N ASP B 89 4.81 -10.42 -16.41
CA ASP B 89 5.29 -9.06 -16.61
C ASP B 89 5.85 -8.56 -15.29
N TYR B 90 5.84 -9.45 -14.30
CA TYR B 90 6.35 -9.14 -12.98
C TYR B 90 7.01 -10.38 -12.40
N ALA B 91 8.15 -10.17 -11.77
CA ALA B 91 8.87 -11.27 -11.15
C ALA B 91 9.70 -10.74 -9.99
N ASN B 92 9.75 -11.50 -8.91
CA ASN B 92 10.54 -11.15 -7.74
C ASN B 92 11.43 -12.34 -7.44
N VAL B 93 12.74 -12.14 -7.52
CA VAL B 93 13.71 -13.20 -7.32
C VAL B 93 14.43 -13.22 -5.97
N GLN B 94 13.94 -12.45 -5.02
CA GLN B 94 14.62 -12.39 -3.72
C GLN B 94 14.18 -13.37 -2.64
N PRO B 95 12.96 -13.92 -2.70
CA PRO B 95 12.55 -14.87 -1.65
C PRO B 95 13.60 -15.94 -1.39
N HIS B 96 13.92 -16.17 -0.14
CA HIS B 96 14.95 -17.16 0.22
C HIS B 96 14.53 -18.60 -0.05
N SER B 97 13.24 -18.84 -0.18
CA SER B 97 12.75 -20.19 -0.40
C SER B 97 11.29 -20.19 -0.81
N GLY B 98 10.73 -21.38 -0.96
CA GLY B 98 9.33 -21.48 -1.33
C GLY B 98 8.45 -20.97 -0.21
N SER B 99 8.77 -21.34 1.02
CA SER B 99 7.99 -20.91 2.18
C SER B 99 7.97 -19.40 2.25
N GLN B 100 9.14 -18.78 2.07
CA GLN B 100 9.24 -17.34 2.11
C GLN B 100 8.46 -16.67 0.98
N ALA B 101 8.53 -17.21 -0.22
CA ALA B 101 7.78 -16.62 -1.31
C ALA B 101 6.29 -16.67 -0.94
N ASN B 102 5.82 -17.82 -0.45
CA ASN B 102 4.41 -17.97 -0.07
C ASN B 102 4.03 -17.03 1.06
N PHE B 103 4.89 -16.91 2.07
CA PHE B 103 4.63 -16.03 3.20
C PHE B 103 4.40 -14.61 2.70
N ALA B 104 5.18 -14.20 1.70
CA ALA B 104 5.04 -12.85 1.16
C ALA B 104 3.66 -12.67 0.57
N VAL B 105 3.24 -13.61 -0.28
CA VAL B 105 1.93 -13.52 -0.92
C VAL B 105 0.81 -13.39 0.11
N TYR B 106 0.90 -14.14 1.20
CA TYR B 106 -0.12 -14.07 2.25
C TYR B 106 -0.20 -12.69 2.85
N THR B 107 0.92 -12.23 3.38
CA THR B 107 0.99 -10.92 4.03
C THR B 107 0.76 -9.73 3.10
N ALA B 108 0.86 -9.94 1.80
CA ALA B 108 0.65 -8.84 0.88
C ALA B 108 -0.80 -8.72 0.43
N LEU B 109 -1.55 -9.81 0.53
CA LEU B 109 -2.94 -9.80 0.08
C LEU B 109 -3.99 -10.02 1.15
N LEU B 110 -3.58 -10.56 2.29
CA LEU B 110 -4.52 -10.84 3.35
C LEU B 110 -4.21 -10.16 4.68
N GLU B 111 -5.20 -10.20 5.57
CA GLU B 111 -5.10 -9.65 6.91
C GLU B 111 -5.18 -10.84 7.85
N PRO B 112 -4.43 -10.83 8.95
CA PRO B 112 -4.49 -11.98 9.86
C PRO B 112 -5.94 -12.32 10.15
N GLY B 113 -6.30 -13.58 10.02
CA GLY B 113 -7.66 -13.97 10.28
C GLY B 113 -8.54 -14.13 9.06
N ASP B 114 -8.06 -13.72 7.88
CA ASP B 114 -8.88 -13.87 6.67
C ASP B 114 -9.08 -15.33 6.33
N THR B 115 -10.14 -15.64 5.58
CA THR B 115 -10.41 -17.00 5.20
C THR B 115 -9.70 -17.38 3.90
N VAL B 116 -9.09 -18.56 3.92
CA VAL B 116 -8.35 -19.06 2.77
C VAL B 116 -8.79 -20.47 2.47
N LEU B 117 -8.93 -20.76 1.18
CA LEU B 117 -9.33 -22.09 0.73
C LEU B 117 -8.09 -22.76 0.15
N GLY B 118 -7.54 -23.73 0.87
CA GLY B 118 -6.34 -24.41 0.39
C GLY B 118 -6.43 -25.92 0.43
N MET B 119 -5.59 -26.58 -0.36
CA MET B 119 -5.58 -28.05 -0.42
C MET B 119 -4.95 -28.68 0.82
N ASN B 120 -5.72 -29.57 1.45
CA ASN B 120 -5.32 -30.29 2.65
C ASN B 120 -3.99 -31.00 2.44
N LEU B 121 -3.15 -31.03 3.46
CA LEU B 121 -1.83 -31.66 3.35
C LEU B 121 -1.86 -33.15 3.02
N ALA B 122 -2.66 -33.93 3.74
CA ALA B 122 -2.72 -35.37 3.46
C ALA B 122 -3.19 -35.65 2.04
N HIS B 123 -3.99 -34.74 1.47
CA HIS B 123 -4.49 -34.93 0.13
C HIS B 123 -3.56 -34.40 -0.95
N GLY B 124 -2.39 -33.90 -0.55
CA GLY B 124 -1.43 -33.41 -1.52
C GLY B 124 -1.03 -31.96 -1.40
N GLY B 125 -1.68 -31.23 -0.50
CA GLY B 125 -1.35 -29.82 -0.32
C GLY B 125 -0.06 -29.64 0.47
N HIS B 126 0.57 -28.48 0.33
CA HIS B 126 1.81 -28.22 1.05
C HIS B 126 1.55 -27.66 2.44
N LEU B 127 2.57 -27.76 3.31
CA LEU B 127 2.50 -27.24 4.67
C LEU B 127 2.03 -25.79 4.72
N THR B 128 2.58 -24.98 3.81
CA THR B 128 2.25 -23.57 3.74
C THR B 128 0.90 -23.31 3.10
N HIS B 129 0.12 -24.36 2.87
CA HIS B 129 -1.20 -24.21 2.27
C HIS B 129 -2.30 -24.35 3.32
N GLY B 130 -1.95 -24.06 4.57
CA GLY B 130 -2.93 -24.11 5.64
C GLY B 130 -2.71 -25.10 6.77
N SER B 131 -1.53 -25.73 6.83
CA SER B 131 -1.27 -26.70 7.89
C SER B 131 -1.29 -25.96 9.21
N PRO B 132 -1.97 -26.52 10.22
CA PRO B 132 -2.09 -25.93 11.55
C PRO B 132 -0.78 -25.78 12.32
N VAL B 133 0.27 -26.46 11.87
CA VAL B 133 1.58 -26.40 12.52
C VAL B 133 2.51 -25.47 11.75
N ASN B 134 1.94 -24.72 10.82
CA ASN B 134 2.68 -23.78 9.98
C ASN B 134 2.09 -22.39 10.16
N PHE B 135 2.81 -21.35 9.78
CA PHE B 135 2.29 -19.99 9.94
C PHE B 135 0.96 -19.78 9.20
N SER B 136 0.79 -20.48 8.08
CA SER B 136 -0.44 -20.36 7.29
C SER B 136 -1.67 -20.75 8.09
N GLY B 137 -1.56 -21.85 8.84
CA GLY B 137 -2.66 -22.31 9.67
C GLY B 137 -2.84 -21.55 10.97
N LYS B 138 -1.78 -20.90 11.46
CA LYS B 138 -1.87 -20.15 12.70
C LYS B 138 -2.36 -18.72 12.52
N LEU B 139 -1.97 -18.08 11.42
CA LEU B 139 -2.36 -16.69 11.17
C LEU B 139 -3.66 -16.49 10.38
N TYR B 140 -4.13 -17.53 9.70
CA TYR B 140 -5.36 -17.37 8.92
C TYR B 140 -6.39 -18.45 9.18
N ASN B 141 -7.61 -18.19 8.73
CA ASN B 141 -8.72 -19.11 8.90
C ASN B 141 -8.74 -19.99 7.66
N ILE B 142 -8.35 -21.25 7.80
CA ILE B 142 -8.28 -22.15 6.66
C ILE B 142 -9.44 -23.11 6.47
N VAL B 143 -9.91 -23.21 5.24
CA VAL B 143 -10.97 -24.15 4.89
C VAL B 143 -10.26 -25.07 3.90
N PRO B 144 -10.19 -26.36 4.22
CA PRO B 144 -9.51 -27.31 3.33
C PRO B 144 -10.37 -27.92 2.23
N TYR B 145 -9.69 -28.49 1.24
CA TYR B 145 -10.35 -29.17 0.14
C TYR B 145 -9.39 -30.29 -0.26
N GLY B 146 -9.93 -31.46 -0.56
CA GLY B 146 -9.09 -32.58 -0.92
C GLY B 146 -9.38 -33.10 -2.30
N ILE B 147 -9.31 -34.42 -2.46
CA ILE B 147 -9.56 -35.06 -3.74
C ILE B 147 -10.68 -36.10 -3.68
N ASP B 148 -11.26 -36.42 -4.84
CA ASP B 148 -12.33 -37.41 -4.99
C ASP B 148 -11.92 -38.77 -4.48
N ALA B 149 -12.83 -39.72 -4.67
CA ALA B 149 -12.56 -41.10 -4.30
C ALA B 149 -11.88 -41.62 -5.57
N THR B 150 -11.91 -40.78 -6.61
CA THR B 150 -11.31 -41.07 -7.90
C THR B 150 -9.85 -40.62 -7.91
N GLY B 151 -9.50 -39.81 -6.92
CA GLY B 151 -8.14 -39.32 -6.80
C GLY B 151 -7.90 -37.95 -7.41
N HIS B 152 -8.97 -37.27 -7.82
CA HIS B 152 -8.83 -35.94 -8.43
C HIS B 152 -9.66 -34.88 -7.72
N ILE B 153 -9.28 -33.62 -7.92
CA ILE B 153 -10.00 -32.52 -7.30
C ILE B 153 -11.39 -32.41 -7.91
N ASP B 154 -12.40 -32.23 -7.06
CA ASP B 154 -13.78 -32.09 -7.56
C ASP B 154 -14.10 -30.61 -7.59
N TYR B 155 -13.95 -30.01 -8.78
CA TYR B 155 -14.19 -28.60 -8.96
C TYR B 155 -15.62 -28.19 -8.63
N ALA B 156 -16.51 -29.16 -8.57
CA ALA B 156 -17.90 -28.87 -8.27
C ALA B 156 -18.02 -28.57 -6.77
N ASP B 157 -17.35 -29.39 -5.97
CA ASP B 157 -17.36 -29.23 -4.52
C ASP B 157 -16.54 -28.02 -4.11
N LEU B 158 -15.46 -27.77 -4.83
CA LEU B 158 -14.60 -26.63 -4.55
C LEU B 158 -15.41 -25.35 -4.68
N GLU B 159 -16.20 -25.28 -5.74
CA GLU B 159 -17.05 -24.13 -6.02
C GLU B 159 -18.06 -23.95 -4.90
N LYS B 160 -18.65 -25.05 -4.45
CA LYS B 160 -19.61 -25.03 -3.35
C LYS B 160 -18.97 -24.43 -2.10
N GLN B 161 -17.79 -24.96 -1.74
CA GLN B 161 -17.05 -24.48 -0.58
C GLN B 161 -16.74 -23.00 -0.69
N ALA B 162 -16.36 -22.58 -1.89
CA ALA B 162 -16.03 -21.20 -2.16
C ALA B 162 -17.25 -20.31 -1.97
N LYS B 163 -18.39 -20.73 -2.50
CA LYS B 163 -19.61 -19.94 -2.39
C LYS B 163 -20.11 -19.89 -0.95
N GLU B 164 -19.94 -20.99 -0.22
CA GLU B 164 -20.41 -21.02 1.15
C GLU B 164 -19.53 -20.30 2.16
N HIS B 165 -18.22 -20.36 1.98
CA HIS B 165 -17.29 -19.73 2.93
C HIS B 165 -16.77 -18.37 2.49
N LYS B 166 -17.00 -18.02 1.23
CA LYS B 166 -16.55 -16.73 0.70
C LYS B 166 -15.12 -16.45 1.15
N PRO B 167 -14.15 -17.28 0.72
CA PRO B 167 -12.76 -17.08 1.10
C PRO B 167 -12.19 -15.87 0.38
N LYS B 168 -11.20 -15.23 1.00
CA LYS B 168 -10.57 -14.04 0.43
C LYS B 168 -9.54 -14.44 -0.61
N MET B 169 -9.11 -15.70 -0.53
CA MET B 169 -8.11 -16.20 -1.45
C MET B 169 -8.26 -17.71 -1.60
N ILE B 170 -7.99 -18.20 -2.79
CA ILE B 170 -8.07 -19.64 -3.04
C ILE B 170 -6.69 -20.05 -3.51
N ILE B 171 -6.12 -21.08 -2.88
CA ILE B 171 -4.79 -21.55 -3.21
C ILE B 171 -4.83 -22.80 -4.08
N GLY B 172 -4.12 -22.73 -5.20
CA GLY B 172 -4.02 -23.84 -6.11
C GLY B 172 -2.56 -24.24 -6.10
N GLY B 173 -2.29 -25.53 -6.03
CA GLY B 173 -0.91 -25.98 -5.98
C GLY B 173 -0.86 -27.23 -5.12
N PHE B 174 0.29 -27.88 -5.08
CA PHE B 174 0.38 -29.12 -4.33
C PHE B 174 1.82 -29.58 -4.20
N SER B 175 2.03 -30.54 -3.29
CA SER B 175 3.34 -31.12 -3.06
C SER B 175 3.31 -32.60 -3.38
N ALA B 176 2.10 -33.18 -3.37
CA ALA B 176 1.94 -34.60 -3.64
C ALA B 176 0.70 -35.00 -4.44
N TYR B 177 0.33 -34.21 -5.43
CA TYR B 177 -0.81 -34.54 -6.28
C TYR B 177 -0.23 -34.85 -7.67
N SER B 178 -0.68 -35.96 -8.26
CA SER B 178 -0.15 -36.33 -9.58
C SER B 178 -0.98 -35.92 -10.79
N GLY B 179 -2.13 -35.31 -10.58
CA GLY B 179 -2.96 -34.92 -11.69
C GLY B 179 -2.64 -33.56 -12.30
N VAL B 180 -3.53 -33.10 -13.18
CA VAL B 180 -3.42 -31.81 -13.86
C VAL B 180 -4.46 -30.91 -13.24
N VAL B 181 -4.07 -29.72 -12.83
CA VAL B 181 -5.05 -28.82 -12.24
C VAL B 181 -5.56 -27.86 -13.30
N ASP B 182 -6.87 -27.64 -13.27
CA ASP B 182 -7.50 -26.72 -14.21
C ASP B 182 -7.40 -25.31 -13.65
N TRP B 183 -6.31 -24.61 -13.98
CA TRP B 183 -6.09 -23.26 -13.49
C TRP B 183 -7.24 -22.32 -13.88
N ALA B 184 -7.62 -22.36 -15.16
CA ALA B 184 -8.69 -21.50 -15.64
C ALA B 184 -10.00 -21.71 -14.88
N LYS B 185 -10.28 -22.96 -14.52
CA LYS B 185 -11.49 -23.31 -13.79
C LYS B 185 -11.45 -22.76 -12.36
N MET B 186 -10.27 -22.76 -11.75
CA MET B 186 -10.14 -22.25 -10.40
C MET B 186 -10.28 -20.73 -10.42
N ARG B 187 -9.77 -20.12 -11.49
CA ARG B 187 -9.87 -18.67 -11.63
C ARG B 187 -11.35 -18.31 -11.79
N GLU B 188 -12.10 -19.13 -12.50
CA GLU B 188 -13.53 -18.88 -12.68
C GLU B 188 -14.16 -18.81 -11.31
N ILE B 189 -13.92 -19.86 -10.51
CA ILE B 189 -14.47 -19.95 -9.16
C ILE B 189 -14.08 -18.77 -8.29
N ALA B 190 -12.83 -18.36 -8.38
CA ALA B 190 -12.36 -17.22 -7.60
C ALA B 190 -13.14 -15.96 -8.02
N ASP B 191 -13.21 -15.70 -9.32
CA ASP B 191 -13.91 -14.53 -9.83
C ASP B 191 -15.36 -14.42 -9.40
N SER B 192 -16.05 -15.55 -9.24
CA SER B 192 -17.46 -15.52 -8.86
C SER B 192 -17.68 -14.99 -7.44
N ILE B 193 -16.66 -15.06 -6.59
CA ILE B 193 -16.80 -14.55 -5.24
C ILE B 193 -15.79 -13.45 -4.97
N GLY B 194 -15.17 -12.97 -6.03
CA GLY B 194 -14.17 -11.92 -5.90
C GLY B 194 -12.96 -12.28 -5.04
N ALA B 195 -12.52 -13.53 -5.09
CA ALA B 195 -11.37 -13.95 -4.32
C ALA B 195 -10.10 -13.93 -5.17
N TYR B 196 -8.95 -14.10 -4.52
CA TYR B 196 -7.69 -14.11 -5.23
C TYR B 196 -7.32 -15.53 -5.56
N LEU B 197 -6.81 -15.78 -6.76
CA LEU B 197 -6.38 -17.13 -7.07
C LEU B 197 -4.86 -17.11 -6.96
N PHE B 198 -4.35 -17.75 -5.90
CA PHE B 198 -2.92 -17.84 -5.68
C PHE B 198 -2.46 -19.25 -6.01
N VAL B 199 -1.56 -19.36 -6.98
CA VAL B 199 -1.05 -20.67 -7.38
C VAL B 199 0.44 -20.86 -7.08
N ASP B 200 0.74 -21.93 -6.35
CA ASP B 200 2.09 -22.31 -5.96
C ASP B 200 2.51 -23.47 -6.86
N MET B 201 3.31 -23.20 -7.89
CA MET B 201 3.72 -24.25 -8.81
C MET B 201 5.12 -24.80 -8.61
N ALA B 202 5.63 -24.72 -7.38
CA ALA B 202 6.97 -25.19 -7.07
C ALA B 202 7.34 -26.53 -7.71
N HIS B 203 6.53 -27.54 -7.50
CA HIS B 203 6.78 -28.86 -8.04
C HIS B 203 6.74 -28.98 -9.57
N VAL B 204 5.86 -28.24 -10.23
CA VAL B 204 5.74 -28.35 -11.68
C VAL B 204 6.34 -27.19 -12.49
N ALA B 205 7.09 -26.31 -11.84
CA ALA B 205 7.68 -25.17 -12.52
C ALA B 205 8.54 -25.59 -13.71
N GLY B 206 9.30 -26.67 -13.53
CA GLY B 206 10.12 -27.17 -14.62
C GLY B 206 9.28 -27.66 -15.80
N LEU B 207 8.27 -28.48 -15.50
CA LEU B 207 7.40 -29.01 -16.54
C LEU B 207 6.66 -27.89 -17.27
N VAL B 208 6.25 -26.85 -16.53
CA VAL B 208 5.57 -25.72 -17.14
C VAL B 208 6.53 -25.00 -18.06
N ALA B 209 7.76 -24.79 -17.60
CA ALA B 209 8.78 -24.13 -18.39
C ALA B 209 8.94 -24.82 -19.75
N ALA B 210 8.94 -26.16 -19.77
CA ALA B 210 9.09 -26.91 -21.02
C ALA B 210 7.78 -26.98 -21.81
N GLY B 211 6.68 -26.61 -21.16
CA GLY B 211 5.38 -26.64 -21.80
C GLY B 211 4.73 -27.99 -21.67
N VAL B 212 5.21 -28.79 -20.72
CA VAL B 212 4.67 -30.12 -20.51
C VAL B 212 3.51 -30.17 -19.50
N TYR B 213 3.23 -29.05 -18.86
CA TYR B 213 2.15 -28.97 -17.87
C TYR B 213 1.52 -27.58 -18.00
N PRO B 214 0.21 -27.50 -17.83
CA PRO B 214 -0.51 -26.21 -17.95
C PRO B 214 0.14 -25.09 -17.17
N ASN B 215 0.42 -23.97 -17.83
CA ASN B 215 1.02 -22.82 -17.17
C ASN B 215 -0.09 -22.05 -16.43
N PRO B 216 0.09 -21.81 -15.12
CA PRO B 216 -0.91 -21.09 -14.32
C PRO B 216 -0.78 -19.57 -14.33
N VAL B 217 0.36 -19.06 -14.79
CA VAL B 217 0.62 -17.63 -14.80
C VAL B 217 -0.50 -16.76 -15.39
N PRO B 218 -1.07 -17.19 -16.53
CA PRO B 218 -2.15 -16.40 -17.14
C PRO B 218 -3.55 -16.55 -16.53
N HIS B 219 -3.66 -17.28 -15.44
CA HIS B 219 -4.96 -17.48 -14.83
C HIS B 219 -5.03 -17.05 -13.37
N ALA B 220 -3.87 -16.99 -12.72
CA ALA B 220 -3.80 -16.62 -11.31
C ALA B 220 -3.38 -15.17 -11.13
N HIS B 221 -3.82 -14.57 -10.03
CA HIS B 221 -3.45 -13.20 -9.75
C HIS B 221 -1.97 -13.17 -9.37
N VAL B 222 -1.52 -14.23 -8.70
CA VAL B 222 -0.13 -14.33 -8.27
C VAL B 222 0.32 -15.78 -8.26
N VAL B 223 1.56 -16.00 -8.68
CA VAL B 223 2.13 -17.34 -8.71
C VAL B 223 3.49 -17.40 -7.99
N THR B 224 3.73 -18.49 -7.28
CA THR B 224 5.02 -18.67 -6.61
C THR B 224 5.60 -20.01 -7.03
N THR B 225 6.91 -20.16 -6.86
CA THR B 225 7.59 -21.40 -7.21
C THR B 225 8.98 -21.41 -6.59
N THR B 226 9.53 -22.59 -6.43
CA THR B 226 10.89 -22.68 -5.93
C THR B 226 11.73 -22.80 -7.22
N THR B 227 13.04 -22.70 -7.10
CA THR B 227 13.89 -22.79 -8.28
C THR B 227 14.69 -24.07 -8.25
N HIS B 228 14.54 -24.85 -7.17
CA HIS B 228 15.30 -26.08 -6.99
C HIS B 228 14.62 -27.43 -7.22
N LYS B 229 13.37 -27.46 -7.68
CA LYS B 229 12.72 -28.74 -7.91
C LYS B 229 12.83 -29.17 -9.38
N THR B 230 11.72 -29.22 -10.10
CA THR B 230 11.81 -29.62 -11.49
C THR B 230 12.53 -28.58 -12.33
N LEU B 231 12.62 -27.35 -11.81
CA LEU B 231 13.29 -26.27 -12.52
C LEU B 231 14.79 -26.55 -12.50
N ALA B 232 15.20 -27.44 -11.59
CA ALA B 232 16.59 -27.87 -11.44
C ALA B 232 17.62 -26.79 -11.12
N GLY B 233 17.20 -25.73 -10.45
CA GLY B 233 18.14 -24.67 -10.11
C GLY B 233 18.51 -24.68 -8.64
N PRO B 234 19.04 -23.57 -8.12
CA PRO B 234 19.45 -23.45 -6.71
C PRO B 234 18.25 -23.42 -5.79
N ARG B 235 18.47 -23.62 -4.50
CA ARG B 235 17.36 -23.57 -3.56
C ARG B 235 16.94 -22.12 -3.35
N GLY B 236 15.71 -21.78 -3.76
CA GLY B 236 15.24 -20.43 -3.61
C GLY B 236 13.77 -20.29 -3.99
N GLY B 237 13.22 -19.11 -3.72
CA GLY B 237 11.84 -18.85 -4.03
C GLY B 237 11.74 -17.88 -5.20
N LEU B 238 10.53 -17.69 -5.71
CA LEU B 238 10.30 -16.82 -6.83
C LEU B 238 8.84 -16.43 -6.89
N ILE B 239 8.56 -15.16 -7.14
CA ILE B 239 7.17 -14.73 -7.27
C ILE B 239 6.97 -14.24 -8.71
N LEU B 240 5.86 -14.64 -9.31
CA LEU B 240 5.54 -14.26 -10.69
C LEU B 240 4.11 -13.79 -10.77
N ALA B 241 3.85 -12.90 -11.72
CA ALA B 241 2.51 -12.38 -11.91
C ALA B 241 2.34 -11.79 -13.30
N LYS B 242 1.10 -11.75 -13.77
CA LYS B 242 0.83 -11.19 -15.08
C LYS B 242 -0.51 -10.48 -15.07
N GLY B 243 -0.55 -9.31 -15.71
CA GLY B 243 -1.78 -8.54 -15.79
C GLY B 243 -2.22 -7.85 -14.52
N GLY B 244 -1.34 -7.81 -13.53
CA GLY B 244 -1.70 -7.16 -12.29
C GLY B 244 -1.48 -5.67 -12.42
N SER B 245 -1.86 -4.93 -11.38
CA SER B 245 -1.70 -3.49 -11.39
C SER B 245 -0.42 -3.08 -10.68
N GLU B 246 -0.06 -1.82 -10.84
CA GLU B 246 1.14 -1.25 -10.21
C GLU B 246 1.07 -1.53 -8.72
N GLU B 247 -0.08 -1.22 -8.11
CA GLU B 247 -0.28 -1.41 -6.68
C GLU B 247 0.03 -2.83 -6.22
N LEU B 248 -0.61 -3.79 -6.86
CA LEU B 248 -0.40 -5.18 -6.50
C LEU B 248 1.08 -5.58 -6.52
N TYR B 249 1.82 -5.08 -7.49
CA TYR B 249 3.23 -5.41 -7.58
C TYR B 249 4.03 -4.66 -6.55
N LYS B 250 3.55 -3.47 -6.18
CA LYS B 250 4.26 -2.71 -5.16
C LYS B 250 4.07 -3.48 -3.86
N LYS B 251 2.82 -3.88 -3.57
CA LYS B 251 2.55 -4.63 -2.35
C LYS B 251 3.41 -5.88 -2.31
N LEU B 252 3.50 -6.59 -3.42
CA LEU B 252 4.30 -7.80 -3.45
C LEU B 252 5.78 -7.51 -3.18
N ASN B 253 6.31 -6.43 -3.73
CA ASN B 253 7.70 -6.12 -3.49
C ASN B 253 7.94 -5.74 -2.03
N SER B 254 6.97 -5.05 -1.43
CA SER B 254 7.06 -4.65 -0.02
C SER B 254 6.92 -5.84 0.93
N ALA B 255 6.08 -6.80 0.55
CA ALA B 255 5.87 -7.98 1.36
C ALA B 255 7.20 -8.75 1.48
N VAL B 256 7.94 -8.84 0.39
CA VAL B 256 9.23 -9.54 0.44
C VAL B 256 10.22 -8.72 1.27
N PHE B 257 10.31 -7.41 0.99
CA PHE B 257 11.20 -6.52 1.74
C PHE B 257 10.65 -5.11 1.74
N PRO B 258 10.63 -4.44 2.92
CA PRO B 258 11.08 -4.90 4.23
C PRO B 258 10.07 -5.77 4.98
N GLY B 259 9.02 -6.18 4.29
CA GLY B 259 8.00 -7.01 4.91
C GLY B 259 8.46 -8.25 5.66
N GLY B 260 8.97 -9.24 4.95
CA GLY B 260 9.38 -10.46 5.61
C GLY B 260 10.82 -10.90 5.52
N GLN B 261 11.67 -10.14 4.84
CA GLN B 261 13.06 -10.53 4.73
C GLN B 261 14.01 -9.35 4.89
N GLY B 262 15.29 -9.64 5.00
CA GLY B 262 16.27 -8.58 5.13
C GLY B 262 17.00 -8.53 3.81
N GLY B 263 18.32 -8.68 3.85
CA GLY B 263 19.09 -8.66 2.63
C GLY B 263 18.95 -9.97 1.88
N PRO B 264 18.91 -9.92 0.54
CA PRO B 264 18.78 -11.14 -0.27
C PRO B 264 20.15 -11.81 -0.40
N LEU B 265 20.17 -13.01 -0.99
CA LEU B 265 21.40 -13.76 -1.17
C LEU B 265 21.83 -13.56 -2.61
N MET B 266 22.57 -12.50 -2.88
CA MET B 266 22.98 -12.21 -4.24
C MET B 266 23.70 -13.34 -4.96
N HIS B 267 24.41 -14.17 -4.21
CA HIS B 267 25.12 -15.27 -4.85
C HIS B 267 24.14 -16.37 -5.29
N VAL B 268 23.03 -16.50 -4.57
CA VAL B 268 22.04 -17.50 -4.91
C VAL B 268 21.21 -16.97 -6.08
N ILE B 269 21.02 -15.65 -6.13
CA ILE B 269 20.25 -15.05 -7.21
C ILE B 269 21.02 -15.15 -8.51
N ALA B 270 22.34 -15.15 -8.41
CA ALA B 270 23.20 -15.27 -9.59
C ALA B 270 22.94 -16.68 -10.12
N GLY B 271 22.86 -17.64 -9.20
CA GLY B 271 22.59 -19.01 -9.59
C GLY B 271 21.21 -19.15 -10.20
N LYS B 272 20.24 -18.42 -9.67
CA LYS B 272 18.89 -18.48 -10.22
C LYS B 272 18.95 -17.98 -11.66
N ALA B 273 19.68 -16.91 -11.86
CA ALA B 273 19.78 -16.34 -13.20
C ALA B 273 20.38 -17.29 -14.21
N VAL B 274 21.39 -18.06 -13.82
CA VAL B 274 21.98 -18.97 -14.80
C VAL B 274 21.09 -20.19 -15.03
N ALA B 275 20.37 -20.61 -14.00
CA ALA B 275 19.50 -21.78 -14.11
C ALA B 275 18.31 -21.47 -14.99
N LEU B 276 17.83 -20.23 -14.91
CA LEU B 276 16.70 -19.83 -15.72
C LEU B 276 17.13 -19.76 -17.19
N LYS B 277 18.43 -19.66 -17.44
CA LYS B 277 18.91 -19.60 -18.81
C LYS B 277 19.00 -21.02 -19.34
N GLU B 278 19.39 -21.94 -18.47
CA GLU B 278 19.50 -23.33 -18.85
C GLU B 278 18.11 -23.92 -19.10
N ALA B 279 17.11 -23.39 -18.40
CA ALA B 279 15.75 -23.88 -18.58
C ALA B 279 15.22 -23.49 -19.94
N MET B 280 15.95 -22.62 -20.63
CA MET B 280 15.57 -22.14 -21.96
C MET B 280 16.12 -22.99 -23.08
N GLU B 281 16.99 -23.94 -22.75
CA GLU B 281 17.59 -24.82 -23.76
C GLU B 281 16.60 -25.84 -24.27
N PRO B 282 16.74 -26.24 -25.55
CA PRO B 282 15.84 -27.23 -26.15
C PRO B 282 16.01 -28.58 -25.46
N GLU B 283 17.22 -28.85 -24.99
CA GLU B 283 17.50 -30.10 -24.30
C GLU B 283 16.74 -30.14 -23.00
N PHE B 284 16.39 -28.96 -22.49
CA PHE B 284 15.66 -28.86 -21.23
C PHE B 284 14.21 -29.26 -21.45
N LYS B 285 13.69 -28.97 -22.63
CA LYS B 285 12.31 -29.31 -22.99
C LYS B 285 12.13 -30.81 -23.18
N THR B 286 13.10 -31.46 -23.81
CA THR B 286 13.02 -32.90 -24.02
C THR B 286 13.33 -33.61 -22.70
N TYR B 287 14.02 -32.92 -21.81
CA TYR B 287 14.37 -33.47 -20.50
C TYR B 287 13.09 -33.65 -19.68
N GLN B 288 12.28 -32.59 -19.61
CA GLN B 288 11.04 -32.66 -18.85
C GLN B 288 10.10 -33.73 -19.46
N GLN B 289 10.13 -33.87 -20.79
CA GLN B 289 9.30 -34.86 -21.47
C GLN B 289 9.65 -36.27 -20.97
N GLN B 290 10.95 -36.54 -20.81
CA GLN B 290 11.43 -37.83 -20.33
C GLN B 290 10.98 -38.03 -18.89
N VAL B 291 11.02 -36.94 -18.12
CA VAL B 291 10.62 -36.99 -16.71
C VAL B 291 9.19 -37.48 -16.58
N ALA B 292 8.26 -36.82 -17.26
CA ALA B 292 6.85 -37.23 -17.22
C ALA B 292 6.72 -38.66 -17.77
N LYS B 293 7.40 -38.91 -18.88
CA LYS B 293 7.38 -40.21 -19.51
C LYS B 293 7.86 -41.30 -18.56
N ASN B 294 8.99 -41.08 -17.89
CA ASN B 294 9.53 -42.06 -16.95
C ASN B 294 8.57 -42.28 -15.79
N ALA B 295 7.91 -41.21 -15.36
CA ALA B 295 6.98 -41.32 -14.25
C ALA B 295 5.87 -42.30 -14.61
N LYS B 296 5.37 -42.21 -15.83
CA LYS B 296 4.30 -43.10 -16.28
C LYS B 296 4.77 -44.55 -16.34
N ALA B 297 6.01 -44.76 -16.77
CA ALA B 297 6.55 -46.11 -16.88
C ALA B 297 6.66 -46.80 -15.51
N MET B 298 7.02 -46.04 -14.48
CA MET B 298 7.12 -46.64 -13.16
C MET B 298 5.73 -46.97 -12.60
N VAL B 299 4.75 -46.12 -12.92
CA VAL B 299 3.39 -46.34 -12.45
C VAL B 299 2.81 -47.64 -12.99
N GLU B 300 3.03 -47.90 -14.27
CA GLU B 300 2.55 -49.12 -14.89
C GLU B 300 3.01 -50.32 -14.07
N VAL B 301 4.32 -50.45 -13.91
CA VAL B 301 4.90 -51.54 -13.16
C VAL B 301 4.29 -51.66 -11.76
N PHE B 302 4.18 -50.56 -11.04
CA PHE B 302 3.60 -50.62 -9.70
C PHE B 302 2.19 -51.19 -9.68
N LEU B 303 1.39 -50.84 -10.68
CA LEU B 303 0.02 -51.35 -10.74
C LEU B 303 0.03 -52.83 -11.13
N GLU B 304 0.88 -53.20 -12.09
CA GLU B 304 0.98 -54.59 -12.51
C GLU B 304 1.46 -55.48 -11.38
N ARG B 305 2.10 -54.88 -10.38
CA ARG B 305 2.62 -55.62 -9.24
C ARG B 305 1.69 -55.62 -8.05
N GLY B 306 0.50 -55.05 -8.25
CA GLY B 306 -0.47 -55.04 -7.16
C GLY B 306 -0.37 -53.93 -6.14
N TYR B 307 0.20 -52.80 -6.54
CA TYR B 307 0.31 -51.67 -5.61
C TYR B 307 -0.67 -50.55 -5.93
N LYS B 308 -1.27 -49.99 -4.88
CA LYS B 308 -2.25 -48.92 -5.03
C LYS B 308 -1.57 -47.57 -5.26
N VAL B 309 -1.75 -47.04 -6.47
CA VAL B 309 -1.19 -45.74 -6.83
C VAL B 309 -2.33 -44.72 -6.75
N VAL B 310 -2.23 -43.77 -5.83
CA VAL B 310 -3.25 -42.73 -5.65
C VAL B 310 -3.56 -42.05 -6.99
N SER B 311 -4.83 -41.76 -7.24
CA SER B 311 -5.26 -41.11 -8.50
C SER B 311 -5.18 -42.07 -9.70
N GLY B 312 -4.80 -43.32 -9.44
CA GLY B 312 -4.71 -44.30 -10.50
C GLY B 312 -3.61 -44.06 -11.52
N GLY B 313 -2.92 -42.93 -11.43
CA GLY B 313 -1.86 -42.68 -12.40
C GLY B 313 -1.17 -41.36 -12.19
N THR B 314 -0.47 -40.89 -13.22
CA THR B 314 0.26 -39.64 -13.11
C THR B 314 0.29 -38.83 -14.40
N ASP B 315 0.20 -37.51 -14.24
CA ASP B 315 0.22 -36.58 -15.36
C ASP B 315 1.36 -35.59 -15.17
N ASN B 316 2.26 -35.91 -14.24
CA ASN B 316 3.41 -35.06 -13.97
C ASN B 316 4.64 -35.87 -13.61
N HIS B 317 5.51 -35.32 -12.78
CA HIS B 317 6.76 -35.97 -12.40
C HIS B 317 6.67 -36.92 -11.20
N LEU B 318 5.54 -36.93 -10.49
CA LEU B 318 5.44 -37.79 -9.32
C LEU B 318 4.16 -38.66 -9.18
N PHE B 319 4.15 -39.48 -8.13
CA PHE B 319 3.00 -40.32 -7.84
C PHE B 319 3.14 -40.87 -6.41
N LEU B 320 2.01 -41.20 -5.80
CA LEU B 320 1.97 -41.74 -4.44
C LEU B 320 1.61 -43.21 -4.47
N VAL B 321 2.21 -43.97 -3.55
CA VAL B 321 1.95 -45.38 -3.42
C VAL B 321 1.34 -45.60 -2.03
N ASP B 322 0.05 -45.94 -2.02
CA ASP B 322 -0.69 -46.18 -0.78
C ASP B 322 -0.37 -47.59 -0.31
N LEU B 323 0.24 -47.70 0.87
CA LEU B 323 0.63 -48.99 1.42
C LEU B 323 -0.24 -49.49 2.56
N VAL B 324 -1.41 -48.88 2.73
CA VAL B 324 -2.30 -49.30 3.81
C VAL B 324 -2.71 -50.77 3.68
N ASP B 325 -3.14 -51.18 2.48
CA ASP B 325 -3.56 -52.55 2.25
C ASP B 325 -2.42 -53.57 2.34
N LYS B 326 -1.18 -53.10 2.44
CA LYS B 326 -0.03 -53.98 2.56
C LYS B 326 0.47 -54.02 3.99
N ASN B 327 -0.24 -53.33 4.88
CA ASN B 327 0.16 -53.28 6.29
C ASN B 327 1.61 -52.83 6.45
N LEU B 328 1.94 -51.73 5.81
CA LEU B 328 3.28 -51.18 5.90
C LEU B 328 3.18 -49.68 6.13
N THR B 329 4.12 -49.13 6.88
CA THR B 329 4.12 -47.70 7.11
C THR B 329 5.14 -47.10 6.14
N GLY B 330 4.91 -45.86 5.73
CA GLY B 330 5.83 -45.23 4.83
C GLY B 330 7.21 -45.25 5.44
N LYS B 331 7.27 -45.11 6.77
CA LYS B 331 8.54 -45.12 7.48
C LYS B 331 9.29 -46.44 7.28
N GLU B 332 8.54 -47.55 7.24
CA GLU B 332 9.14 -48.87 7.02
C GLU B 332 9.62 -49.02 5.57
N ALA B 333 8.74 -48.69 4.63
CA ALA B 333 9.08 -48.79 3.23
C ALA B 333 10.32 -47.95 2.96
N ASP B 334 10.27 -46.69 3.36
CA ASP B 334 11.37 -45.75 3.17
C ASP B 334 12.69 -46.36 3.67
N ALA B 335 12.68 -46.86 4.90
CA ALA B 335 13.87 -47.47 5.50
C ALA B 335 14.35 -48.73 4.78
N ALA B 336 13.41 -49.56 4.31
CA ALA B 336 13.78 -50.79 3.60
C ALA B 336 14.41 -50.46 2.26
N LEU B 337 13.76 -49.59 1.48
CA LEU B 337 14.28 -49.19 0.18
C LEU B 337 15.64 -48.51 0.31
N GLY B 338 15.82 -47.82 1.44
CA GLY B 338 17.07 -47.13 1.69
C GLY B 338 18.24 -48.08 1.81
N ARG B 339 18.02 -49.20 2.49
CA ARG B 339 19.10 -50.18 2.65
C ARG B 339 19.50 -50.80 1.31
N ALA B 340 18.67 -50.59 0.30
CA ALA B 340 18.94 -51.10 -1.03
C ALA B 340 19.46 -49.95 -1.91
N ASN B 341 19.81 -48.85 -1.27
CA ASN B 341 20.33 -47.66 -1.95
C ASN B 341 19.33 -46.95 -2.86
N ILE B 342 18.05 -47.09 -2.52
CA ILE B 342 16.96 -46.46 -3.27
C ILE B 342 16.32 -45.47 -2.31
N THR B 343 16.59 -44.18 -2.51
CA THR B 343 16.05 -43.15 -1.62
C THR B 343 14.75 -42.48 -2.06
N VAL B 344 13.74 -42.63 -1.22
CA VAL B 344 12.44 -42.04 -1.47
C VAL B 344 12.13 -41.23 -0.21
N ASN B 345 10.84 -41.07 0.10
CA ASN B 345 10.46 -40.35 1.32
C ASN B 345 9.05 -40.76 1.73
N LYS B 346 8.88 -41.04 3.02
CA LYS B 346 7.58 -41.42 3.57
C LYS B 346 6.63 -40.26 3.29
N ASN B 347 5.40 -40.57 2.89
CA ASN B 347 4.46 -39.51 2.58
C ASN B 347 3.06 -39.85 3.01
N SER B 348 2.38 -38.88 3.62
CA SER B 348 1.01 -39.11 4.04
C SER B 348 0.19 -39.29 2.77
N VAL B 349 -0.89 -40.06 2.88
CA VAL B 349 -1.77 -40.28 1.73
C VAL B 349 -3.16 -39.85 2.17
N PRO B 350 -4.10 -39.78 1.22
CA PRO B 350 -5.45 -39.37 1.59
C PRO B 350 -6.06 -40.32 2.61
N ASN B 351 -6.64 -39.74 3.67
CA ASN B 351 -7.27 -40.51 4.74
C ASN B 351 -6.26 -41.39 5.46
N ASP B 352 -5.01 -40.94 5.50
CA ASP B 352 -3.94 -41.68 6.14
C ASP B 352 -4.22 -41.87 7.62
N PRO B 353 -4.25 -43.12 8.08
CA PRO B 353 -4.50 -43.45 9.49
C PRO B 353 -3.31 -43.13 10.40
N LYS B 354 -2.15 -42.89 9.80
CA LYS B 354 -0.94 -42.57 10.56
C LYS B 354 -0.60 -41.08 10.51
N SER B 355 0.24 -40.65 11.44
CA SER B 355 0.64 -39.25 11.49
C SER B 355 1.73 -38.99 10.45
N PRO B 356 1.93 -37.71 10.08
CA PRO B 356 2.91 -37.26 9.10
C PRO B 356 4.32 -37.82 9.21
N PHE B 357 4.74 -38.18 10.43
CA PHE B 357 6.08 -38.71 10.61
C PHE B 357 6.16 -40.21 10.31
N VAL B 358 5.01 -40.87 10.39
CA VAL B 358 4.96 -42.31 10.12
C VAL B 358 4.41 -42.62 8.73
N THR B 359 3.21 -42.11 8.44
CA THR B 359 2.52 -42.28 7.15
C THR B 359 2.25 -43.71 6.71
N SER B 360 1.38 -43.83 5.72
CA SER B 360 1.00 -45.12 5.16
C SER B 360 1.31 -45.17 3.68
N GLY B 361 2.35 -44.45 3.27
CA GLY B 361 2.71 -44.46 1.86
C GLY B 361 4.06 -43.85 1.56
N ILE B 362 4.43 -43.85 0.28
CA ILE B 362 5.69 -43.27 -0.14
C ILE B 362 5.46 -42.46 -1.40
N ARG B 363 6.23 -41.38 -1.56
CA ARG B 363 6.13 -40.52 -2.74
C ARG B 363 7.33 -40.79 -3.66
N VAL B 364 7.06 -40.87 -4.96
CA VAL B 364 8.12 -41.14 -5.92
C VAL B 364 8.16 -40.10 -7.04
N GLY B 365 9.38 -39.69 -7.39
CA GLY B 365 9.58 -38.71 -8.43
C GLY B 365 10.69 -39.12 -9.38
N THR B 366 10.54 -38.77 -10.64
CA THR B 366 11.51 -39.10 -11.68
C THR B 366 12.49 -38.02 -12.13
N PRO B 367 12.35 -36.78 -11.64
CA PRO B 367 13.28 -35.72 -12.04
C PRO B 367 14.77 -36.03 -11.93
N ALA B 368 15.17 -36.61 -10.80
CA ALA B 368 16.58 -36.95 -10.56
C ALA B 368 17.15 -38.01 -11.49
N ILE B 369 16.55 -39.19 -11.51
CA ILE B 369 17.03 -40.27 -12.37
C ILE B 369 16.94 -39.91 -13.85
N THR B 370 15.99 -39.07 -14.21
CA THR B 370 15.86 -38.67 -15.60
C THR B 370 17.05 -37.79 -15.97
N ARG B 371 17.36 -36.83 -15.10
CA ARG B 371 18.47 -35.90 -15.33
C ARG B 371 19.77 -36.67 -15.31
N ARG B 372 19.70 -37.86 -14.74
CA ARG B 372 20.85 -38.74 -14.60
C ARG B 372 21.06 -39.67 -15.82
N GLY B 373 20.08 -39.69 -16.73
CA GLY B 373 20.20 -40.50 -17.91
C GLY B 373 19.15 -41.59 -18.09
N PHE B 374 18.49 -41.98 -17.00
CA PHE B 374 17.48 -43.02 -17.07
C PHE B 374 16.37 -42.72 -18.07
N LYS B 375 15.83 -43.79 -18.66
CA LYS B 375 14.74 -43.67 -19.61
C LYS B 375 13.74 -44.75 -19.25
N GLU B 376 12.65 -44.86 -20.00
CA GLU B 376 11.61 -45.84 -19.69
C GLU B 376 12.11 -47.23 -19.29
N ALA B 377 13.08 -47.76 -20.03
CA ALA B 377 13.62 -49.08 -19.75
C ALA B 377 14.20 -49.16 -18.36
N GLU B 378 15.11 -48.23 -18.04
CA GLU B 378 15.74 -48.20 -16.72
C GLU B 378 14.72 -47.95 -15.62
N ALA B 379 13.75 -47.09 -15.90
CA ALA B 379 12.72 -46.74 -14.93
C ALA B 379 11.78 -47.90 -14.62
N LYS B 380 11.44 -48.68 -15.64
CA LYS B 380 10.56 -49.82 -15.43
C LYS B 380 11.29 -50.84 -14.57
N GLU B 381 12.57 -51.04 -14.88
CA GLU B 381 13.39 -51.98 -14.13
C GLU B 381 13.57 -51.55 -12.66
N LEU B 382 13.78 -50.25 -12.44
CA LEU B 382 13.93 -49.73 -11.10
C LEU B 382 12.63 -49.92 -10.33
N ALA B 383 11.51 -49.57 -10.95
CA ALA B 383 10.21 -49.73 -10.31
C ALA B 383 10.08 -51.18 -9.87
N GLY B 384 10.52 -52.09 -10.74
CA GLY B 384 10.46 -53.51 -10.43
C GLY B 384 11.23 -53.89 -9.18
N TRP B 385 12.49 -53.46 -9.12
CA TRP B 385 13.33 -53.75 -7.95
C TRP B 385 12.66 -53.23 -6.71
N MET B 386 12.04 -52.06 -6.82
CA MET B 386 11.37 -51.45 -5.68
C MET B 386 10.28 -52.38 -5.16
N CYS B 387 9.44 -52.89 -6.06
CA CYS B 387 8.37 -53.79 -5.66
C CYS B 387 8.94 -55.09 -5.10
N ASP B 388 10.12 -55.48 -5.56
CA ASP B 388 10.76 -56.68 -5.06
C ASP B 388 11.07 -56.48 -3.59
N VAL B 389 11.60 -55.31 -3.26
CA VAL B 389 11.93 -54.99 -1.89
C VAL B 389 10.65 -54.93 -1.04
N LEU B 390 9.68 -54.15 -1.49
CA LEU B 390 8.42 -54.04 -0.75
C LEU B 390 7.79 -55.40 -0.52
N ASP B 391 7.78 -56.24 -1.55
CA ASP B 391 7.22 -57.59 -1.46
C ASP B 391 7.84 -58.41 -0.34
N SER B 392 9.16 -58.37 -0.26
CA SER B 392 9.88 -59.12 0.76
C SER B 392 10.63 -58.15 1.65
N ILE B 393 9.90 -57.22 2.26
CA ILE B 393 10.49 -56.19 3.10
C ILE B 393 11.35 -56.68 4.27
N ASN B 394 11.19 -57.94 4.65
CA ASN B 394 11.97 -58.50 5.75
C ASN B 394 13.09 -59.42 5.28
N ASP B 395 13.17 -59.63 3.98
CA ASP B 395 14.19 -60.50 3.43
C ASP B 395 15.48 -59.73 3.13
N GLU B 396 16.46 -59.82 4.04
CA GLU B 396 17.71 -59.13 3.84
C GLU B 396 18.45 -59.60 2.60
N ALA B 397 18.21 -60.83 2.18
CA ALA B 397 18.88 -61.36 0.99
C ALA B 397 18.33 -60.67 -0.25
N VAL B 398 17.05 -60.33 -0.21
CA VAL B 398 16.41 -59.67 -1.34
C VAL B 398 16.94 -58.25 -1.42
N ILE B 399 16.97 -57.55 -0.28
CA ILE B 399 17.47 -56.19 -0.22
C ILE B 399 18.93 -56.15 -0.66
N GLU B 400 19.72 -57.12 -0.19
CA GLU B 400 21.12 -57.23 -0.54
C GLU B 400 21.27 -57.35 -2.05
N ARG B 401 20.49 -58.25 -2.65
CA ARG B 401 20.52 -58.49 -4.10
C ARG B 401 20.26 -57.20 -4.88
N ILE B 402 19.21 -56.49 -4.50
CA ILE B 402 18.83 -55.25 -5.14
C ILE B 402 19.88 -54.16 -4.96
N LYS B 403 20.44 -54.05 -3.76
CA LYS B 403 21.47 -53.05 -3.48
C LYS B 403 22.59 -53.15 -4.53
N GLY B 404 23.07 -54.36 -4.77
CA GLY B 404 24.12 -54.55 -5.75
C GLY B 404 23.68 -54.18 -7.15
N LYS B 405 22.38 -54.34 -7.43
CA LYS B 405 21.85 -54.01 -8.74
C LYS B 405 21.85 -52.51 -8.93
N VAL B 406 21.49 -51.75 -7.89
CA VAL B 406 21.48 -50.30 -8.03
C VAL B 406 22.89 -49.77 -8.11
N LEU B 407 23.79 -50.25 -7.26
CA LEU B 407 25.18 -49.79 -7.33
C LEU B 407 25.72 -49.96 -8.74
N ASP B 408 25.29 -51.03 -9.39
CA ASP B 408 25.72 -51.33 -10.73
C ASP B 408 25.16 -50.33 -11.74
N ILE B 409 23.88 -50.00 -11.65
CA ILE B 409 23.32 -49.06 -12.61
C ILE B 409 23.77 -47.63 -12.29
N CYS B 410 23.96 -47.33 -11.02
CA CYS B 410 24.42 -46.01 -10.62
C CYS B 410 25.78 -45.68 -11.22
N ALA B 411 26.60 -46.70 -11.40
CA ALA B 411 27.93 -46.53 -11.95
C ALA B 411 27.93 -46.29 -13.45
N ARG B 412 26.89 -46.77 -14.14
CA ARG B 412 26.82 -46.57 -15.57
C ARG B 412 26.20 -45.23 -15.89
N TYR B 413 25.54 -44.63 -14.90
CA TYR B 413 24.89 -43.34 -15.08
C TYR B 413 25.38 -42.33 -14.03
N PRO B 414 26.65 -41.94 -14.12
CA PRO B 414 27.17 -40.97 -13.15
C PRO B 414 26.36 -39.68 -13.17
N VAL B 415 26.19 -39.08 -12.01
CA VAL B 415 25.46 -37.84 -11.90
C VAL B 415 26.34 -36.72 -12.44
N TYR B 416 27.46 -36.47 -11.77
CA TYR B 416 28.40 -35.43 -12.20
C TYR B 416 29.64 -36.13 -12.74
N ALA B 417 29.73 -36.15 -14.06
CA ALA B 417 30.85 -36.77 -14.75
C ALA B 417 31.98 -35.77 -14.85
N MET C 1 -12.05 46.09 1.55
CA MET C 1 -12.94 46.15 0.36
C MET C 1 -12.29 45.51 -0.89
N LEU C 2 -12.72 44.30 -1.22
CA LEU C 2 -12.20 43.59 -2.38
C LEU C 2 -12.84 44.20 -3.61
N LYS C 3 -12.02 44.59 -4.58
CA LYS C 3 -12.51 45.20 -5.81
C LYS C 3 -13.06 44.11 -6.73
N ARG C 4 -14.21 44.35 -7.35
CA ARG C 4 -14.80 43.35 -8.23
C ARG C 4 -14.02 43.27 -9.55
N GLU C 5 -13.13 44.22 -9.76
CA GLU C 5 -12.32 44.27 -10.96
C GLU C 5 -11.06 43.41 -10.78
N MET C 6 -10.89 42.84 -9.59
CA MET C 6 -9.74 41.98 -9.31
C MET C 6 -9.92 40.73 -10.15
N ASN C 7 -8.88 40.35 -10.87
CA ASN C 7 -8.97 39.19 -11.74
C ASN C 7 -7.67 38.39 -11.86
N ILE C 8 -7.78 37.21 -12.44
CA ILE C 8 -6.64 36.32 -12.58
C ILE C 8 -5.62 36.81 -13.61
N ALA C 9 -6.11 37.20 -14.80
CA ALA C 9 -5.29 37.66 -15.90
C ALA C 9 -4.10 38.57 -15.61
N ASP C 10 -4.30 39.62 -14.82
CA ASP C 10 -3.21 40.55 -14.50
C ASP C 10 -2.53 40.22 -13.18
N TYR C 11 -3.14 39.34 -12.40
CA TYR C 11 -2.57 39.00 -11.12
C TYR C 11 -1.72 37.72 -11.09
N ASP C 12 -2.11 36.71 -11.88
CA ASP C 12 -1.39 35.44 -11.92
C ASP C 12 -1.41 34.83 -13.35
N ALA C 13 -0.60 35.42 -14.22
CA ALA C 13 -0.51 35.02 -15.62
C ALA C 13 -0.24 33.55 -15.90
N GLU C 14 0.37 32.86 -14.94
CA GLU C 14 0.66 31.45 -15.10
C GLU C 14 -0.65 30.66 -15.05
N LEU C 15 -1.48 30.95 -14.06
CA LEU C 15 -2.75 30.26 -13.94
C LEU C 15 -3.67 30.66 -15.08
N TRP C 16 -3.59 31.91 -15.49
CA TRP C 16 -4.43 32.42 -16.57
C TRP C 16 -4.09 31.80 -17.92
N GLN C 17 -2.82 31.52 -18.15
CA GLN C 17 -2.42 30.94 -19.41
C GLN C 17 -2.94 29.50 -19.53
N ALA C 18 -2.86 28.73 -18.44
CA ALA C 18 -3.33 27.34 -18.43
C ALA C 18 -4.85 27.29 -18.58
N MET C 19 -5.54 28.19 -17.90
CA MET C 19 -6.98 28.23 -17.98
C MET C 19 -7.39 28.52 -19.42
N GLU C 20 -6.87 29.61 -19.98
CA GLU C 20 -7.19 29.99 -21.35
C GLU C 20 -6.92 28.86 -22.34
N GLN C 21 -5.84 28.11 -22.14
CA GLN C 21 -5.52 27.01 -23.05
C GLN C 21 -6.58 25.91 -22.99
N GLU C 22 -7.07 25.63 -21.79
CA GLU C 22 -8.09 24.63 -21.59
C GLU C 22 -9.34 25.09 -22.33
N LYS C 23 -9.55 26.39 -22.34
CA LYS C 23 -10.70 27.02 -22.99
C LYS C 23 -10.65 26.74 -24.48
N VAL C 24 -9.45 26.81 -25.05
CA VAL C 24 -9.25 26.56 -26.47
C VAL C 24 -9.26 25.07 -26.78
N ARG C 25 -8.69 24.28 -25.88
CA ARG C 25 -8.64 22.83 -26.05
C ARG C 25 -10.07 22.32 -26.17
N GLN C 26 -10.96 22.84 -25.33
CA GLN C 26 -12.35 22.41 -25.35
C GLN C 26 -13.00 22.74 -26.67
N GLU C 27 -12.43 23.70 -27.39
CA GLU C 27 -12.96 24.08 -28.69
C GLU C 27 -12.32 23.28 -29.82
N GLU C 28 -11.02 23.07 -29.74
CA GLU C 28 -10.30 22.35 -30.79
C GLU C 28 -10.28 20.83 -30.65
N HIS C 29 -10.92 20.28 -29.62
CA HIS C 29 -10.94 18.83 -29.45
C HIS C 29 -12.33 18.23 -29.54
N ILE C 30 -12.41 17.02 -30.08
CA ILE C 30 -13.69 16.31 -30.17
C ILE C 30 -13.72 15.46 -28.89
N GLU C 31 -14.50 15.88 -27.90
CA GLU C 31 -14.57 15.12 -26.65
C GLU C 31 -15.53 13.93 -26.81
N LEU C 32 -15.02 12.72 -26.62
CA LEU C 32 -15.86 11.54 -26.72
C LEU C 32 -15.86 10.74 -25.42
N ILE C 33 -15.56 11.44 -24.32
CA ILE C 33 -15.56 10.82 -23.00
C ILE C 33 -17.01 10.79 -22.52
N ALA C 34 -17.55 9.58 -22.40
CA ALA C 34 -18.94 9.37 -21.99
C ALA C 34 -19.43 10.11 -20.75
N SER C 35 -18.55 10.31 -19.78
CA SER C 35 -18.92 10.99 -18.55
C SER C 35 -18.80 12.51 -18.58
N GLU C 36 -18.36 13.07 -19.71
CA GLU C 36 -18.22 14.52 -19.82
C GLU C 36 -19.30 15.19 -20.63
N ASN C 37 -19.34 16.52 -20.59
CA ASN C 37 -20.33 17.31 -21.30
C ASN C 37 -19.88 18.77 -21.24
N TYR C 38 -20.78 19.68 -21.63
CA TYR C 38 -20.51 21.12 -21.60
C TYR C 38 -21.66 21.78 -20.88
N THR C 39 -21.45 22.18 -19.64
CA THR C 39 -22.52 22.81 -18.88
C THR C 39 -22.80 24.23 -19.41
N SER C 40 -24.03 24.71 -19.23
CA SER C 40 -24.38 26.03 -19.74
C SER C 40 -23.69 27.12 -18.95
N PRO C 41 -23.56 28.31 -19.56
CA PRO C 41 -22.90 29.44 -18.89
C PRO C 41 -23.69 29.84 -17.63
N ARG C 42 -24.97 29.46 -17.58
CA ARG C 42 -25.81 29.76 -16.42
C ARG C 42 -25.35 28.99 -15.19
N VAL C 43 -24.88 27.76 -15.42
CA VAL C 43 -24.40 26.93 -14.32
C VAL C 43 -23.05 27.44 -13.86
N MET C 44 -22.26 27.94 -14.79
CA MET C 44 -20.95 28.48 -14.45
C MET C 44 -21.14 29.78 -13.66
N GLN C 45 -22.11 30.58 -14.09
CA GLN C 45 -22.41 31.85 -13.44
C GLN C 45 -22.71 31.60 -11.96
N ALA C 46 -23.52 30.59 -11.70
CA ALA C 46 -23.90 30.24 -10.34
C ALA C 46 -22.66 29.86 -9.52
N GLN C 47 -21.87 28.94 -10.07
CA GLN C 47 -20.68 28.47 -9.40
C GLN C 47 -19.67 29.57 -9.09
N GLY C 48 -19.76 30.69 -9.81
CA GLY C 48 -18.85 31.78 -9.56
C GLY C 48 -19.47 32.86 -8.71
N SER C 49 -20.59 32.56 -8.05
CA SER C 49 -21.29 33.55 -7.23
C SER C 49 -20.74 33.67 -5.82
N GLN C 50 -21.30 34.63 -5.08
CA GLN C 50 -20.87 34.86 -3.71
C GLN C 50 -21.40 33.81 -2.74
N LEU C 51 -22.21 32.88 -3.25
CA LEU C 51 -22.76 31.85 -2.41
C LEU C 51 -21.67 30.94 -1.86
N THR C 52 -20.47 31.08 -2.41
CA THR C 52 -19.34 30.27 -1.97
C THR C 52 -18.88 30.71 -0.57
N ASN C 53 -19.34 31.87 -0.12
CA ASN C 53 -18.97 32.39 1.19
C ASN C 53 -19.77 31.88 2.36
N LYS C 54 -20.98 31.40 2.11
CA LYS C 54 -21.86 30.94 3.19
C LYS C 54 -21.70 29.51 3.70
N TYR C 55 -21.65 29.37 5.02
CA TYR C 55 -21.56 28.07 5.68
C TYR C 55 -23.01 27.77 6.07
N ALA C 56 -23.53 26.64 5.62
CA ALA C 56 -24.91 26.28 5.91
C ALA C 56 -25.14 24.83 6.25
N GLU C 57 -24.51 24.34 7.31
CA GLU C 57 -24.71 22.94 7.70
C GLU C 57 -26.15 22.70 8.14
N GLY C 58 -26.66 21.52 7.83
CA GLY C 58 -28.03 21.17 8.16
C GLY C 58 -28.89 21.24 6.91
N TYR C 59 -30.18 21.44 7.08
CA TYR C 59 -31.06 21.52 5.93
C TYR C 59 -31.91 22.78 6.03
N PRO C 60 -32.52 23.22 4.91
CA PRO C 60 -33.34 24.43 4.98
C PRO C 60 -34.33 24.43 6.15
N GLY C 61 -34.18 25.41 7.04
CA GLY C 61 -35.05 25.49 8.19
C GLY C 61 -34.38 25.00 9.47
N LYS C 62 -33.51 24.00 9.34
CA LYS C 62 -32.79 23.45 10.49
C LYS C 62 -31.29 23.55 10.24
N ARG C 63 -30.77 24.76 10.21
CA ARG C 63 -29.34 24.98 9.98
C ARG C 63 -28.59 25.09 11.30
N TYR C 64 -27.26 25.04 11.24
CA TYR C 64 -26.43 25.18 12.43
C TYR C 64 -25.69 26.52 12.46
N PHE C 65 -26.05 27.40 11.52
CA PHE C 65 -25.46 28.74 11.42
C PHE C 65 -26.58 29.73 11.11
N GLY C 66 -26.35 31.00 11.43
CA GLY C 66 -27.37 32.00 11.13
C GLY C 66 -27.13 32.65 9.78
N GLY C 67 -28.14 33.33 9.27
CA GLY C 67 -28.02 33.99 7.98
C GLY C 67 -28.23 33.09 6.79
N CYS C 68 -28.96 32.01 6.98
CA CYS C 68 -29.22 31.06 5.89
C CYS C 68 -30.60 31.22 5.27
N GLU C 69 -31.12 32.46 5.23
CA GLU C 69 -32.44 32.71 4.68
C GLU C 69 -32.53 32.53 3.18
N TYR C 70 -31.52 33.04 2.49
CA TYR C 70 -31.50 32.97 1.03
C TYR C 70 -30.89 31.70 0.45
N VAL C 71 -29.93 31.12 1.17
CA VAL C 71 -29.32 29.88 0.73
C VAL C 71 -30.35 28.78 0.94
N ASP C 72 -31.27 29.02 1.87
CA ASP C 72 -32.32 28.07 2.16
C ASP C 72 -33.29 28.05 0.98
N ILE C 73 -33.49 29.22 0.38
CA ILE C 73 -34.38 29.29 -0.77
C ILE C 73 -33.73 28.55 -1.92
N VAL C 74 -32.43 28.78 -2.10
CA VAL C 74 -31.67 28.17 -3.17
C VAL C 74 -31.71 26.66 -3.11
N GLU C 75 -31.38 26.10 -1.94
CA GLU C 75 -31.39 24.65 -1.75
C GLU C 75 -32.78 24.03 -1.95
N GLN C 76 -33.82 24.77 -1.57
CA GLN C 76 -35.18 24.27 -1.71
C GLN C 76 -35.54 24.21 -3.20
N LEU C 77 -35.12 25.20 -3.97
CA LEU C 77 -35.36 25.22 -5.41
C LEU C 77 -34.74 23.98 -6.04
N ALA C 78 -33.49 23.68 -5.70
CA ALA C 78 -32.82 22.51 -6.25
C ALA C 78 -33.56 21.23 -5.85
N ILE C 79 -34.00 21.15 -4.60
CA ILE C 79 -34.70 19.97 -4.12
C ILE C 79 -36.05 19.78 -4.81
N ASP C 80 -36.84 20.84 -4.88
CA ASP C 80 -38.14 20.73 -5.54
C ASP C 80 -38.03 20.36 -7.01
N ARG C 81 -37.14 21.02 -7.75
CA ARG C 81 -36.99 20.71 -9.18
C ARG C 81 -36.49 19.28 -9.36
N ALA C 82 -35.58 18.85 -8.49
CA ALA C 82 -35.04 17.50 -8.57
C ALA C 82 -36.16 16.47 -8.44
N LYS C 83 -37.08 16.71 -7.50
CA LYS C 83 -38.19 15.80 -7.26
C LYS C 83 -39.16 15.78 -8.43
N GLU C 84 -39.46 16.96 -8.97
CA GLU C 84 -40.39 17.04 -10.08
C GLU C 84 -39.86 16.45 -11.37
N LEU C 85 -38.58 16.66 -11.64
CA LEU C 85 -38.00 16.12 -12.87
C LEU C 85 -37.92 14.61 -12.89
N PHE C 86 -37.76 13.98 -11.73
CA PHE C 86 -37.63 12.53 -11.66
C PHE C 86 -38.82 11.79 -11.03
N GLY C 87 -39.74 12.52 -10.43
CA GLY C 87 -40.91 11.90 -9.84
C GLY C 87 -40.67 11.27 -8.48
N ALA C 88 -39.76 11.87 -7.72
CA ALA C 88 -39.43 11.37 -6.41
C ALA C 88 -40.13 12.24 -5.39
N ASP C 89 -40.30 11.73 -4.17
CA ASP C 89 -40.93 12.52 -3.13
C ASP C 89 -39.86 12.93 -2.12
N TYR C 90 -38.63 12.51 -2.40
CA TYR C 90 -37.48 12.81 -1.55
C TYR C 90 -36.26 13.09 -2.42
N ALA C 91 -35.51 14.13 -2.07
CA ALA C 91 -34.33 14.48 -2.81
C ALA C 91 -33.31 15.17 -1.91
N ASN C 92 -32.04 14.81 -2.06
CA ASN C 92 -30.98 15.42 -1.26
C ASN C 92 -29.95 15.96 -2.25
N VAL C 93 -29.77 17.27 -2.23
CA VAL C 93 -28.88 17.95 -3.17
C VAL C 93 -27.54 18.37 -2.62
N GLN C 94 -27.19 17.88 -1.44
CA GLN C 94 -25.92 18.27 -0.84
C GLN C 94 -24.66 17.47 -1.15
N PRO C 95 -24.80 16.18 -1.54
CA PRO C 95 -23.60 15.39 -1.84
C PRO C 95 -22.63 16.13 -2.76
N HIS C 96 -21.35 16.19 -2.38
CA HIS C 96 -20.36 16.87 -3.20
C HIS C 96 -20.06 16.19 -4.53
N SER C 97 -20.43 14.92 -4.66
CA SER C 97 -20.14 14.19 -5.89
C SER C 97 -20.88 12.89 -5.95
N GLY C 98 -20.62 12.12 -6.99
CA GLY C 98 -21.25 10.83 -7.14
C GLY C 98 -20.76 9.87 -6.07
N SER C 99 -19.46 9.86 -5.83
CA SER C 99 -18.88 8.98 -4.83
C SER C 99 -19.48 9.27 -3.47
N GLN C 100 -19.58 10.55 -3.13
CA GLN C 100 -20.14 10.97 -1.86
C GLN C 100 -21.61 10.58 -1.74
N ALA C 101 -22.39 10.76 -2.80
CA ALA C 101 -23.78 10.36 -2.73
C ALA C 101 -23.86 8.86 -2.43
N ASN C 102 -23.08 8.06 -3.15
CA ASN C 102 -23.06 6.61 -2.95
C ASN C 102 -22.61 6.24 -1.54
N PHE C 103 -21.55 6.89 -1.07
CA PHE C 103 -21.03 6.62 0.27
C PHE C 103 -22.14 6.81 1.31
N ALA C 104 -22.99 7.81 1.11
CA ALA C 104 -24.07 8.09 2.04
C ALA C 104 -25.04 6.93 2.05
N VAL C 105 -25.45 6.48 0.88
CA VAL C 105 -26.39 5.37 0.79
C VAL C 105 -25.86 4.13 1.51
N TYR C 106 -24.57 3.84 1.36
CA TYR C 106 -23.97 2.68 2.03
C TYR C 106 -24.07 2.80 3.53
N THR C 107 -23.50 3.87 4.06
CA THR C 107 -23.49 4.09 5.50
C THR C 107 -24.88 4.30 6.14
N ALA C 108 -25.88 4.59 5.32
CA ALA C 108 -27.21 4.81 5.85
C ALA C 108 -28.03 3.52 5.89
N LEU C 109 -27.68 2.56 5.04
CA LEU C 109 -28.45 1.32 4.99
C LEU C 109 -27.70 0.06 5.42
N LEU C 110 -26.38 0.11 5.44
CA LEU C 110 -25.61 -1.06 5.80
C LEU C 110 -24.66 -0.87 6.97
N GLU C 111 -24.17 -2.00 7.49
CA GLU C 111 -23.22 -2.02 8.58
C GLU C 111 -21.91 -2.54 7.98
N PRO C 112 -20.76 -2.02 8.45
CA PRO C 112 -19.51 -2.50 7.89
C PRO C 112 -19.51 -4.03 7.89
N GLY C 113 -19.15 -4.62 6.75
CA GLY C 113 -19.13 -6.07 6.68
C GLY C 113 -20.36 -6.71 6.06
N ASP C 114 -21.42 -5.94 5.82
CA ASP C 114 -22.62 -6.53 5.22
C ASP C 114 -22.32 -6.96 3.80
N THR C 115 -23.11 -7.89 3.28
CA THR C 115 -22.91 -8.39 1.93
C THR C 115 -23.66 -7.54 0.90
N VAL C 116 -22.98 -7.24 -0.20
CA VAL C 116 -23.55 -6.42 -1.25
C VAL C 116 -23.31 -7.08 -2.60
N LEU C 117 -24.32 -7.02 -3.44
CA LEU C 117 -24.24 -7.60 -4.77
C LEU C 117 -24.12 -6.42 -5.74
N GLY C 118 -22.94 -6.25 -6.33
CA GLY C 118 -22.73 -5.14 -7.25
C GLY C 118 -22.05 -5.56 -8.55
N MET C 119 -22.23 -4.77 -9.60
CA MET C 119 -21.64 -5.08 -10.90
C MET C 119 -20.14 -4.84 -10.91
N ASN C 120 -19.42 -5.88 -11.32
CA ASN C 120 -17.96 -5.87 -11.42
C ASN C 120 -17.46 -4.69 -12.29
N LEU C 121 -16.35 -4.08 -11.90
CA LEU C 121 -15.81 -2.94 -12.64
C LEU C 121 -15.45 -3.22 -14.11
N ALA C 122 -14.71 -4.28 -14.38
CA ALA C 122 -14.34 -4.59 -15.77
C ALA C 122 -15.58 -4.85 -16.64
N HIS C 123 -16.67 -5.31 -16.03
CA HIS C 123 -17.88 -5.58 -16.78
C HIS C 123 -18.79 -4.36 -16.93
N GLY C 124 -18.35 -3.20 -16.45
CA GLY C 124 -19.14 -1.99 -16.58
C GLY C 124 -19.56 -1.34 -15.28
N GLY C 125 -19.29 -1.96 -14.15
CA GLY C 125 -19.66 -1.37 -12.87
C GLY C 125 -18.69 -0.26 -12.47
N HIS C 126 -19.13 0.61 -11.57
CA HIS C 126 -18.30 1.71 -11.12
C HIS C 126 -17.41 1.34 -9.93
N LEU C 127 -16.36 2.13 -9.70
CA LEU C 127 -15.44 1.91 -8.59
C LEU C 127 -16.19 1.77 -7.28
N THR C 128 -17.15 2.66 -7.05
CA THR C 128 -17.92 2.64 -5.82
C THR C 128 -18.96 1.52 -5.77
N HIS C 129 -18.88 0.58 -6.71
CA HIS C 129 -19.82 -0.54 -6.74
C HIS C 129 -19.17 -1.82 -6.25
N GLY C 130 -18.12 -1.68 -5.45
CA GLY C 130 -17.44 -2.83 -4.90
C GLY C 130 -15.96 -3.04 -5.23
N SER C 131 -15.35 -2.08 -5.91
CA SER C 131 -13.94 -2.22 -6.25
C SER C 131 -13.13 -2.32 -4.97
N PRO C 132 -12.20 -3.28 -4.90
CA PRO C 132 -11.35 -3.52 -3.74
C PRO C 132 -10.40 -2.37 -3.37
N VAL C 133 -10.18 -1.46 -4.31
CA VAL C 133 -9.31 -0.30 -4.06
C VAL C 133 -10.14 0.93 -3.71
N ASN C 134 -11.43 0.73 -3.44
CA ASN C 134 -12.36 1.80 -3.09
C ASN C 134 -13.00 1.49 -1.74
N PHE C 135 -13.54 2.51 -1.08
CA PHE C 135 -14.14 2.27 0.23
C PHE C 135 -15.21 1.19 0.19
N SER C 136 -15.91 1.07 -0.94
CA SER C 136 -16.97 0.07 -1.07
C SER C 136 -16.45 -1.36 -0.89
N GLY C 137 -15.30 -1.64 -1.51
CA GLY C 137 -14.70 -2.96 -1.38
C GLY C 137 -13.97 -3.18 -0.07
N LYS C 138 -13.53 -2.12 0.59
CA LYS C 138 -12.81 -2.26 1.85
C LYS C 138 -13.70 -2.40 3.08
N LEU C 139 -14.83 -1.71 3.07
CA LEU C 139 -15.74 -1.74 4.21
C LEU C 139 -16.86 -2.79 4.15
N TYR C 140 -17.12 -3.33 2.96
CA TYR C 140 -18.19 -4.32 2.84
C TYR C 140 -17.77 -5.60 2.13
N ASN C 141 -18.60 -6.62 2.27
CA ASN C 141 -18.37 -7.92 1.65
C ASN C 141 -19.05 -7.90 0.28
N ILE C 142 -18.27 -7.79 -0.77
CA ILE C 142 -18.84 -7.72 -2.11
C ILE C 142 -18.91 -9.00 -2.92
N VAL C 143 -20.05 -9.24 -3.54
CA VAL C 143 -20.23 -10.39 -4.41
C VAL C 143 -20.47 -9.72 -5.77
N PRO C 144 -19.61 -10.02 -6.76
CA PRO C 144 -19.79 -9.38 -8.07
C PRO C 144 -20.69 -10.12 -9.05
N TYR C 145 -21.11 -9.39 -10.07
CA TYR C 145 -21.93 -9.97 -11.13
C TYR C 145 -21.51 -9.22 -12.39
N GLY C 146 -21.43 -9.92 -13.51
CA GLY C 146 -21.03 -9.28 -14.75
C GLY C 146 -22.07 -9.43 -15.83
N ILE C 147 -21.61 -9.59 -17.07
CA ILE C 147 -22.51 -9.74 -18.21
C ILE C 147 -22.31 -11.05 -18.98
N ASP C 148 -23.32 -11.44 -19.75
CA ASP C 148 -23.30 -12.66 -20.57
C ASP C 148 -22.15 -12.65 -21.55
N ALA C 149 -22.13 -13.70 -22.37
CA ALA C 149 -21.14 -13.81 -23.43
C ALA C 149 -21.82 -13.03 -24.55
N THR C 150 -23.09 -12.68 -24.31
CA THR C 150 -23.93 -11.93 -25.23
C THR C 150 -23.73 -10.43 -25.01
N GLY C 151 -23.14 -10.11 -23.86
CA GLY C 151 -22.87 -8.73 -23.52
C GLY C 151 -23.93 -8.08 -22.63
N HIS C 152 -24.88 -8.86 -22.13
CA HIS C 152 -25.94 -8.32 -21.27
C HIS C 152 -26.03 -9.01 -19.91
N ILE C 153 -26.68 -8.35 -18.96
CA ILE C 153 -26.83 -8.93 -17.63
C ILE C 153 -27.76 -10.13 -17.69
N ASP C 154 -27.39 -11.23 -17.02
CA ASP C 154 -28.24 -12.42 -16.99
C ASP C 154 -29.01 -12.42 -15.68
N TYR C 155 -30.23 -11.92 -15.75
CA TYR C 155 -31.07 -11.82 -14.57
C TYR C 155 -31.36 -13.16 -13.91
N ALA C 156 -31.10 -14.23 -14.63
CA ALA C 156 -31.34 -15.56 -14.09
C ALA C 156 -30.22 -15.89 -13.10
N ASP C 157 -28.99 -15.59 -13.51
CA ASP C 157 -27.82 -15.84 -12.68
C ASP C 157 -27.78 -14.86 -11.50
N LEU C 158 -28.20 -13.62 -11.75
CA LEU C 158 -28.22 -12.60 -10.72
C LEU C 158 -29.10 -13.09 -9.58
N GLU C 159 -30.26 -13.64 -9.94
CA GLU C 159 -31.22 -14.15 -8.98
C GLU C 159 -30.60 -15.30 -8.18
N LYS C 160 -29.88 -16.17 -8.88
CA LYS C 160 -29.23 -17.30 -8.22
C LYS C 160 -28.26 -16.76 -7.18
N GLN C 161 -27.38 -15.83 -7.60
CA GLN C 161 -26.40 -15.23 -6.70
C GLN C 161 -27.07 -14.62 -5.49
N ALA C 162 -28.18 -13.92 -5.74
CA ALA C 162 -28.92 -13.27 -4.68
C ALA C 162 -29.48 -14.29 -3.70
N LYS C 163 -30.07 -15.36 -4.24
CA LYS C 163 -30.67 -16.37 -3.39
C LYS C 163 -29.61 -17.17 -2.63
N GLU C 164 -28.40 -17.27 -3.18
CA GLU C 164 -27.35 -18.03 -2.51
C GLU C 164 -26.55 -17.23 -1.48
N HIS C 165 -26.29 -15.96 -1.75
CA HIS C 165 -25.52 -15.13 -0.85
C HIS C 165 -26.36 -14.25 0.08
N LYS C 166 -27.66 -14.17 -0.20
CA LYS C 166 -28.58 -13.37 0.59
C LYS C 166 -27.93 -12.03 0.95
N PRO C 167 -27.65 -11.18 -0.06
CA PRO C 167 -27.02 -9.86 0.15
C PRO C 167 -28.01 -8.92 0.79
N LYS C 168 -27.52 -7.99 1.62
CA LYS C 168 -28.39 -7.03 2.27
C LYS C 168 -28.79 -5.90 1.31
N MET C 169 -28.05 -5.77 0.22
CA MET C 169 -28.33 -4.75 -0.78
C MET C 169 -27.84 -5.18 -2.15
N ILE C 170 -28.60 -4.84 -3.19
CA ILE C 170 -28.21 -5.17 -4.55
C ILE C 170 -28.05 -3.85 -5.27
N ILE C 171 -26.92 -3.68 -5.95
CA ILE C 171 -26.64 -2.42 -6.66
C ILE C 171 -26.86 -2.53 -8.16
N GLY C 172 -27.67 -1.62 -8.69
CA GLY C 172 -27.95 -1.58 -10.10
C GLY C 172 -27.37 -0.26 -10.58
N GLY C 173 -26.66 -0.28 -11.70
CA GLY C 173 -26.06 0.94 -12.19
C GLY C 173 -24.79 0.55 -12.89
N PHE C 174 -24.16 1.49 -13.59
CA PHE C 174 -22.95 1.19 -14.32
C PHE C 174 -22.23 2.44 -14.82
N SER C 175 -20.98 2.27 -15.23
CA SER C 175 -20.18 3.36 -15.77
C SER C 175 -19.83 3.05 -17.21
N ALA C 176 -19.90 1.77 -17.57
CA ALA C 176 -19.56 1.35 -18.91
C ALA C 176 -20.39 0.21 -19.50
N TYR C 177 -21.70 0.23 -19.28
CA TYR C 177 -22.58 -0.79 -19.84
C TYR C 177 -23.47 -0.03 -20.84
N SER C 178 -23.64 -0.59 -22.04
CA SER C 178 -24.44 0.09 -23.06
C SER C 178 -25.89 -0.39 -23.19
N GLY C 179 -26.27 -1.40 -22.41
CA GLY C 179 -27.63 -1.90 -22.52
C GLY C 179 -28.66 -1.18 -21.68
N VAL C 180 -29.85 -1.78 -21.59
CA VAL C 180 -30.96 -1.25 -20.81
C VAL C 180 -31.10 -2.16 -19.62
N VAL C 181 -31.17 -1.61 -18.42
CA VAL C 181 -31.32 -2.46 -17.25
C VAL C 181 -32.78 -2.54 -16.85
N ASP C 182 -33.21 -3.75 -16.51
CA ASP C 182 -34.58 -3.99 -16.08
C ASP C 182 -34.66 -3.69 -14.58
N TRP C 183 -34.99 -2.44 -14.25
CA TRP C 183 -35.08 -2.03 -12.86
C TRP C 183 -36.15 -2.82 -12.10
N ALA C 184 -37.31 -3.00 -12.73
CA ALA C 184 -38.40 -3.73 -12.09
C ALA C 184 -37.99 -5.17 -11.77
N LYS C 185 -37.24 -5.78 -12.68
CA LYS C 185 -36.77 -7.15 -12.51
C LYS C 185 -35.78 -7.25 -11.36
N MET C 186 -34.93 -6.24 -11.20
CA MET C 186 -33.96 -6.26 -10.12
C MET C 186 -34.67 -6.06 -8.79
N ARG C 187 -35.74 -5.28 -8.82
CA ARG C 187 -36.51 -5.03 -7.61
C ARG C 187 -37.21 -6.33 -7.21
N GLU C 188 -37.65 -7.09 -8.21
CA GLU C 188 -38.29 -8.36 -7.91
C GLU C 188 -37.31 -9.20 -7.11
N ILE C 189 -36.12 -9.37 -7.68
CA ILE C 189 -35.07 -10.17 -7.07
C ILE C 189 -34.75 -9.69 -5.67
N ALA C 190 -34.68 -8.38 -5.49
CA ALA C 190 -34.37 -7.83 -4.18
C ALA C 190 -35.45 -8.24 -3.18
N ASP C 191 -36.70 -8.02 -3.57
CA ASP C 191 -37.84 -8.34 -2.72
C ASP C 191 -37.89 -9.79 -2.25
N SER C 192 -37.47 -10.71 -3.12
CA SER C 192 -37.52 -12.11 -2.76
C SER C 192 -36.61 -12.48 -1.58
N ILE C 193 -35.56 -11.71 -1.37
CA ILE C 193 -34.66 -11.98 -0.26
C ILE C 193 -34.63 -10.83 0.73
N GLY C 194 -35.58 -9.90 0.56
CA GLY C 194 -35.66 -8.77 1.44
C GLY C 194 -34.45 -7.85 1.43
N ALA C 195 -33.85 -7.68 0.26
CA ALA C 195 -32.69 -6.82 0.15
C ALA C 195 -33.10 -5.44 -0.36
N TYR C 196 -32.16 -4.49 -0.31
CA TYR C 196 -32.40 -3.15 -0.79
C TYR C 196 -31.96 -3.03 -2.23
N LEU C 197 -32.75 -2.38 -3.08
CA LEU C 197 -32.31 -2.18 -4.45
C LEU C 197 -31.82 -0.76 -4.55
N PHE C 198 -30.49 -0.62 -4.63
CA PHE C 198 -29.86 0.68 -4.75
C PHE C 198 -29.44 0.88 -6.20
N VAL C 199 -29.97 1.92 -6.84
CA VAL C 199 -29.62 2.20 -8.22
C VAL C 199 -28.88 3.54 -8.39
N ASP C 200 -27.72 3.47 -9.04
CA ASP C 200 -26.85 4.59 -9.32
C ASP C 200 -27.02 4.90 -10.80
N MET C 201 -27.81 5.93 -11.13
CA MET C 201 -28.04 6.26 -12.53
C MET C 201 -27.25 7.46 -13.06
N ALA C 202 -26.10 7.73 -12.45
CA ALA C 202 -25.28 8.87 -12.85
C ALA C 202 -25.14 9.03 -14.37
N HIS C 203 -24.73 7.97 -15.06
CA HIS C 203 -24.53 8.04 -16.50
C HIS C 203 -25.78 8.29 -17.35
N VAL C 204 -26.92 7.72 -16.93
CA VAL C 204 -28.16 7.87 -17.69
C VAL C 204 -29.20 8.84 -17.13
N ALA C 205 -28.84 9.62 -16.11
CA ALA C 205 -29.77 10.57 -15.51
C ALA C 205 -30.37 11.52 -16.53
N GLY C 206 -29.53 11.97 -17.46
CA GLY C 206 -30.01 12.87 -18.49
C GLY C 206 -31.04 12.18 -19.38
N LEU C 207 -30.70 10.99 -19.86
CA LEU C 207 -31.59 10.24 -20.72
C LEU C 207 -32.90 9.93 -20.01
N VAL C 208 -32.83 9.61 -18.72
CA VAL C 208 -34.04 9.30 -17.95
C VAL C 208 -34.88 10.55 -17.88
N ALA C 209 -34.24 11.68 -17.58
CA ALA C 209 -34.95 12.95 -17.50
C ALA C 209 -35.78 13.21 -18.75
N ALA C 210 -35.22 12.93 -19.92
CA ALA C 210 -35.92 13.16 -21.18
C ALA C 210 -36.92 12.02 -21.50
N GLY C 211 -36.82 10.93 -20.74
CA GLY C 211 -37.71 9.81 -20.95
C GLY C 211 -37.17 8.87 -22.02
N VAL C 212 -35.88 8.97 -22.29
CA VAL C 212 -35.26 8.13 -23.31
C VAL C 212 -34.69 6.83 -22.76
N TYR C 213 -34.71 6.67 -21.44
CA TYR C 213 -34.17 5.47 -20.80
C TYR C 213 -35.07 5.20 -19.60
N PRO C 214 -35.31 3.92 -19.28
CA PRO C 214 -36.15 3.54 -18.14
C PRO C 214 -35.79 4.26 -16.85
N ASN C 215 -36.78 4.88 -16.22
CA ASN C 215 -36.55 5.58 -14.97
C ASN C 215 -36.55 4.54 -13.84
N PRO C 216 -35.49 4.51 -13.03
CA PRO C 216 -35.37 3.56 -11.91
C PRO C 216 -36.00 4.01 -10.60
N VAL C 217 -36.31 5.31 -10.50
CA VAL C 217 -36.88 5.86 -9.27
C VAL C 217 -38.07 5.08 -8.68
N PRO C 218 -39.02 4.65 -9.52
CA PRO C 218 -40.18 3.91 -9.01
C PRO C 218 -39.96 2.42 -8.72
N HIS C 219 -38.73 1.94 -8.82
CA HIS C 219 -38.46 0.52 -8.57
C HIS C 219 -37.40 0.30 -7.50
N ALA C 220 -36.56 1.31 -7.28
CA ALA C 220 -35.49 1.19 -6.29
C ALA C 220 -35.85 1.85 -4.98
N HIS C 221 -35.30 1.35 -3.88
CA HIS C 221 -35.55 1.95 -2.58
C HIS C 221 -34.85 3.32 -2.53
N VAL C 222 -33.67 3.39 -3.17
CA VAL C 222 -32.88 4.61 -3.20
C VAL C 222 -32.13 4.72 -4.52
N VAL C 223 -32.04 5.94 -5.04
CA VAL C 223 -31.35 6.21 -6.29
C VAL C 223 -30.34 7.36 -6.13
N THR C 224 -29.21 7.25 -6.81
CA THR C 224 -28.22 8.32 -6.75
C THR C 224 -27.85 8.65 -8.17
N THR C 225 -27.29 9.83 -8.35
CA THR C 225 -26.87 10.30 -9.66
C THR C 225 -25.95 11.51 -9.51
N THR C 226 -25.14 11.77 -10.52
CA THR C 226 -24.30 12.93 -10.50
C THR C 226 -25.14 13.94 -11.30
N THR C 227 -24.73 15.19 -11.31
CA THR C 227 -25.46 16.21 -12.03
C THR C 227 -24.67 16.69 -13.22
N HIS C 228 -23.46 16.18 -13.37
CA HIS C 228 -22.56 16.61 -14.45
C HIS C 228 -22.35 15.71 -15.67
N LYS C 229 -23.09 14.62 -15.79
CA LYS C 229 -22.92 13.74 -16.95
C LYS C 229 -23.97 14.05 -18.02
N THR C 230 -24.83 13.10 -18.33
CA THR C 230 -25.84 13.37 -19.35
C THR C 230 -26.83 14.44 -18.87
N LEU C 231 -26.89 14.67 -17.57
CA LEU C 231 -27.77 15.70 -17.04
C LEU C 231 -27.22 17.10 -17.42
N ALA C 232 -25.95 17.12 -17.84
CA ALA C 232 -25.25 18.33 -18.27
C ALA C 232 -25.16 19.48 -17.29
N GLY C 233 -25.19 19.18 -16.00
CA GLY C 233 -25.11 20.24 -15.00
C GLY C 233 -23.74 20.34 -14.34
N PRO C 234 -23.64 20.94 -13.15
CA PRO C 234 -22.37 21.10 -12.43
C PRO C 234 -21.92 19.77 -11.84
N ARG C 235 -20.66 19.69 -11.43
CA ARG C 235 -20.16 18.45 -10.84
C ARG C 235 -20.71 18.35 -9.42
N GLY C 236 -21.49 17.32 -9.19
CA GLY C 236 -22.07 17.11 -7.88
C GLY C 236 -22.87 15.82 -7.79
N GLY C 237 -23.32 15.51 -6.59
CA GLY C 237 -24.09 14.30 -6.37
C GLY C 237 -25.52 14.62 -6.05
N LEU C 238 -26.38 13.60 -6.07
CA LEU C 238 -27.78 13.79 -5.80
C LEU C 238 -28.39 12.49 -5.33
N ILE C 239 -29.23 12.53 -4.31
CA ILE C 239 -29.91 11.34 -3.84
C ILE C 239 -31.43 11.52 -4.07
N LEU C 240 -32.07 10.48 -4.60
CA LEU C 240 -33.50 10.51 -4.90
C LEU C 240 -34.16 9.27 -4.35
N ALA C 241 -35.43 9.38 -4.02
CA ALA C 241 -36.17 8.24 -3.50
C ALA C 241 -37.66 8.48 -3.63
N LYS C 242 -38.43 7.40 -3.68
CA LYS C 242 -39.87 7.49 -3.79
C LYS C 242 -40.52 6.35 -3.03
N GLY C 243 -41.60 6.67 -2.30
CA GLY C 243 -42.33 5.68 -1.55
C GLY C 243 -41.65 5.18 -0.29
N GLY C 244 -40.58 5.83 0.12
CA GLY C 244 -39.91 5.40 1.32
C GLY C 244 -40.61 5.94 2.54
N SER C 245 -40.15 5.54 3.73
CA SER C 245 -40.74 6.00 4.97
C SER C 245 -39.97 7.18 5.54
N GLU C 246 -40.56 7.83 6.54
CA GLU C 246 -39.94 8.96 7.21
C GLU C 246 -38.57 8.54 7.70
N GLU C 247 -38.53 7.37 8.34
CA GLU C 247 -37.30 6.82 8.90
C GLU C 247 -36.16 6.72 7.88
N LEU C 248 -36.43 6.12 6.73
CA LEU C 248 -35.44 5.95 5.69
C LEU C 248 -34.87 7.27 5.19
N TYR C 249 -35.73 8.28 5.08
CA TYR C 249 -35.29 9.58 4.61
C TYR C 249 -34.52 10.31 5.70
N LYS C 250 -34.83 10.03 6.95
CA LYS C 250 -34.12 10.66 8.04
C LYS C 250 -32.72 10.08 8.02
N LYS C 251 -32.63 8.77 7.86
CA LYS C 251 -31.32 8.13 7.82
C LYS C 251 -30.50 8.69 6.67
N LEU C 252 -31.11 8.79 5.49
CA LEU C 252 -30.40 9.32 4.34
C LEU C 252 -29.90 10.75 4.59
N ASN C 253 -30.72 11.59 5.21
CA ASN C 253 -30.27 12.95 5.47
C ASN C 253 -29.12 12.99 6.46
N SER C 254 -29.15 12.09 7.44
CA SER C 254 -28.09 12.01 8.45
C SER C 254 -26.80 11.46 7.87
N ALA C 255 -26.93 10.49 6.95
CA ALA C 255 -25.78 9.89 6.30
C ALA C 255 -24.98 10.96 5.57
N VAL C 256 -25.67 11.87 4.87
CA VAL C 256 -25.00 12.94 4.16
C VAL C 256 -24.39 13.92 5.17
N PHE C 257 -25.17 14.33 6.17
CA PHE C 257 -24.69 15.24 7.22
C PHE C 257 -25.44 15.03 8.53
N PRO C 258 -24.71 14.93 9.66
CA PRO C 258 -23.26 15.00 9.84
C PRO C 258 -22.51 13.72 9.51
N GLY C 259 -23.22 12.73 8.99
CA GLY C 259 -22.58 11.46 8.65
C GLY C 259 -21.28 11.48 7.87
N GLY C 260 -21.31 11.93 6.61
CA GLY C 260 -20.09 11.93 5.82
C GLY C 260 -19.60 13.24 5.23
N GLN C 261 -20.31 14.34 5.48
CA GLN C 261 -19.86 15.62 4.94
C GLN C 261 -20.01 16.73 5.95
N GLY C 262 -19.42 17.88 5.63
CA GLY C 262 -19.51 19.02 6.51
C GLY C 262 -20.45 19.98 5.84
N GLY C 263 -19.98 21.21 5.60
CA GLY C 263 -20.85 22.18 4.95
C GLY C 263 -20.99 21.90 3.47
N PRO C 264 -22.16 22.13 2.89
CA PRO C 264 -22.34 21.89 1.45
C PRO C 264 -21.80 23.08 0.65
N LEU C 265 -21.79 22.95 -0.67
CA LEU C 265 -21.31 24.02 -1.54
C LEU C 265 -22.52 24.74 -2.12
N MET C 266 -23.02 25.72 -1.38
CA MET C 266 -24.21 26.43 -1.81
C MET C 266 -24.13 27.02 -3.21
N HIS C 267 -22.94 27.39 -3.65
CA HIS C 267 -22.79 27.94 -4.99
C HIS C 267 -22.94 26.86 -6.06
N VAL C 268 -22.59 25.63 -5.71
CA VAL C 268 -22.71 24.53 -6.65
C VAL C 268 -24.17 24.08 -6.67
N ILE C 269 -24.83 24.15 -5.51
CA ILE C 269 -26.23 23.76 -5.42
C ILE C 269 -27.09 24.73 -6.22
N ALA C 270 -26.67 25.98 -6.29
CA ALA C 270 -27.39 26.98 -7.07
C ALA C 270 -27.31 26.52 -8.51
N GLY C 271 -26.11 26.10 -8.91
CA GLY C 271 -25.93 25.62 -10.26
C GLY C 271 -26.78 24.40 -10.52
N LYS C 272 -26.87 23.51 -9.55
CA LYS C 272 -27.68 22.31 -9.71
C LYS C 272 -29.11 22.73 -9.96
N ALA C 273 -29.56 23.73 -9.22
CA ALA C 273 -30.92 24.21 -9.35
C ALA C 273 -31.22 24.77 -10.72
N VAL C 274 -30.28 25.48 -11.32
CA VAL C 274 -30.56 26.04 -12.63
C VAL C 274 -30.44 25.00 -13.73
N ALA C 275 -29.59 23.99 -13.52
CA ALA C 275 -29.42 22.93 -14.52
C ALA C 275 -30.63 22.00 -14.54
N LEU C 276 -31.22 21.78 -13.38
CA LEU C 276 -32.40 20.94 -13.30
C LEU C 276 -33.58 21.64 -13.95
N LYS C 277 -33.49 22.97 -14.10
CA LYS C 277 -34.57 23.70 -14.75
C LYS C 277 -34.38 23.58 -16.25
N GLU C 278 -33.13 23.63 -16.67
CA GLU C 278 -32.84 23.50 -18.09
C GLU C 278 -33.18 22.09 -18.58
N ALA C 279 -33.05 21.10 -17.70
CA ALA C 279 -33.35 19.73 -18.07
C ALA C 279 -34.85 19.57 -18.31
N MET C 280 -35.60 20.60 -17.98
CA MET C 280 -37.06 20.57 -18.15
C MET C 280 -37.53 21.13 -19.50
N GLU C 281 -36.60 21.72 -20.24
CA GLU C 281 -36.91 22.29 -21.54
C GLU C 281 -37.19 21.20 -22.58
N PRO C 282 -38.05 21.48 -23.55
CA PRO C 282 -38.38 20.52 -24.60
C PRO C 282 -37.15 20.25 -25.45
N GLU C 283 -36.33 21.27 -25.63
CA GLU C 283 -35.12 21.14 -26.44
C GLU C 283 -34.19 20.15 -25.77
N PHE C 284 -34.35 19.97 -24.47
CA PHE C 284 -33.51 19.05 -23.71
C PHE C 284 -33.89 17.61 -24.00
N LYS C 285 -35.18 17.41 -24.26
CA LYS C 285 -35.69 16.08 -24.56
C LYS C 285 -35.24 15.63 -25.95
N THR C 286 -35.25 16.55 -26.91
CA THR C 286 -34.83 16.21 -28.26
C THR C 286 -33.31 16.09 -28.29
N TYR C 287 -32.65 16.73 -27.33
CA TYR C 287 -31.20 16.69 -27.25
C TYR C 287 -30.75 15.28 -26.87
N GLN C 288 -31.37 14.71 -25.84
CA GLN C 288 -31.04 13.36 -25.42
C GLN C 288 -31.33 12.36 -26.53
N GLN C 289 -32.38 12.61 -27.30
CA GLN C 289 -32.76 11.74 -28.40
C GLN C 289 -31.66 11.68 -29.44
N GLN C 290 -31.05 12.84 -29.70
CA GLN C 290 -29.95 12.93 -30.66
C GLN C 290 -28.75 12.17 -30.10
N VAL C 291 -28.52 12.31 -28.80
CA VAL C 291 -27.42 11.65 -28.13
C VAL C 291 -27.49 10.15 -28.36
N ALA C 292 -28.61 9.53 -28.01
CA ALA C 292 -28.78 8.09 -28.19
C ALA C 292 -28.65 7.76 -29.68
N LYS C 293 -29.29 8.57 -30.50
CA LYS C 293 -29.29 8.38 -31.94
C LYS C 293 -27.86 8.43 -32.50
N ASN C 294 -27.07 9.42 -32.09
CA ASN C 294 -25.70 9.54 -32.56
C ASN C 294 -24.87 8.36 -32.10
N ALA C 295 -25.14 7.86 -30.90
CA ALA C 295 -24.40 6.73 -30.37
C ALA C 295 -24.56 5.53 -31.29
N LYS C 296 -25.79 5.31 -31.74
CA LYS C 296 -26.08 4.18 -32.62
C LYS C 296 -25.36 4.32 -33.95
N ALA C 297 -25.31 5.55 -34.47
CA ALA C 297 -24.67 5.80 -35.75
C ALA C 297 -23.17 5.51 -35.73
N MET C 298 -22.52 5.79 -34.61
CA MET C 298 -21.09 5.54 -34.49
C MET C 298 -20.83 4.04 -34.38
N VAL C 299 -21.72 3.33 -33.68
CA VAL C 299 -21.59 1.89 -33.50
C VAL C 299 -21.64 1.14 -34.83
N GLU C 300 -22.58 1.53 -35.71
CA GLU C 300 -22.71 0.93 -37.02
C GLU C 300 -21.37 0.96 -37.73
N VAL C 301 -20.83 2.17 -37.89
CA VAL C 301 -19.55 2.35 -38.56
C VAL C 301 -18.44 1.48 -37.95
N PHE C 302 -18.34 1.46 -36.64
CA PHE C 302 -17.31 0.65 -36.00
C PHE C 302 -17.42 -0.84 -36.33
N LEU C 303 -18.64 -1.34 -36.43
CA LEU C 303 -18.86 -2.75 -36.77
C LEU C 303 -18.54 -3.00 -38.23
N GLU C 304 -18.97 -2.07 -39.10
CA GLU C 304 -18.70 -2.19 -40.53
C GLU C 304 -17.19 -2.12 -40.79
N ARG C 305 -16.45 -1.55 -39.87
CA ARG C 305 -15.01 -1.42 -40.03
C ARG C 305 -14.23 -2.56 -39.37
N GLY C 306 -14.96 -3.54 -38.85
CA GLY C 306 -14.31 -4.69 -38.23
C GLY C 306 -13.87 -4.53 -36.78
N TYR C 307 -14.57 -3.70 -36.02
CA TYR C 307 -14.23 -3.52 -34.61
C TYR C 307 -15.25 -4.16 -33.70
N LYS C 308 -14.76 -4.80 -32.64
CA LYS C 308 -15.62 -5.46 -31.68
C LYS C 308 -16.23 -4.49 -30.68
N VAL C 309 -17.54 -4.33 -30.75
CA VAL C 309 -18.26 -3.44 -29.85
C VAL C 309 -18.96 -4.32 -28.81
N VAL C 310 -18.56 -4.18 -27.55
CA VAL C 310 -19.13 -4.97 -26.46
C VAL C 310 -20.65 -4.86 -26.49
N SER C 311 -21.33 -5.96 -26.20
CA SER C 311 -22.81 -6.01 -26.19
C SER C 311 -23.40 -5.91 -27.60
N GLY C 312 -22.54 -5.87 -28.61
CA GLY C 312 -23.01 -5.80 -29.98
C GLY C 312 -23.70 -4.50 -30.38
N GLY C 313 -23.93 -3.61 -29.43
CA GLY C 313 -24.59 -2.37 -29.78
C GLY C 313 -24.78 -1.45 -28.60
N THR C 314 -25.69 -0.49 -28.74
CA THR C 314 -25.95 0.45 -27.67
C THR C 314 -27.39 0.90 -27.59
N ASP C 315 -27.86 1.06 -26.36
CA ASP C 315 -29.23 1.51 -26.08
C ASP C 315 -29.16 2.78 -25.24
N ASN C 316 -27.99 3.39 -25.18
CA ASN C 316 -27.82 4.62 -24.43
C ASN C 316 -26.83 5.57 -25.08
N HIS C 317 -26.12 6.34 -24.28
CA HIS C 317 -25.17 7.32 -24.81
C HIS C 317 -23.75 6.80 -25.07
N LEU C 318 -23.45 5.60 -24.60
CA LEU C 318 -22.09 5.08 -24.78
C LEU C 318 -21.94 3.65 -25.33
N PHE C 319 -20.69 3.27 -25.55
CA PHE C 319 -20.36 1.93 -26.03
C PHE C 319 -18.86 1.69 -25.85
N LEU C 320 -18.50 0.41 -25.72
CA LEU C 320 -17.10 0.02 -25.54
C LEU C 320 -16.58 -0.63 -26.80
N VAL C 321 -15.30 -0.38 -27.09
CA VAL C 321 -14.64 -0.98 -28.24
C VAL C 321 -13.51 -1.87 -27.73
N ASP C 322 -13.70 -3.18 -27.84
CA ASP C 322 -12.73 -4.18 -27.41
C ASP C 322 -11.62 -4.26 -28.46
N LEU C 323 -10.40 -3.93 -28.05
CA LEU C 323 -9.26 -3.94 -28.96
C LEU C 323 -8.30 -5.09 -28.77
N VAL C 324 -8.72 -6.13 -28.04
CA VAL C 324 -7.86 -7.27 -27.81
C VAL C 324 -7.44 -7.96 -29.12
N ASP C 325 -8.40 -8.24 -29.98
CA ASP C 325 -8.13 -8.89 -31.26
C ASP C 325 -7.29 -8.04 -32.22
N LYS C 326 -7.09 -6.77 -31.88
CA LYS C 326 -6.31 -5.89 -32.73
C LYS C 326 -4.92 -5.69 -32.13
N ASN C 327 -4.65 -6.37 -31.02
CA ASN C 327 -3.35 -6.26 -30.36
C ASN C 327 -3.00 -4.82 -30.03
N LEU C 328 -3.95 -4.13 -29.41
CA LEU C 328 -3.77 -2.75 -29.02
C LEU C 328 -4.25 -2.57 -27.59
N THR C 329 -3.59 -1.68 -26.86
CA THR C 329 -4.01 -1.39 -25.50
C THR C 329 -4.83 -0.11 -25.54
N GLY C 330 -5.78 0.02 -24.60
CA GLY C 330 -6.59 1.21 -24.56
C GLY C 330 -5.69 2.43 -24.44
N LYS C 331 -4.59 2.25 -23.72
CA LYS C 331 -3.64 3.33 -23.51
C LYS C 331 -3.05 3.80 -24.84
N GLU C 332 -2.79 2.86 -25.76
CA GLU C 332 -2.23 3.18 -27.07
C GLU C 332 -3.29 3.88 -27.94
N ALA C 333 -4.47 3.29 -28.02
CA ALA C 333 -5.55 3.86 -28.80
C ALA C 333 -5.81 5.28 -28.33
N ASP C 334 -6.04 5.42 -27.03
CA ASP C 334 -6.30 6.72 -26.41
C ASP C 334 -5.27 7.74 -26.85
N ALA C 335 -3.99 7.40 -26.69
CA ALA C 335 -2.89 8.29 -27.05
C ALA C 335 -2.85 8.62 -28.55
N ALA C 336 -3.16 7.64 -29.40
CA ALA C 336 -3.13 7.85 -30.84
C ALA C 336 -4.25 8.79 -31.26
N LEU C 337 -5.46 8.49 -30.82
CA LEU C 337 -6.62 9.31 -31.15
C LEU C 337 -6.43 10.73 -30.62
N GLY C 338 -5.72 10.85 -29.51
CA GLY C 338 -5.49 12.15 -28.91
C GLY C 338 -4.66 13.05 -29.81
N ARG C 339 -3.63 12.50 -30.43
CA ARG C 339 -2.77 13.28 -31.31
C ARG C 339 -3.55 13.78 -32.52
N ALA C 340 -4.74 13.19 -32.73
CA ALA C 340 -5.60 13.59 -33.84
C ALA C 340 -6.73 14.47 -33.31
N ASN C 341 -6.54 14.97 -32.08
CA ASN C 341 -7.50 15.86 -31.41
C ASN C 341 -8.86 15.22 -31.12
N ILE C 342 -8.85 13.90 -30.97
CA ILE C 342 -10.06 13.14 -30.66
C ILE C 342 -9.82 12.54 -29.27
N THR C 343 -10.46 13.12 -28.26
CA THR C 343 -10.30 12.67 -26.88
C THR C 343 -11.31 11.64 -26.39
N VAL C 344 -10.80 10.49 -26.00
CA VAL C 344 -11.62 9.40 -25.49
C VAL C 344 -10.97 9.04 -24.15
N ASN C 345 -11.13 7.81 -23.70
CA ASN C 345 -10.49 7.36 -22.47
C ASN C 345 -10.34 5.85 -22.49
N LYS C 346 -9.15 5.38 -22.15
CA LYS C 346 -8.87 3.94 -22.07
C LYS C 346 -9.86 3.32 -21.09
N ASN C 347 -10.42 2.16 -21.44
CA ASN C 347 -11.38 1.55 -20.54
C ASN C 347 -11.23 0.06 -20.48
N SER C 348 -11.35 -0.50 -19.28
CA SER C 348 -11.25 -1.94 -19.12
C SER C 348 -12.46 -2.53 -19.80
N VAL C 349 -12.32 -3.75 -20.31
CA VAL C 349 -13.44 -4.43 -20.97
C VAL C 349 -13.62 -5.75 -20.24
N PRO C 350 -14.72 -6.46 -20.52
CA PRO C 350 -14.94 -7.73 -19.83
C PRO C 350 -13.81 -8.73 -20.11
N ASN C 351 -13.31 -9.35 -19.05
CA ASN C 351 -12.22 -10.34 -19.14
C ASN C 351 -10.94 -9.70 -19.68
N ASP C 352 -10.78 -8.41 -19.40
CA ASP C 352 -9.63 -7.65 -19.86
C ASP C 352 -8.34 -8.23 -19.29
N PRO C 353 -7.41 -8.61 -20.18
CA PRO C 353 -6.12 -9.19 -19.78
C PRO C 353 -5.15 -8.16 -19.18
N LYS C 354 -5.45 -6.88 -19.39
CA LYS C 354 -4.60 -5.80 -18.88
C LYS C 354 -5.21 -5.15 -17.63
N SER C 355 -4.38 -4.42 -16.89
CA SER C 355 -4.83 -3.74 -15.68
C SER C 355 -5.56 -2.45 -16.05
N PRO C 356 -6.39 -1.92 -15.14
CA PRO C 356 -7.18 -0.69 -15.30
C PRO C 356 -6.46 0.52 -15.90
N PHE C 357 -5.16 0.64 -15.67
CA PHE C 357 -4.40 1.77 -16.19
C PHE C 357 -3.97 1.57 -17.64
N VAL C 358 -3.94 0.31 -18.08
CA VAL C 358 -3.54 0.00 -19.44
C VAL C 358 -4.76 -0.32 -20.30
N THR C 359 -5.54 -1.33 -19.88
CA THR C 359 -6.75 -1.78 -20.57
C THR C 359 -6.60 -2.27 -22.02
N SER C 360 -7.65 -2.94 -22.50
CA SER C 360 -7.65 -3.47 -23.84
C SER C 360 -8.81 -2.89 -24.63
N GLY C 361 -9.20 -1.65 -24.31
CA GLY C 361 -10.29 -1.03 -25.02
C GLY C 361 -10.47 0.45 -24.74
N ILE C 362 -11.44 1.05 -25.42
CA ILE C 362 -11.74 2.46 -25.24
C ILE C 362 -13.25 2.64 -25.11
N ARG C 363 -13.66 3.63 -24.34
CA ARG C 363 -15.08 3.91 -24.13
C ARG C 363 -15.43 5.17 -24.93
N VAL C 364 -16.57 5.15 -25.59
CA VAL C 364 -17.01 6.29 -26.39
C VAL C 364 -18.40 6.78 -26.01
N GLY C 365 -18.54 8.10 -25.96
CA GLY C 365 -19.82 8.71 -25.60
C GLY C 365 -20.14 9.85 -26.54
N THR C 366 -21.44 10.04 -26.78
CA THR C 366 -21.92 11.07 -27.68
C THR C 366 -22.50 12.34 -27.05
N PRO C 367 -22.68 12.37 -25.72
CA PRO C 367 -23.24 13.57 -25.08
C PRO C 367 -22.60 14.90 -25.46
N ALA C 368 -21.26 14.95 -25.44
CA ALA C 368 -20.53 16.17 -25.76
C ALA C 368 -20.73 16.68 -27.18
N ILE C 369 -20.40 15.85 -28.17
CA ILE C 369 -20.53 16.24 -29.58
C ILE C 369 -21.99 16.53 -29.95
N THR C 370 -22.93 15.84 -29.32
CA THR C 370 -24.33 16.07 -29.60
C THR C 370 -24.70 17.46 -29.12
N ARG C 371 -24.31 17.81 -27.89
CA ARG C 371 -24.60 19.12 -27.32
C ARG C 371 -23.89 20.20 -28.11
N ARG C 372 -22.91 19.77 -28.89
CA ARG C 372 -22.10 20.65 -29.71
C ARG C 372 -22.71 20.88 -31.10
N GLY C 373 -23.73 20.10 -31.45
CA GLY C 373 -24.36 20.27 -32.75
C GLY C 373 -24.30 19.07 -33.69
N PHE C 374 -23.39 18.14 -33.46
CA PHE C 374 -23.26 16.96 -34.30
C PHE C 374 -24.55 16.17 -34.38
N LYS C 375 -24.75 15.54 -35.53
CA LYS C 375 -25.91 14.69 -35.78
C LYS C 375 -25.40 13.44 -36.46
N GLU C 376 -26.28 12.51 -36.79
CA GLU C 376 -25.87 11.25 -37.40
C GLU C 376 -24.81 11.34 -38.49
N ALA C 377 -24.94 12.31 -39.38
CA ALA C 377 -23.98 12.50 -40.47
C ALA C 377 -22.58 12.78 -39.93
N GLU C 378 -22.45 13.77 -39.06
CA GLU C 378 -21.16 14.13 -38.49
C GLU C 378 -20.59 13.00 -37.64
N ALA C 379 -21.47 12.33 -36.90
CA ALA C 379 -21.08 11.22 -36.02
C ALA C 379 -20.55 10.02 -36.79
N LYS C 380 -21.17 9.70 -37.92
CA LYS C 380 -20.74 8.57 -38.71
C LYS C 380 -19.36 8.89 -39.28
N GLU C 381 -19.20 10.14 -39.70
CA GLU C 381 -17.94 10.59 -40.26
C GLU C 381 -16.82 10.58 -39.22
N LEU C 382 -17.16 10.98 -37.99
CA LEU C 382 -16.18 11.01 -36.91
C LEU C 382 -15.74 9.57 -36.60
N ALA C 383 -16.72 8.68 -36.45
CA ALA C 383 -16.44 7.27 -36.17
C ALA C 383 -15.48 6.75 -37.23
N GLY C 384 -15.72 7.15 -38.47
CA GLY C 384 -14.86 6.73 -39.56
C GLY C 384 -13.43 7.18 -39.39
N TRP C 385 -13.23 8.45 -39.09
CA TRP C 385 -11.87 8.97 -38.88
C TRP C 385 -11.18 8.20 -37.77
N MET C 386 -11.95 7.88 -36.74
CA MET C 386 -11.41 7.15 -35.60
C MET C 386 -10.85 5.81 -36.07
N CYS C 387 -11.65 5.06 -36.81
CA CYS C 387 -11.22 3.76 -37.33
C CYS C 387 -10.01 3.93 -38.24
N ASP C 388 -9.92 5.06 -38.94
CA ASP C 388 -8.79 5.31 -39.81
C ASP C 388 -7.53 5.39 -38.95
N VAL C 389 -7.62 6.08 -37.83
CA VAL C 389 -6.48 6.21 -36.94
C VAL C 389 -6.11 4.86 -36.35
N LEU C 390 -7.10 4.15 -35.81
CA LEU C 390 -6.84 2.84 -35.22
C LEU C 390 -6.22 1.89 -36.25
N ASP C 391 -6.75 1.91 -37.47
CA ASP C 391 -6.24 1.04 -38.54
C ASP C 391 -4.74 1.26 -38.79
N SER C 392 -4.33 2.52 -38.84
CA SER C 392 -2.93 2.86 -39.09
C SER C 392 -2.40 3.63 -37.88
N ILE C 393 -2.48 3.02 -36.71
CA ILE C 393 -2.06 3.64 -35.46
C ILE C 393 -0.61 4.15 -35.42
N ASN C 394 0.22 3.66 -36.33
CA ASN C 394 1.62 4.07 -36.37
C ASN C 394 1.92 5.05 -37.50
N ASP C 395 0.93 5.30 -38.35
CA ASP C 395 1.11 6.19 -39.47
C ASP C 395 0.86 7.65 -39.07
N GLU C 396 1.94 8.38 -38.85
CA GLU C 396 1.86 9.78 -38.44
C GLU C 396 1.21 10.65 -39.50
N ALA C 397 1.24 10.19 -40.76
CA ALA C 397 0.63 10.95 -41.84
C ALA C 397 -0.89 10.82 -41.78
N VAL C 398 -1.35 9.64 -41.34
CA VAL C 398 -2.78 9.39 -41.23
C VAL C 398 -3.33 10.23 -40.08
N ILE C 399 -2.64 10.19 -38.95
CA ILE C 399 -3.05 10.95 -37.78
C ILE C 399 -3.08 12.45 -38.07
N GLU C 400 -2.06 12.95 -38.78
CA GLU C 400 -1.99 14.36 -39.13
C GLU C 400 -3.15 14.80 -40.02
N ARG C 401 -3.50 13.94 -40.97
CA ARG C 401 -4.58 14.23 -41.90
C ARG C 401 -5.91 14.34 -41.20
N ILE C 402 -6.12 13.49 -40.19
CA ILE C 402 -7.36 13.50 -39.43
C ILE C 402 -7.44 14.73 -38.53
N LYS C 403 -6.30 15.14 -37.99
CA LYS C 403 -6.27 16.31 -37.13
C LYS C 403 -6.85 17.48 -37.92
N GLY C 404 -6.40 17.61 -39.17
CA GLY C 404 -6.89 18.66 -40.02
C GLY C 404 -8.40 18.58 -40.15
N LYS C 405 -8.91 17.39 -40.44
CA LYS C 405 -10.35 17.21 -40.58
C LYS C 405 -11.06 17.54 -39.28
N VAL C 406 -10.38 17.31 -38.16
CA VAL C 406 -10.96 17.59 -36.85
C VAL C 406 -10.97 19.09 -36.57
N LEU C 407 -9.80 19.73 -36.64
CA LEU C 407 -9.72 21.18 -36.39
C LEU C 407 -10.64 21.93 -37.33
N ASP C 408 -11.00 21.30 -38.43
CA ASP C 408 -11.88 21.89 -39.41
C ASP C 408 -13.33 21.82 -38.91
N ILE C 409 -13.84 20.62 -38.69
CA ILE C 409 -15.22 20.46 -38.24
C ILE C 409 -15.48 21.13 -36.90
N CYS C 410 -14.43 21.27 -36.09
CA CYS C 410 -14.57 21.89 -34.78
C CYS C 410 -14.94 23.36 -34.92
N ALA C 411 -14.31 24.04 -35.87
CA ALA C 411 -14.60 25.45 -36.10
C ALA C 411 -16.04 25.65 -36.55
N ARG C 412 -16.55 24.73 -37.38
CA ARG C 412 -17.91 24.81 -37.87
C ARG C 412 -18.94 24.57 -36.76
N TYR C 413 -18.56 23.83 -35.73
CA TYR C 413 -19.47 23.58 -34.61
C TYR C 413 -18.80 23.99 -33.31
N PRO C 414 -18.72 25.30 -33.05
CA PRO C 414 -18.09 25.81 -31.83
C PRO C 414 -18.90 25.44 -30.60
N VAL C 415 -18.22 25.17 -29.48
CA VAL C 415 -18.90 24.79 -28.24
C VAL C 415 -19.63 25.96 -27.61
N TYR C 416 -18.87 26.99 -27.24
CA TYR C 416 -19.46 28.17 -26.64
C TYR C 416 -19.43 29.30 -27.64
N ALA C 417 -20.51 29.44 -28.39
CA ALA C 417 -20.60 30.49 -29.39
C ALA C 417 -20.86 31.83 -28.72
N MET D 1 -27.33 26.51 -29.42
CA MET D 1 -26.52 25.55 -28.63
C MET D 1 -25.45 26.26 -27.83
N LEU D 2 -25.79 26.54 -26.58
CA LEU D 2 -24.89 27.22 -25.64
C LEU D 2 -24.26 28.48 -26.19
N LYS D 3 -24.90 29.60 -25.92
CA LYS D 3 -24.39 30.89 -26.36
C LYS D 3 -23.79 31.55 -25.12
N ARG D 4 -22.57 32.03 -25.24
CA ARG D 4 -21.87 32.66 -24.13
C ARG D 4 -22.65 33.77 -23.46
N GLU D 5 -23.75 34.19 -24.07
CA GLU D 5 -24.56 35.27 -23.50
C GLU D 5 -25.70 34.83 -22.58
N MET D 6 -25.81 33.54 -22.31
CA MET D 6 -26.87 33.03 -21.44
C MET D 6 -26.62 33.42 -19.99
N ASN D 7 -27.64 33.99 -19.35
CA ASN D 7 -27.55 34.44 -17.97
C ASN D 7 -28.67 33.81 -17.18
N ILE D 8 -28.56 33.85 -15.86
CA ILE D 8 -29.59 33.30 -14.97
C ILE D 8 -30.74 34.28 -14.79
N ALA D 9 -30.40 35.57 -14.66
CA ALA D 9 -31.38 36.63 -14.44
C ALA D 9 -32.60 36.63 -15.36
N ASP D 10 -32.37 36.44 -16.66
CA ASP D 10 -33.46 36.45 -17.64
C ASP D 10 -34.07 35.08 -17.84
N TYR D 11 -33.36 34.04 -17.40
CA TYR D 11 -33.84 32.68 -17.56
C TYR D 11 -34.54 32.08 -16.34
N ASP D 12 -34.05 32.42 -15.15
CA ASP D 12 -34.59 31.87 -13.92
C ASP D 12 -34.57 32.91 -12.80
N ALA D 13 -35.55 33.83 -12.84
CA ALA D 13 -35.68 34.91 -11.87
C ALA D 13 -35.81 34.43 -10.42
N GLU D 14 -36.45 33.28 -10.23
CA GLU D 14 -36.63 32.69 -8.91
C GLU D 14 -35.28 32.56 -8.21
N LEU D 15 -34.35 31.93 -8.90
CA LEU D 15 -33.01 31.71 -8.38
C LEU D 15 -32.20 32.99 -8.34
N TRP D 16 -32.39 33.84 -9.34
CA TRP D 16 -31.63 35.08 -9.38
C TRP D 16 -31.96 35.94 -8.16
N GLN D 17 -33.25 36.08 -7.87
CA GLN D 17 -33.68 36.88 -6.76
C GLN D 17 -33.02 36.43 -5.45
N ALA D 18 -33.09 35.14 -5.14
CA ALA D 18 -32.49 34.62 -3.92
C ALA D 18 -30.99 34.91 -3.90
N MET D 19 -30.33 34.71 -5.04
CA MET D 19 -28.90 34.97 -5.12
C MET D 19 -28.62 36.43 -4.82
N GLU D 20 -29.28 37.33 -5.54
CA GLU D 20 -29.09 38.76 -5.33
C GLU D 20 -29.31 39.17 -3.87
N GLN D 21 -30.28 38.56 -3.20
CA GLN D 21 -30.55 38.90 -1.81
C GLN D 21 -29.40 38.49 -0.90
N GLU D 22 -28.82 37.32 -1.19
CA GLU D 22 -27.68 36.82 -0.44
C GLU D 22 -26.52 37.81 -0.63
N LYS D 23 -26.45 38.37 -1.82
CA LYS D 23 -25.42 39.33 -2.18
C LYS D 23 -25.53 40.57 -1.29
N VAL D 24 -26.76 41.00 -1.03
CA VAL D 24 -27.01 42.16 -0.19
C VAL D 24 -26.87 41.83 1.29
N ARG D 25 -27.29 40.62 1.66
CA ARG D 25 -27.21 40.17 3.05
C ARG D 25 -25.75 40.18 3.48
N GLN D 26 -24.87 39.75 2.59
CA GLN D 26 -23.45 39.72 2.89
C GLN D 26 -22.93 41.13 3.10
N GLU D 27 -23.65 42.12 2.57
CA GLU D 27 -23.22 43.51 2.75
C GLU D 27 -23.84 44.12 3.98
N GLU D 28 -25.12 43.82 4.23
CA GLU D 28 -25.81 44.40 5.38
C GLU D 28 -25.68 43.64 6.70
N HIS D 29 -24.93 42.55 6.71
CA HIS D 29 -24.74 41.80 7.95
C HIS D 29 -23.31 41.77 8.44
N ILE D 30 -23.13 41.79 9.76
CA ILE D 30 -21.80 41.70 10.36
C ILE D 30 -21.61 40.20 10.58
N GLU D 31 -20.82 39.54 9.74
CA GLU D 31 -20.61 38.10 9.89
C GLU D 31 -19.55 37.82 10.97
N LEU D 32 -19.92 37.11 12.02
CA LEU D 32 -18.96 36.80 13.08
C LEU D 32 -18.80 35.30 13.25
N ILE D 33 -19.10 34.56 12.18
CA ILE D 33 -18.96 33.10 12.18
C ILE D 33 -17.49 32.78 11.91
N ALA D 34 -16.84 32.21 12.91
CA ALA D 34 -15.41 31.90 12.84
C ALA D 34 -14.93 31.13 11.62
N SER D 35 -15.77 30.28 11.07
CA SER D 35 -15.38 29.48 9.91
C SER D 35 -15.67 30.11 8.56
N GLU D 36 -16.21 31.34 8.56
CA GLU D 36 -16.52 32.02 7.31
C GLU D 36 -15.57 33.14 6.96
N ASN D 37 -15.66 33.64 5.74
CA ASN D 37 -14.78 34.71 5.27
C ASN D 37 -15.34 35.21 3.95
N TYR D 38 -14.56 36.04 3.24
CA TYR D 38 -14.97 36.59 1.96
C TYR D 38 -13.85 36.31 0.97
N THR D 39 -14.04 35.33 0.10
CA THR D 39 -13.00 35.01 -0.86
C THR D 39 -12.90 36.09 -1.93
N SER D 40 -11.72 36.27 -2.53
CA SER D 40 -11.55 37.31 -3.54
C SER D 40 -12.30 37.00 -4.82
N PRO D 41 -12.57 38.02 -5.64
CA PRO D 41 -13.28 37.81 -6.88
C PRO D 41 -12.46 36.92 -7.82
N ARG D 42 -11.16 36.83 -7.58
CA ARG D 42 -10.27 35.98 -8.39
C ARG D 42 -10.58 34.51 -8.17
N VAL D 43 -10.93 34.14 -6.94
CA VAL D 43 -11.27 32.77 -6.62
C VAL D 43 -12.63 32.43 -7.20
N MET D 44 -13.53 33.40 -7.20
CA MET D 44 -14.85 33.19 -7.75
C MET D 44 -14.76 33.05 -9.27
N GLN D 45 -13.90 33.87 -9.88
CA GLN D 45 -13.69 33.83 -11.32
C GLN D 45 -13.28 32.42 -11.75
N ALA D 46 -12.36 31.83 -10.99
CA ALA D 46 -11.87 30.49 -11.27
C ALA D 46 -13.01 29.50 -11.19
N GLN D 47 -13.72 29.52 -10.07
CA GLN D 47 -14.83 28.61 -9.86
C GLN D 47 -15.90 28.69 -10.94
N GLY D 48 -15.98 29.81 -11.62
CA GLY D 48 -16.99 29.94 -12.67
C GLY D 48 -16.43 29.70 -14.05
N SER D 49 -15.26 29.06 -14.12
CA SER D 49 -14.61 28.81 -15.41
C SER D 49 -15.08 27.54 -16.08
N GLN D 50 -14.60 27.33 -17.30
CA GLN D 50 -14.95 26.14 -18.06
C GLN D 50 -14.25 24.89 -17.56
N LEU D 51 -13.38 25.04 -16.56
CA LEU D 51 -12.67 23.87 -16.02
C LEU D 51 -13.63 22.90 -15.36
N THR D 52 -14.87 23.34 -15.16
CA THR D 52 -15.88 22.51 -14.54
C THR D 52 -16.30 21.36 -15.47
N ASN D 53 -15.94 21.48 -16.75
CA ASN D 53 -16.28 20.49 -17.76
C ASN D 53 -15.37 19.28 -17.84
N LYS D 54 -14.13 19.42 -17.40
CA LYS D 54 -13.15 18.34 -17.49
C LYS D 54 -13.12 17.26 -16.41
N TYR D 55 -13.10 16.01 -16.84
CA TYR D 55 -13.00 14.86 -15.93
C TYR D 55 -11.50 14.55 -15.91
N ALA D 56 -10.90 14.53 -14.72
CA ALA D 56 -9.47 14.24 -14.61
C ALA D 56 -9.08 13.35 -13.43
N GLU D 57 -9.60 12.12 -13.39
CA GLU D 57 -9.25 11.23 -12.30
C GLU D 57 -7.78 10.87 -12.38
N GLY D 58 -7.17 10.69 -11.21
CA GLY D 58 -5.75 10.38 -11.16
C GLY D 58 -4.98 11.62 -10.73
N TYR D 59 -3.70 11.69 -11.09
CA TYR D 59 -2.90 12.85 -10.72
C TYR D 59 -2.18 13.37 -11.96
N PRO D 60 -1.69 14.62 -11.92
CA PRO D 60 -1.00 15.15 -13.10
C PRO D 60 0.07 14.21 -13.65
N GLY D 61 -0.12 13.80 -14.91
CA GLY D 61 0.81 12.88 -15.54
C GLY D 61 0.29 11.46 -15.54
N LYS D 62 -0.50 11.11 -14.54
CA LYS D 62 -1.05 9.76 -14.44
C LYS D 62 -2.58 9.81 -14.33
N ARG D 63 -3.24 10.30 -15.38
CA ARG D 63 -4.71 10.42 -15.41
C ARG D 63 -5.39 9.22 -16.04
N TYR D 64 -6.71 9.14 -15.86
CA TYR D 64 -7.49 8.05 -16.44
C TYR D 64 -8.36 8.51 -17.63
N PHE D 65 -8.15 9.76 -18.06
CA PHE D 65 -8.88 10.34 -19.19
C PHE D 65 -7.89 11.12 -20.03
N GLY D 66 -8.22 11.35 -21.29
CA GLY D 66 -7.33 12.12 -22.15
C GLY D 66 -7.70 13.59 -22.16
N GLY D 67 -6.78 14.43 -22.61
CA GLY D 67 -7.05 15.87 -22.66
C GLY D 67 -6.82 16.61 -21.34
N CYS D 68 -5.97 16.06 -20.48
CA CYS D 68 -5.69 16.68 -19.19
C CYS D 68 -4.36 17.45 -19.18
N GLU D 69 -3.97 18.02 -20.32
CA GLU D 69 -2.70 18.74 -20.39
C GLU D 69 -2.70 20.05 -19.62
N TYR D 70 -3.80 20.79 -19.69
CA TYR D 70 -3.91 22.07 -19.02
C TYR D 70 -4.43 22.00 -17.60
N VAL D 71 -5.29 21.03 -17.31
CA VAL D 71 -5.80 20.87 -15.96
C VAL D 71 -4.65 20.31 -15.11
N ASP D 72 -3.69 19.67 -15.78
CA ASP D 72 -2.53 19.11 -15.10
C ASP D 72 -1.65 20.26 -14.65
N ILE D 73 -1.56 21.28 -15.48
CA ILE D 73 -0.78 22.46 -15.13
C ILE D 73 -1.43 23.14 -13.94
N VAL D 74 -2.75 23.25 -13.98
CA VAL D 74 -3.51 23.89 -12.93
C VAL D 74 -3.32 23.22 -11.58
N GLU D 75 -3.50 21.90 -11.56
CA GLU D 75 -3.35 21.13 -10.33
C GLU D 75 -1.92 21.18 -9.77
N GLN D 76 -0.94 21.25 -10.67
CA GLN D 76 0.46 21.31 -10.26
C GLN D 76 0.72 22.65 -9.58
N LEU D 77 0.17 23.72 -10.14
CA LEU D 77 0.33 25.04 -9.56
C LEU D 77 -0.21 25.04 -8.14
N ALA D 78 -1.39 24.47 -7.93
CA ALA D 78 -1.97 24.44 -6.61
C ALA D 78 -1.08 23.63 -5.65
N ILE D 79 -0.59 22.49 -6.13
CA ILE D 79 0.26 21.64 -5.31
C ILE D 79 1.58 22.32 -4.93
N ASP D 80 2.25 22.91 -5.91
CA ASP D 80 3.50 23.56 -5.61
C ASP D 80 3.34 24.74 -4.66
N ARG D 81 2.35 25.60 -4.89
CA ARG D 81 2.15 26.76 -4.00
C ARG D 81 1.80 26.27 -2.59
N ALA D 82 0.98 25.24 -2.50
CA ALA D 82 0.59 24.69 -1.21
C ALA D 82 1.82 24.24 -0.41
N LYS D 83 2.75 23.59 -1.10
CA LYS D 83 3.96 23.11 -0.44
C LYS D 83 4.87 24.26 0.01
N GLU D 84 5.01 25.26 -0.84
CA GLU D 84 5.86 26.38 -0.52
C GLU D 84 5.30 27.25 0.60
N LEU D 85 3.99 27.46 0.60
CA LEU D 85 3.40 28.29 1.63
C LEU D 85 3.47 27.67 3.01
N PHE D 86 3.42 26.35 3.09
CA PHE D 86 3.45 25.65 4.37
C PHE D 86 4.72 24.89 4.71
N GLY D 87 5.63 24.78 3.75
CA GLY D 87 6.89 24.08 4.00
C GLY D 87 6.78 22.57 4.00
N ALA D 88 5.86 22.04 3.21
CA ALA D 88 5.67 20.60 3.14
C ALA D 88 6.37 20.11 1.90
N ASP D 89 6.61 18.80 1.81
CA ASP D 89 7.24 18.25 0.62
C ASP D 89 6.19 17.40 -0.09
N TYR D 90 4.99 17.39 0.47
CA TYR D 90 3.87 16.65 -0.07
C TYR D 90 2.58 17.41 0.13
N ALA D 91 1.76 17.45 -0.92
CA ALA D 91 0.49 18.15 -0.85
C ALA D 91 -0.50 17.50 -1.80
N ASN D 92 -1.75 17.39 -1.35
CA ASN D 92 -2.82 16.82 -2.16
C ASN D 92 -3.93 17.84 -2.15
N VAL D 93 -4.26 18.36 -3.34
CA VAL D 93 -5.27 19.40 -3.49
C VAL D 93 -6.61 18.94 -4.02
N GLN D 94 -6.85 17.64 -4.05
CA GLN D 94 -8.11 17.16 -4.58
C GLN D 94 -9.30 16.97 -3.63
N PRO D 95 -9.05 16.80 -2.33
CA PRO D 95 -10.18 16.62 -1.41
C PRO D 95 -11.27 17.66 -1.62
N HIS D 96 -12.52 17.21 -1.73
CA HIS D 96 -13.63 18.14 -1.96
C HIS D 96 -13.93 19.06 -0.76
N SER D 97 -13.46 18.69 0.43
CA SER D 97 -13.73 19.48 1.61
C SER D 97 -12.86 19.05 2.76
N GLY D 98 -13.11 19.66 3.92
CA GLY D 98 -12.35 19.32 5.12
C GLY D 98 -12.68 17.90 5.58
N SER D 99 -13.96 17.55 5.55
CA SER D 99 -14.41 16.23 5.95
C SER D 99 -13.75 15.16 5.08
N GLN D 100 -13.74 15.41 3.77
CA GLN D 100 -13.16 14.48 2.83
C GLN D 100 -11.66 14.35 3.05
N ALA D 101 -10.97 15.45 3.27
CA ALA D 101 -9.54 15.36 3.51
C ALA D 101 -9.31 14.47 4.73
N ASN D 102 -10.04 14.72 5.82
CA ASN D 102 -9.90 13.94 7.04
C ASN D 102 -10.24 12.49 6.80
N PHE D 103 -11.33 12.22 6.08
CA PHE D 103 -11.72 10.85 5.80
C PHE D 103 -10.56 10.09 5.13
N ALA D 104 -9.84 10.76 4.24
CA ALA D 104 -8.75 10.13 3.54
C ALA D 104 -7.68 9.72 4.52
N VAL D 105 -7.28 10.64 5.38
CA VAL D 105 -6.24 10.35 6.37
C VAL D 105 -6.61 9.14 7.23
N TYR D 106 -7.86 9.04 7.64
CA TYR D 106 -8.31 7.91 8.45
C TYR D 106 -8.12 6.59 7.71
N THR D 107 -8.75 6.50 6.54
CA THR D 107 -8.70 5.28 5.74
C THR D 107 -7.31 4.93 5.22
N ALA D 108 -6.41 5.90 5.18
CA ALA D 108 -5.07 5.62 4.69
C ALA D 108 -4.12 5.12 5.78
N LEU D 109 -4.42 5.44 7.03
CA LEU D 109 -3.55 5.05 8.14
C LEU D 109 -4.14 4.08 9.14
N LEU D 110 -5.46 3.96 9.15
CA LEU D 110 -6.10 3.09 10.11
C LEU D 110 -6.97 2.00 9.51
N GLU D 111 -7.34 1.03 10.34
CA GLU D 111 -8.20 -0.07 9.97
C GLU D 111 -9.48 0.13 10.77
N PRO D 112 -10.64 -0.18 10.18
CA PRO D 112 -11.88 0.01 10.94
C PRO D 112 -11.72 -0.63 12.32
N GLY D 113 -12.08 0.11 13.36
CA GLY D 113 -11.96 -0.42 14.70
C GLY D 113 -10.72 -0.01 15.46
N ASP D 114 -9.75 0.64 14.81
CA ASP D 114 -8.55 1.07 15.51
C ASP D 114 -8.89 2.15 16.53
N THR D 115 -8.04 2.32 17.54
CA THR D 115 -8.26 3.32 18.56
C THR D 115 -7.66 4.65 18.17
N VAL D 116 -8.43 5.71 18.37
CA VAL D 116 -8.00 7.05 18.04
C VAL D 116 -8.27 7.96 19.22
N LEU D 117 -7.32 8.86 19.49
CA LEU D 117 -7.42 9.80 20.58
C LEU D 117 -7.73 11.17 19.94
N GLY D 118 -8.96 11.65 20.11
CA GLY D 118 -9.33 12.92 19.51
C GLY D 118 -10.02 13.86 20.48
N MET D 119 -10.00 15.15 20.18
CA MET D 119 -10.63 16.16 21.03
C MET D 119 -12.15 16.13 20.94
N ASN D 120 -12.78 15.98 22.09
CA ASN D 120 -14.23 15.93 22.23
C ASN D 120 -14.89 17.17 21.57
N LEU D 121 -16.05 16.97 20.93
CA LEU D 121 -16.74 18.06 20.24
C LEU D 121 -17.14 19.24 21.15
N ALA D 122 -17.78 18.96 22.27
CA ALA D 122 -18.20 20.04 23.17
C ALA D 122 -17.01 20.84 23.68
N HIS D 123 -15.85 20.21 23.75
CA HIS D 123 -14.66 20.91 24.23
C HIS D 123 -13.88 21.64 23.15
N GLY D 124 -14.43 21.62 21.93
CA GLY D 124 -13.76 22.32 20.84
C GLY D 124 -13.32 21.45 19.66
N GLY D 125 -13.47 20.13 19.77
CA GLY D 125 -13.08 19.25 18.68
C GLY D 125 -14.12 19.26 17.56
N HIS D 126 -13.71 18.85 16.36
CA HIS D 126 -14.64 18.84 15.24
C HIS D 126 -15.41 17.53 15.13
N LEU D 127 -16.52 17.56 14.39
CA LEU D 127 -17.35 16.38 14.19
C LEU D 127 -16.51 15.19 13.72
N THR D 128 -15.64 15.44 12.74
CA THR D 128 -14.79 14.39 12.19
C THR D 128 -13.65 13.99 13.12
N HIS D 129 -13.68 14.45 14.36
CA HIS D 129 -12.63 14.09 15.32
C HIS D 129 -13.12 13.06 16.31
N GLY D 130 -14.14 12.30 15.92
CA GLY D 130 -14.65 11.25 16.76
C GLY D 130 -16.12 11.32 17.18
N SER D 131 -16.87 12.26 16.61
CA SER D 131 -18.28 12.37 16.99
C SER D 131 -19.00 11.08 16.61
N PRO D 132 -19.82 10.56 17.52
CA PRO D 132 -20.59 9.32 17.30
C PRO D 132 -21.61 9.38 16.18
N VAL D 133 -21.96 10.59 15.72
CA VAL D 133 -22.92 10.76 14.65
C VAL D 133 -22.21 11.03 13.33
N ASN D 134 -20.90 10.83 13.33
CA ASN D 134 -20.07 11.05 12.14
C ASN D 134 -19.34 9.75 11.81
N PHE D 135 -18.84 9.62 10.59
CA PHE D 135 -18.15 8.39 10.21
C PHE D 135 -16.97 8.08 11.13
N SER D 136 -16.33 9.12 11.66
CA SER D 136 -15.18 8.93 12.55
C SER D 136 -15.56 8.12 13.81
N GLY D 137 -16.71 8.45 14.39
CA GLY D 137 -17.18 7.75 15.57
C GLY D 137 -17.81 6.40 15.29
N LYS D 138 -18.28 6.19 14.07
CA LYS D 138 -18.90 4.92 13.73
C LYS D 138 -17.93 3.84 13.28
N LEU D 139 -16.88 4.24 12.57
CA LEU D 139 -15.90 3.28 12.06
C LEU D 139 -14.71 3.03 12.96
N TYR D 140 -14.45 3.90 13.93
CA TYR D 140 -13.30 3.69 14.81
C TYR D 140 -13.63 3.78 16.28
N ASN D 141 -12.69 3.30 17.09
CA ASN D 141 -12.85 3.30 18.54
C ASN D 141 -12.24 4.60 19.05
N ILE D 142 -13.09 5.53 19.48
CA ILE D 142 -12.61 6.83 19.92
C ILE D 142 -12.50 7.04 21.42
N VAL D 143 -11.37 7.61 21.83
CA VAL D 143 -11.12 7.95 23.23
C VAL D 143 -11.02 9.49 23.16
N PRO D 144 -11.90 10.18 23.89
CA PRO D 144 -11.86 11.64 23.88
C PRO D 144 -10.94 12.29 24.89
N TYR D 145 -10.68 13.57 24.67
CA TYR D 145 -9.87 14.37 25.57
C TYR D 145 -10.42 15.78 25.45
N GLY D 146 -10.50 16.48 26.56
CA GLY D 146 -11.04 17.82 26.54
C GLY D 146 -10.05 18.85 27.05
N ILE D 147 -10.57 19.85 27.75
CA ILE D 147 -9.73 20.90 28.30
C ILE D 147 -9.84 21.03 29.83
N ASP D 148 -8.85 21.69 30.43
CA ASP D 148 -8.80 21.93 31.89
C ASP D 148 -9.99 22.71 32.37
N ALA D 149 -9.96 23.02 33.66
CA ALA D 149 -10.98 23.83 34.26
C ALA D 149 -10.45 25.24 34.00
N THR D 150 -9.22 25.28 33.49
CA THR D 150 -8.52 26.51 33.14
C THR D 150 -8.85 26.91 31.71
N GLY D 151 -9.41 25.95 30.97
CA GLY D 151 -9.77 26.19 29.58
C GLY D 151 -8.73 25.75 28.58
N HIS D 152 -7.69 25.06 29.02
CA HIS D 152 -6.64 24.60 28.11
C HIS D 152 -6.42 23.10 28.15
N ILE D 153 -5.79 22.56 27.12
CA ILE D 153 -5.54 21.13 27.05
C ILE D 153 -4.47 20.77 28.09
N ASP D 154 -4.70 19.69 28.83
CA ASP D 154 -3.73 19.24 29.83
C ASP D 154 -2.89 18.13 29.22
N TYR D 155 -1.72 18.52 28.72
CA TYR D 155 -0.82 17.58 28.08
C TYR D 155 -0.38 16.45 28.99
N ALA D 156 -0.55 16.64 30.29
CA ALA D 156 -0.15 15.62 31.25
C ALA D 156 -1.18 14.49 31.20
N ASP D 157 -2.45 14.86 31.17
CA ASP D 157 -3.54 13.90 31.12
C ASP D 157 -3.62 13.24 29.75
N LEU D 158 -3.30 14.02 28.71
CA LEU D 158 -3.33 13.50 27.36
C LEU D 158 -2.33 12.34 27.27
N GLU D 159 -1.16 12.55 27.84
CA GLU D 159 -0.11 11.55 27.84
C GLU D 159 -0.55 10.30 28.56
N LYS D 160 -1.22 10.46 29.71
CA LYS D 160 -1.70 9.32 30.49
C LYS D 160 -2.72 8.52 29.68
N GLN D 161 -3.63 9.22 29.00
CA GLN D 161 -4.64 8.57 28.18
C GLN D 161 -3.97 7.81 27.05
N ALA D 162 -2.96 8.43 26.47
CA ALA D 162 -2.22 7.82 25.37
C ALA D 162 -1.53 6.55 25.83
N LYS D 163 -0.86 6.62 26.98
CA LYS D 163 -0.13 5.47 27.50
C LYS D 163 -1.08 4.36 27.89
N GLU D 164 -2.23 4.73 28.43
CA GLU D 164 -3.19 3.72 28.87
C GLU D 164 -4.02 3.05 27.77
N HIS D 165 -4.38 3.82 26.74
CA HIS D 165 -5.18 3.27 25.64
C HIS D 165 -4.38 2.87 24.39
N LYS D 166 -3.12 3.28 24.35
CA LYS D 166 -2.24 2.96 23.22
C LYS D 166 -3.00 3.16 21.90
N PRO D 167 -3.41 4.40 21.60
CA PRO D 167 -4.15 4.70 20.37
C PRO D 167 -3.22 4.59 19.18
N LYS D 168 -3.75 4.21 18.02
CA LYS D 168 -2.93 4.09 16.82
C LYS D 168 -2.69 5.47 16.20
N MET D 169 -3.51 6.44 16.60
CA MET D 169 -3.41 7.77 16.06
C MET D 169 -3.94 8.78 17.06
N ILE D 170 -3.29 9.94 17.13
CA ILE D 170 -3.72 11.00 18.03
C ILE D 170 -4.04 12.19 17.13
N ILE D 171 -5.24 12.76 17.32
CA ILE D 171 -5.67 13.89 16.51
C ILE D 171 -5.55 15.22 17.25
N GLY D 172 -4.87 16.16 16.60
CA GLY D 172 -4.68 17.49 17.15
C GLY D 172 -5.40 18.43 16.20
N GLY D 173 -6.15 19.37 16.75
CA GLY D 173 -6.88 20.28 15.91
C GLY D 173 -8.17 20.60 16.63
N PHE D 174 -8.93 21.56 16.10
CA PHE D 174 -10.15 21.96 16.78
C PHE D 174 -11.00 22.87 15.90
N SER D 175 -12.26 23.06 16.30
CA SER D 175 -13.19 23.91 15.58
C SER D 175 -13.61 25.06 16.49
N ALA D 176 -13.43 24.87 17.79
CA ALA D 176 -13.82 25.89 18.76
C ALA D 176 -12.92 26.05 19.98
N TYR D 177 -11.60 25.94 19.78
CA TYR D 177 -10.67 26.12 20.88
C TYR D 177 -9.92 27.41 20.57
N SER D 178 -9.77 28.28 21.57
CA SER D 178 -9.10 29.57 21.33
C SER D 178 -7.62 29.63 21.72
N GLY D 179 -7.08 28.56 22.27
CA GLY D 179 -5.68 28.58 22.67
C GLY D 179 -4.68 28.19 21.60
N VAL D 180 -3.43 27.99 22.02
CA VAL D 180 -2.33 27.59 21.16
C VAL D 180 -2.03 26.15 21.48
N VAL D 181 -1.96 25.30 20.47
CA VAL D 181 -1.66 23.90 20.74
C VAL D 181 -0.17 23.64 20.55
N ASP D 182 0.40 22.88 21.49
CA ASP D 182 1.81 22.54 21.43
C ASP D 182 1.97 21.31 20.52
N TRP D 183 2.16 21.55 19.22
CA TRP D 183 2.31 20.48 18.26
C TRP D 183 3.47 19.56 18.60
N ALA D 184 4.62 20.15 18.91
CA ALA D 184 5.82 19.38 19.25
C ALA D 184 5.58 18.46 20.44
N LYS D 185 4.83 18.95 21.42
CA LYS D 185 4.53 18.18 22.63
C LYS D 185 3.60 17.01 22.32
N MET D 186 2.67 17.20 21.39
CA MET D 186 1.77 16.11 21.02
C MET D 186 2.53 15.07 20.23
N ARG D 187 3.50 15.52 19.44
CA ARG D 187 4.32 14.60 18.66
C ARG D 187 5.16 13.77 19.63
N GLU D 188 5.64 14.40 20.70
CA GLU D 188 6.42 13.67 21.70
C GLU D 188 5.57 12.52 22.19
N ILE D 189 4.37 12.85 22.65
CA ILE D 189 3.43 11.86 23.18
C ILE D 189 3.14 10.76 22.19
N ALA D 190 2.96 11.12 20.92
CA ALA D 190 2.68 10.12 19.90
C ALA D 190 3.86 9.18 19.79
N ASP D 191 5.07 9.74 19.65
CA ASP D 191 6.27 8.94 19.51
C ASP D 191 6.51 7.94 20.63
N SER D 192 6.11 8.28 21.85
CA SER D 192 6.33 7.37 22.97
C SER D 192 5.54 6.08 22.87
N ILE D 193 4.44 6.09 22.11
CA ILE D 193 3.65 4.88 21.96
C ILE D 193 3.57 4.48 20.51
N GLY D 194 4.40 5.09 19.69
CA GLY D 194 4.41 4.78 18.27
C GLY D 194 3.11 5.05 17.53
N ALA D 195 2.41 6.12 17.93
CA ALA D 195 1.16 6.48 17.27
C ALA D 195 1.40 7.55 16.20
N TYR D 196 0.38 7.82 15.40
CA TYR D 196 0.48 8.83 14.35
C TYR D 196 -0.05 10.14 14.89
N LEU D 197 0.62 11.25 14.60
CA LEU D 197 0.09 12.53 15.03
C LEU D 197 -0.55 13.16 13.80
N PHE D 198 -1.88 13.19 13.80
CA PHE D 198 -2.63 13.76 12.70
C PHE D 198 -3.18 15.11 13.16
N VAL D 199 -2.79 16.18 12.47
CA VAL D 199 -3.26 17.50 12.82
C VAL D 199 -4.14 18.15 11.74
N ASP D 200 -5.32 18.59 12.16
CA ASP D 200 -6.32 19.22 11.30
C ASP D 200 -6.29 20.71 11.64
N MET D 201 -5.61 21.50 10.81
CA MET D 201 -5.50 22.94 11.07
C MET D 201 -6.44 23.82 10.26
N ALA D 202 -7.58 23.29 9.85
CA ALA D 202 -8.54 24.04 9.05
C ALA D 202 -8.78 25.47 9.53
N HIS D 203 -9.12 25.62 10.80
CA HIS D 203 -9.40 26.94 11.37
C HIS D 203 -8.22 27.91 11.43
N VAL D 204 -7.01 27.40 11.66
CA VAL D 204 -5.85 28.27 11.78
C VAL D 204 -4.89 28.27 10.59
N ALA D 205 -5.27 27.64 9.48
CA ALA D 205 -4.39 27.58 8.30
C ALA D 205 -3.94 28.96 7.84
N GLY D 206 -4.87 29.91 7.84
CA GLY D 206 -4.52 31.26 7.45
C GLY D 206 -3.49 31.88 8.40
N LEU D 207 -3.77 31.79 9.70
CA LEU D 207 -2.86 32.32 10.70
C LEU D 207 -1.48 31.69 10.60
N VAL D 208 -1.44 30.38 10.33
CA VAL D 208 -0.17 29.67 10.20
C VAL D 208 0.56 30.19 8.99
N ALA D 209 -0.18 30.34 7.90
CA ALA D 209 0.41 30.84 6.67
C ALA D 209 1.14 32.18 6.91
N ALA D 210 0.53 33.09 7.68
CA ALA D 210 1.13 34.39 7.97
C ALA D 210 2.20 34.29 9.06
N GLY D 211 2.27 33.14 9.72
CA GLY D 211 3.25 32.96 10.76
C GLY D 211 2.75 33.49 12.09
N VAL D 212 1.43 33.64 12.21
CA VAL D 212 0.85 34.16 13.44
C VAL D 212 0.45 33.06 14.44
N TYR D 213 0.55 31.81 14.02
CA TYR D 213 0.18 30.67 14.88
C TYR D 213 1.15 29.55 14.55
N PRO D 214 1.54 28.77 15.56
CA PRO D 214 2.49 27.67 15.38
C PRO D 214 2.13 26.74 14.22
N ASN D 215 3.08 26.53 13.32
CA ASN D 215 2.87 25.66 12.18
C ASN D 215 3.04 24.22 12.64
N PRO D 216 2.03 23.37 12.38
CA PRO D 216 2.08 21.95 12.78
C PRO D 216 2.76 21.02 11.77
N VAL D 217 2.93 21.48 10.54
CA VAL D 217 3.53 20.67 9.48
C VAL D 217 4.81 19.93 9.86
N PRO D 218 5.74 20.62 10.54
CA PRO D 218 6.99 19.96 10.94
C PRO D 218 6.94 19.05 12.17
N HIS D 219 5.76 18.85 12.74
CA HIS D 219 5.65 18.01 13.92
C HIS D 219 4.70 16.82 13.73
N ALA D 220 3.77 16.96 12.77
CA ALA D 220 2.79 15.91 12.53
C ALA D 220 3.15 15.02 11.37
N HIS D 221 2.70 13.78 11.40
CA HIS D 221 2.97 12.88 10.29
C HIS D 221 2.14 13.32 9.10
N VAL D 222 0.93 13.80 9.38
CA VAL D 222 0.02 14.27 8.34
C VAL D 222 -0.82 15.43 8.84
N VAL D 223 -1.05 16.40 7.94
CA VAL D 223 -1.85 17.57 8.26
C VAL D 223 -2.93 17.80 7.21
N THR D 224 -4.10 18.25 7.66
CA THR D 224 -5.19 18.56 6.74
C THR D 224 -5.67 19.97 7.07
N THR D 225 -6.34 20.57 6.12
CA THR D 225 -6.88 21.90 6.29
C THR D 225 -7.90 22.18 5.19
N THR D 226 -8.79 23.12 5.46
CA THR D 226 -9.75 23.52 4.44
C THR D 226 -9.06 24.74 3.79
N THR D 227 -9.60 25.22 2.68
CA THR D 227 -9.01 26.38 2.01
C THR D 227 -9.93 27.58 2.16
N HIS D 228 -11.11 27.37 2.75
CA HIS D 228 -12.09 28.43 2.88
C HIS D 228 -12.28 29.14 4.21
N LYS D 229 -11.45 28.87 5.21
CA LYS D 229 -11.61 29.56 6.49
C LYS D 229 -10.65 30.74 6.59
N THR D 230 -9.71 30.70 7.53
CA THR D 230 -8.79 31.82 7.66
C THR D 230 -7.90 31.95 6.42
N LEU D 231 -7.77 30.87 5.67
CA LEU D 231 -6.96 30.90 4.44
C LEU D 231 -7.68 31.78 3.38
N ALA D 232 -8.97 32.03 3.61
CA ALA D 232 -9.81 32.87 2.76
C ALA D 232 -9.94 32.45 1.31
N GLY D 233 -9.82 31.16 1.04
CA GLY D 233 -9.95 30.69 -0.35
C GLY D 233 -11.29 30.00 -0.60
N PRO D 234 -11.39 29.20 -1.68
CA PRO D 234 -12.62 28.47 -2.04
C PRO D 234 -12.89 27.34 -1.06
N ARG D 235 -14.10 26.80 -1.08
CA ARG D 235 -14.43 25.71 -0.18
C ARG D 235 -13.79 24.43 -0.71
N GLY D 236 -12.86 23.89 0.07
CA GLY D 236 -12.18 22.68 -0.34
C GLY D 236 -11.28 22.12 0.74
N GLY D 237 -10.74 20.94 0.50
CA GLY D 237 -9.85 20.32 1.46
C GLY D 237 -8.44 20.31 0.94
N LEU D 238 -7.49 19.97 1.81
CA LEU D 238 -6.09 19.95 1.44
C LEU D 238 -5.32 19.04 2.38
N ILE D 239 -4.44 18.21 1.84
CA ILE D 239 -3.63 17.34 2.70
C ILE D 239 -2.16 17.77 2.53
N LEU D 240 -1.46 17.89 3.66
CA LEU D 240 -0.05 18.30 3.67
C LEU D 240 0.77 17.37 4.52
N ALA D 241 2.05 17.25 4.18
CA ALA D 241 2.94 16.38 4.94
C ALA D 241 4.40 16.73 4.67
N LYS D 242 5.25 16.40 5.63
CA LYS D 242 6.67 16.66 5.50
C LYS D 242 7.48 15.57 6.16
N GLY D 243 8.55 15.15 5.48
CA GLY D 243 9.43 14.13 6.02
C GLY D 243 8.87 12.72 6.01
N GLY D 244 7.77 12.50 5.31
CA GLY D 244 7.20 11.18 5.24
C GLY D 244 7.90 10.38 4.16
N SER D 245 7.57 9.09 4.08
CA SER D 245 8.17 8.23 3.10
C SER D 245 7.33 8.14 1.83
N GLU D 246 7.91 7.56 0.79
CA GLU D 246 7.23 7.37 -0.48
C GLU D 246 5.93 6.63 -0.23
N GLU D 247 6.00 5.54 0.53
CA GLU D 247 4.83 4.74 0.85
C GLU D 247 3.68 5.55 1.44
N LEU D 248 3.97 6.27 2.51
CA LEU D 248 2.96 7.06 3.18
C LEU D 248 2.26 8.01 2.22
N TYR D 249 3.01 8.60 1.30
CA TYR D 249 2.41 9.53 0.36
C TYR D 249 1.63 8.79 -0.71
N LYS D 250 2.04 7.56 -1.01
CA LYS D 250 1.33 6.79 -2.00
C LYS D 250 -0.02 6.43 -1.36
N LYS D 251 0.03 5.98 -0.11
CA LYS D 251 -1.19 5.62 0.57
C LYS D 251 -2.13 6.82 0.61
N LEU D 252 -1.60 7.98 0.94
CA LEU D 252 -2.43 9.18 1.01
C LEU D 252 -3.07 9.53 -0.33
N ASN D 253 -2.33 9.36 -1.41
CA ASN D 253 -2.90 9.67 -2.72
C ASN D 253 -3.99 8.67 -3.10
N SER D 254 -3.81 7.41 -2.69
CA SER D 254 -4.78 6.36 -2.98
C SER D 254 -6.03 6.54 -2.14
N ALA D 255 -5.86 6.99 -0.90
CA ALA D 255 -6.98 7.21 0.00
C ALA D 255 -7.93 8.24 -0.61
N VAL D 256 -7.37 9.30 -1.20
CA VAL D 256 -8.19 10.32 -1.82
C VAL D 256 -8.82 9.75 -3.09
N PHE D 257 -8.03 9.09 -3.93
CA PHE D 257 -8.53 8.48 -5.16
C PHE D 257 -7.70 7.28 -5.56
N PRO D 258 -8.34 6.14 -5.90
CA PRO D 258 -9.78 5.89 -5.95
C PRO D 258 -10.41 5.56 -4.62
N GLY D 259 -9.66 5.74 -3.55
CA GLY D 259 -10.17 5.43 -2.22
C GLY D 259 -11.52 6.01 -1.84
N GLY D 260 -11.61 7.33 -1.69
CA GLY D 260 -12.87 7.92 -1.27
C GLY D 260 -13.52 8.94 -2.18
N GLN D 261 -12.91 9.25 -3.32
CA GLN D 261 -13.51 10.23 -4.22
C GLN D 261 -13.43 9.79 -5.67
N GLY D 262 -14.16 10.50 -6.53
CA GLY D 262 -14.13 10.19 -7.94
C GLY D 262 -13.32 11.29 -8.59
N GLY D 263 -13.90 11.97 -9.56
CA GLY D 263 -13.18 13.03 -10.23
C GLY D 263 -13.11 14.27 -9.35
N PRO D 264 -11.99 15.00 -9.40
CA PRO D 264 -11.86 16.22 -8.60
C PRO D 264 -12.56 17.39 -9.29
N LEU D 265 -12.66 18.53 -8.61
CA LEU D 265 -13.30 19.70 -9.18
C LEU D 265 -12.19 20.62 -9.66
N MET D 266 -11.75 20.42 -10.90
CA MET D 266 -10.68 21.23 -11.45
C MET D 266 -10.89 22.74 -11.38
N HIS D 267 -12.15 23.18 -11.47
CA HIS D 267 -12.41 24.60 -11.38
C HIS D 267 -12.22 25.12 -9.95
N VAL D 268 -12.43 24.26 -8.97
CA VAL D 268 -12.25 24.67 -7.58
C VAL D 268 -10.78 24.63 -7.25
N ILE D 269 -10.05 23.69 -7.86
CA ILE D 269 -8.62 23.59 -7.62
C ILE D 269 -7.91 24.79 -8.23
N ALA D 270 -8.46 25.33 -9.30
CA ALA D 270 -7.89 26.51 -9.94
C ALA D 270 -7.99 27.63 -8.93
N GLY D 271 -9.16 27.70 -8.28
CA GLY D 271 -9.37 28.72 -7.27
C GLY D 271 -8.42 28.52 -6.11
N LYS D 272 -8.21 27.27 -5.72
CA LYS D 272 -7.29 27.00 -4.62
C LYS D 272 -5.91 27.53 -4.99
N ALA D 273 -5.51 27.30 -6.23
CA ALA D 273 -4.22 27.76 -6.70
C ALA D 273 -4.05 29.27 -6.65
N VAL D 274 -5.10 30.02 -6.98
CA VAL D 274 -4.94 31.46 -6.95
C VAL D 274 -5.01 32.01 -5.52
N ALA D 275 -5.76 31.33 -4.65
CA ALA D 275 -5.90 31.77 -3.27
C ALA D 275 -4.60 31.54 -2.52
N LEU D 276 -3.92 30.44 -2.85
CA LEU D 276 -2.67 30.14 -2.19
C LEU D 276 -1.61 31.14 -2.63
N LYS D 277 -1.84 31.81 -3.74
CA LYS D 277 -0.88 32.81 -4.21
C LYS D 277 -1.14 34.10 -3.45
N GLU D 278 -2.42 34.39 -3.24
CA GLU D 278 -2.79 35.58 -2.50
C GLU D 278 -2.34 35.47 -1.04
N ALA D 279 -2.30 34.25 -0.51
CA ALA D 279 -1.88 34.05 0.87
C ALA D 279 -0.41 34.35 1.03
N MET D 280 0.29 34.52 -0.09
CA MET D 280 1.71 34.81 -0.09
C MET D 280 2.02 36.30 -0.07
N GLU D 281 1.00 37.13 -0.21
CA GLU D 281 1.19 38.58 -0.20
C GLU D 281 1.49 39.09 1.20
N PRO D 282 2.29 40.16 1.29
CA PRO D 282 2.64 40.75 2.59
C PRO D 282 1.39 41.31 3.28
N GLU D 283 0.45 41.80 2.48
CA GLU D 283 -0.78 42.35 3.00
C GLU D 283 -1.57 41.25 3.67
N PHE D 284 -1.29 40.01 3.27
CA PHE D 284 -1.99 38.86 3.84
C PHE D 284 -1.49 38.58 5.24
N LYS D 285 -0.21 38.85 5.45
CA LYS D 285 0.42 38.63 6.75
C LYS D 285 -0.06 39.65 7.78
N THR D 286 -0.21 40.90 7.37
CA THR D 286 -0.68 41.95 8.28
C THR D 286 -2.19 41.78 8.49
N TYR D 287 -2.84 41.12 7.54
CA TYR D 287 -4.28 40.88 7.63
C TYR D 287 -4.55 39.90 8.77
N GLN D 288 -3.82 38.79 8.80
CA GLN D 288 -4.00 37.81 9.87
C GLN D 288 -3.67 38.44 11.24
N GLN D 289 -2.67 39.34 11.26
CA GLN D 289 -2.29 40.01 12.50
C GLN D 289 -3.46 40.81 13.07
N GLN D 290 -4.18 41.49 12.18
CA GLN D 290 -5.35 42.29 12.56
C GLN D 290 -6.44 41.35 13.07
N VAL D 291 -6.60 40.20 12.40
CA VAL D 291 -7.59 39.22 12.81
C VAL D 291 -7.39 38.81 14.25
N ALA D 292 -6.19 38.33 14.59
CA ALA D 292 -5.91 37.92 15.97
C ALA D 292 -6.08 39.13 16.92
N LYS D 293 -5.56 40.28 16.48
CA LYS D 293 -5.64 41.49 17.25
C LYS D 293 -7.08 41.89 17.53
N ASN D 294 -7.94 41.83 16.51
CA ASN D 294 -9.34 42.17 16.69
C ASN D 294 -10.03 41.20 17.62
N ALA D 295 -9.62 39.94 17.55
CA ALA D 295 -10.23 38.93 18.40
C ALA D 295 -10.00 39.27 19.86
N LYS D 296 -8.78 39.71 20.18
CA LYS D 296 -8.44 40.07 21.54
C LYS D 296 -9.24 41.26 22.01
N ALA D 297 -9.42 42.24 21.13
CA ALA D 297 -10.17 43.44 21.48
C ALA D 297 -11.62 43.15 21.84
N MET D 298 -12.25 42.21 21.15
CA MET D 298 -13.63 41.86 21.44
C MET D 298 -13.72 41.12 22.77
N VAL D 299 -12.71 40.27 23.05
CA VAL D 299 -12.68 39.50 24.29
C VAL D 299 -12.65 40.41 25.52
N GLU D 300 -11.81 41.45 25.46
CA GLU D 300 -11.71 42.40 26.56
C GLU D 300 -13.10 42.91 26.91
N VAL D 301 -13.76 43.52 25.93
CA VAL D 301 -15.08 44.06 26.14
C VAL D 301 -16.05 43.05 26.74
N PHE D 302 -16.10 41.84 26.19
CA PHE D 302 -16.99 40.83 26.73
C PHE D 302 -16.75 40.52 28.21
N LEU D 303 -15.49 40.53 28.62
CA LEU D 303 -15.15 40.26 30.02
C LEU D 303 -15.53 41.46 30.89
N GLU D 304 -15.25 42.66 30.40
CA GLU D 304 -15.59 43.88 31.13
C GLU D 304 -17.09 44.01 31.28
N ARG D 305 -17.85 43.34 30.43
CA ARG D 305 -19.30 43.39 30.47
C ARG D 305 -19.90 42.24 31.25
N GLY D 306 -19.05 41.44 31.90
CA GLY D 306 -19.55 40.34 32.70
C GLY D 306 -19.91 39.06 31.98
N TYR D 307 -19.26 38.79 30.85
CA TYR D 307 -19.55 37.56 30.14
C TYR D 307 -18.42 36.56 30.26
N LYS D 308 -18.78 35.29 30.41
CA LYS D 308 -17.80 34.23 30.56
C LYS D 308 -17.23 33.78 29.21
N VAL D 309 -15.95 34.05 29.02
CA VAL D 309 -15.26 33.67 27.79
C VAL D 309 -14.44 32.42 28.12
N VAL D 310 -14.77 31.30 27.48
CA VAL D 310 -14.07 30.03 27.70
C VAL D 310 -12.56 30.24 27.51
N SER D 311 -11.74 29.58 28.34
CA SER D 311 -10.27 29.71 28.26
C SER D 311 -9.78 31.09 28.74
N GLY D 312 -10.70 31.94 29.18
CA GLY D 312 -10.33 33.25 29.67
C GLY D 312 -9.81 34.21 28.60
N GLY D 313 -9.63 33.74 27.38
CA GLY D 313 -9.14 34.65 26.36
C GLY D 313 -8.95 33.99 25.02
N THR D 314 -8.15 34.60 24.17
CA THR D 314 -7.91 34.05 22.84
C THR D 314 -6.51 34.27 22.32
N ASP D 315 -5.99 33.27 21.60
CA ASP D 315 -4.67 33.33 20.99
C ASP D 315 -4.78 33.08 19.50
N ASN D 316 -6.01 33.18 19.00
CA ASN D 316 -6.25 32.99 17.57
C ASN D 316 -7.38 33.89 17.07
N HIS D 317 -8.10 33.44 16.07
CA HIS D 317 -9.18 34.22 15.47
C HIS D 317 -10.55 34.09 16.13
N LEU D 318 -10.72 33.15 17.05
CA LEU D 318 -12.02 32.97 17.68
C LEU D 318 -12.06 32.86 19.21
N PHE D 319 -13.28 32.80 19.74
CA PHE D 319 -13.50 32.64 21.16
C PHE D 319 -14.95 32.22 21.41
N LEU D 320 -15.19 31.55 22.54
CA LEU D 320 -16.52 31.09 22.92
C LEU D 320 -17.05 31.90 24.09
N VAL D 321 -18.35 32.15 24.05
CA VAL D 321 -19.01 32.88 25.12
C VAL D 321 -20.01 31.93 25.78
N ASP D 322 -19.70 31.53 27.02
CA ASP D 322 -20.54 30.62 27.81
C ASP D 322 -21.69 31.43 28.41
N LEU D 323 -22.92 31.09 28.01
CA LEU D 323 -24.09 31.81 28.48
C LEU D 323 -24.92 31.05 29.51
N VAL D 324 -24.36 29.99 30.09
CA VAL D 324 -25.08 29.22 31.08
C VAL D 324 -25.52 30.08 32.27
N ASP D 325 -24.59 30.85 32.82
CA ASP D 325 -24.87 31.71 33.97
C ASP D 325 -25.85 32.86 33.68
N LYS D 326 -26.15 33.07 32.40
CA LYS D 326 -27.08 34.12 32.01
C LYS D 326 -28.44 33.53 31.66
N ASN D 327 -28.57 32.21 31.82
CA ASN D 327 -29.82 31.53 31.53
C ASN D 327 -30.29 31.79 30.10
N LEU D 328 -29.38 31.62 29.15
CA LEU D 328 -29.68 31.82 27.74
C LEU D 328 -29.14 30.65 26.95
N THR D 329 -29.84 30.29 25.89
CA THR D 329 -29.37 29.21 25.04
C THR D 329 -28.68 29.84 23.85
N GLY D 330 -27.70 29.15 23.29
CA GLY D 330 -27.00 29.68 22.14
C GLY D 330 -28.02 29.99 21.06
N LYS D 331 -29.05 29.15 20.98
CA LYS D 331 -30.09 29.32 19.97
C LYS D 331 -30.81 30.66 20.14
N GLU D 332 -31.02 31.08 21.40
CA GLU D 332 -31.67 32.35 21.70
C GLU D 332 -30.77 33.53 21.36
N ALA D 333 -29.53 33.46 21.83
CA ALA D 333 -28.56 34.52 21.58
C ALA D 333 -28.40 34.70 20.08
N ASP D 334 -28.15 33.59 19.39
CA ASP D 334 -27.96 33.60 17.93
C ASP D 334 -29.12 34.32 17.26
N ALA D 335 -30.34 33.91 17.60
CA ALA D 335 -31.54 34.52 17.02
C ALA D 335 -31.72 35.99 17.36
N ALA D 336 -31.37 36.38 18.58
CA ALA D 336 -31.50 37.79 18.99
C ALA D 336 -30.50 38.66 18.26
N LEU D 337 -29.24 38.25 18.25
CA LEU D 337 -28.18 39.00 17.56
C LEU D 337 -28.50 39.10 16.06
N GLY D 338 -29.14 38.06 15.53
CA GLY D 338 -29.48 38.04 14.13
C GLY D 338 -30.45 39.14 13.74
N ARG D 339 -31.44 39.38 14.60
CA ARG D 339 -32.41 40.42 14.32
C ARG D 339 -31.76 41.79 14.33
N ALA D 340 -30.55 41.88 14.85
CA ALA D 340 -29.81 43.13 14.88
C ALA D 340 -28.76 43.12 13.77
N ASN D 341 -28.91 42.18 12.83
CA ASN D 341 -28.00 42.04 11.69
C ASN D 341 -26.56 41.63 12.06
N ILE D 342 -26.43 40.95 13.20
CA ILE D 342 -25.13 40.46 13.68
C ILE D 342 -25.21 38.94 13.64
N THR D 343 -24.58 38.34 12.65
CA THR D 343 -24.61 36.88 12.50
C THR D 343 -23.48 36.09 13.14
N VAL D 344 -23.85 35.23 14.07
CA VAL D 344 -22.90 34.39 14.77
C VAL D 344 -23.43 32.96 14.57
N ASN D 345 -23.12 32.07 15.51
CA ASN D 345 -23.64 30.70 15.42
C ASN D 345 -23.63 30.06 16.81
N LYS D 346 -24.75 29.43 17.17
CA LYS D 346 -24.88 28.76 18.46
C LYS D 346 -23.77 27.71 18.52
N ASN D 347 -23.12 27.59 19.68
CA ASN D 347 -22.05 26.63 19.79
C ASN D 347 -22.02 25.95 21.13
N SER D 348 -21.80 24.64 21.12
CA SER D 348 -21.74 23.89 22.36
C SER D 348 -20.51 24.38 23.11
N VAL D 349 -20.57 24.32 24.43
CA VAL D 349 -19.43 24.75 25.25
C VAL D 349 -19.08 23.55 26.13
N PRO D 350 -17.92 23.61 26.82
CA PRO D 350 -17.53 22.50 27.68
C PRO D 350 -18.57 22.24 28.76
N ASN D 351 -18.96 20.97 28.91
CA ASN D 351 -19.95 20.56 29.90
C ASN D 351 -21.31 21.19 29.63
N ASP D 352 -21.58 21.47 28.36
CA ASP D 352 -22.83 22.07 27.96
C ASP D 352 -24.02 21.18 28.33
N PRO D 353 -24.96 21.72 29.11
CA PRO D 353 -26.16 20.99 29.54
C PRO D 353 -27.18 20.79 28.42
N LYS D 354 -27.02 21.53 27.33
CA LYS D 354 -27.93 21.43 26.19
C LYS D 354 -27.33 20.63 25.04
N SER D 355 -28.18 20.18 24.12
CA SER D 355 -27.73 19.42 22.97
C SER D 355 -27.16 20.36 21.92
N PRO D 356 -26.35 19.82 20.99
CA PRO D 356 -25.69 20.56 19.90
C PRO D 356 -26.58 21.54 19.10
N PHE D 357 -27.86 21.24 18.99
CA PHE D 357 -28.75 22.11 18.23
C PHE D 357 -29.24 23.30 19.05
N VAL D 358 -29.18 23.16 20.38
CA VAL D 358 -29.61 24.24 21.27
C VAL D 358 -28.42 25.02 21.85
N THR D 359 -27.51 24.30 22.50
CA THR D 359 -26.30 24.85 23.13
C THR D 359 -26.50 25.94 24.18
N SER D 360 -25.42 26.19 24.93
CA SER D 360 -25.43 27.17 25.98
C SER D 360 -24.38 28.25 25.72
N GLY D 361 -24.11 28.51 24.44
CA GLY D 361 -23.12 29.52 24.11
C GLY D 361 -23.08 29.91 22.65
N ILE D 362 -22.21 30.85 22.32
CA ILE D 362 -22.05 31.30 20.95
C ILE D 362 -20.56 31.40 20.62
N ARG D 363 -20.22 31.14 19.36
CA ARG D 363 -18.85 31.21 18.91
C ARG D 363 -18.67 32.49 18.09
N VAL D 364 -17.56 33.19 18.29
CA VAL D 364 -17.29 34.43 17.58
C VAL D 364 -15.93 34.42 16.90
N GLY D 365 -15.90 34.91 15.67
CA GLY D 365 -14.68 34.97 14.89
C GLY D 365 -14.51 36.32 14.20
N THR D 366 -13.27 36.76 14.10
CA THR D 366 -12.95 38.05 13.50
C THR D 366 -12.46 38.05 12.05
N PRO D 367 -12.23 36.87 11.45
CA PRO D 367 -11.75 36.84 10.07
C PRO D 367 -12.54 37.68 9.06
N ALA D 368 -13.86 37.58 9.10
CA ALA D 368 -14.71 38.32 8.16
C ALA D 368 -14.65 39.82 8.30
N ILE D 369 -14.96 40.34 9.50
CA ILE D 369 -14.95 41.78 9.72
C ILE D 369 -13.56 42.37 9.52
N THR D 370 -12.52 41.58 9.79
CA THR D 370 -11.17 42.09 9.62
C THR D 370 -10.91 42.28 8.13
N ARG D 371 -11.29 41.27 7.33
CA ARG D 371 -11.09 41.32 5.89
C ARG D 371 -11.93 42.41 5.29
N ARG D 372 -12.92 42.82 6.08
CA ARG D 372 -13.86 43.87 5.68
C ARG D 372 -13.37 45.29 6.03
N GLY D 373 -12.30 45.39 6.82
CA GLY D 373 -11.76 46.69 7.16
C GLY D 373 -11.75 47.04 8.63
N PHE D 374 -12.55 46.33 9.43
CA PHE D 374 -12.62 46.60 10.86
C PHE D 374 -11.26 46.48 11.52
N LYS D 375 -11.07 47.28 12.57
CA LYS D 375 -9.84 47.27 13.36
C LYS D 375 -10.26 47.30 14.82
N GLU D 376 -9.31 47.31 15.74
CA GLU D 376 -9.65 47.28 17.15
C GLU D 376 -10.79 48.20 17.59
N ALA D 377 -10.79 49.43 17.09
CA ALA D 377 -11.82 50.39 17.45
C ALA D 377 -13.20 49.89 17.07
N GLU D 378 -13.35 49.51 15.80
CA GLU D 378 -14.63 49.00 15.32
C GLU D 378 -15.03 47.72 16.04
N ALA D 379 -14.05 46.86 16.28
CA ALA D 379 -14.30 45.59 16.94
C ALA D 379 -14.75 45.73 18.38
N LYS D 380 -14.17 46.69 19.10
CA LYS D 380 -14.55 46.89 20.49
C LYS D 380 -15.97 47.39 20.52
N GLU D 381 -16.29 48.26 19.57
CA GLU D 381 -17.61 48.85 19.48
C GLU D 381 -18.67 47.81 19.13
N LEU D 382 -18.31 46.90 18.22
CA LEU D 382 -19.22 45.84 17.83
C LEU D 382 -19.48 44.90 19.01
N ALA D 383 -18.41 44.52 19.71
CA ALA D 383 -18.51 43.65 20.87
C ALA D 383 -19.47 44.30 21.85
N GLY D 384 -19.35 45.61 22.02
CA GLY D 384 -20.24 46.35 22.90
C GLY D 384 -21.71 46.22 22.52
N TRP D 385 -22.03 46.47 21.26
CA TRP D 385 -23.40 46.37 20.79
C TRP D 385 -23.94 44.97 21.04
N MET D 386 -23.07 43.98 20.85
CA MET D 386 -23.45 42.59 21.07
C MET D 386 -23.92 42.40 22.51
N CYS D 387 -23.10 42.85 23.46
CA CYS D 387 -23.43 42.73 24.87
C CYS D 387 -24.70 43.51 25.20
N ASP D 388 -24.95 44.60 24.47
CA ASP D 388 -26.16 45.40 24.69
C ASP D 388 -27.36 44.54 24.35
N VAL D 389 -27.26 43.81 23.24
CA VAL D 389 -28.35 42.95 22.82
C VAL D 389 -28.54 41.83 23.83
N LEU D 390 -27.47 41.12 24.16
CA LEU D 390 -27.56 40.02 25.12
C LEU D 390 -28.14 40.49 26.45
N ASP D 391 -27.70 41.67 26.90
CA ASP D 391 -28.18 42.22 28.16
C ASP D 391 -29.70 42.41 28.17
N SER D 392 -30.24 42.93 27.08
CA SER D 392 -31.67 43.16 26.98
C SER D 392 -32.20 42.35 25.81
N ILE D 393 -31.99 41.03 25.87
CA ILE D 393 -32.40 40.13 24.80
C ILE D 393 -33.89 40.17 24.44
N ASN D 394 -34.71 40.69 25.33
CA ASN D 394 -36.14 40.78 25.07
C ASN D 394 -36.62 42.18 24.68
N ASP D 395 -35.70 43.14 24.72
CA ASP D 395 -36.03 44.51 24.39
C ASP D 395 -35.90 44.78 22.88
N GLU D 396 -37.04 44.76 22.21
CA GLU D 396 -37.08 44.99 20.76
C GLU D 396 -36.58 46.39 20.39
N ALA D 397 -36.64 47.32 21.32
CA ALA D 397 -36.18 48.67 21.05
C ALA D 397 -34.66 48.71 21.08
N VAL D 398 -34.08 47.85 21.90
CA VAL D 398 -32.62 47.79 21.99
C VAL D 398 -32.08 47.15 20.71
N ILE D 399 -32.69 46.04 20.31
CA ILE D 399 -32.29 45.34 19.11
C ILE D 399 -32.45 46.24 17.90
N GLU D 400 -33.53 47.02 17.86
CA GLU D 400 -33.78 47.95 16.76
C GLU D 400 -32.68 49.01 16.70
N ARG D 401 -32.29 49.53 17.85
CA ARG D 401 -31.25 50.56 17.92
C ARG D 401 -29.95 50.03 17.35
N ILE D 402 -29.58 48.83 17.78
CA ILE D 402 -28.36 48.22 17.33
C ILE D 402 -28.40 47.89 15.85
N LYS D 403 -29.52 47.40 15.38
CA LYS D 403 -29.64 47.06 13.96
C LYS D 403 -29.23 48.25 13.12
N GLY D 404 -29.67 49.43 13.56
CA GLY D 404 -29.36 50.66 12.85
C GLY D 404 -27.88 50.99 12.80
N LYS D 405 -27.16 50.71 13.89
CA LYS D 405 -25.73 50.97 13.95
C LYS D 405 -24.98 49.99 13.06
N VAL D 406 -25.52 48.78 12.94
CA VAL D 406 -24.91 47.76 12.11
C VAL D 406 -25.05 48.14 10.64
N LEU D 407 -26.28 48.47 10.25
CA LEU D 407 -26.53 48.86 8.86
C LEU D 407 -25.68 50.08 8.50
N ASP D 408 -25.41 50.91 9.50
CA ASP D 408 -24.61 52.09 9.29
C ASP D 408 -23.13 51.75 9.05
N ILE D 409 -22.51 51.04 9.99
CA ILE D 409 -21.10 50.71 9.87
C ILE D 409 -20.86 49.71 8.73
N CYS D 410 -21.91 49.01 8.31
CA CYS D 410 -21.81 48.07 7.21
C CYS D 410 -21.76 48.84 5.89
N ALA D 411 -22.37 50.02 5.86
CA ALA D 411 -22.38 50.84 4.66
C ALA D 411 -21.06 51.54 4.46
N ARG D 412 -20.27 51.64 5.53
CA ARG D 412 -19.00 52.32 5.44
C ARG D 412 -17.84 51.37 5.16
N TYR D 413 -18.06 50.07 5.39
CA TYR D 413 -17.04 49.05 5.14
C TYR D 413 -17.64 47.99 4.23
N PRO D 414 -17.89 48.35 2.97
CA PRO D 414 -18.46 47.38 2.04
C PRO D 414 -17.55 46.19 1.80
N VAL D 415 -18.15 45.01 1.60
CA VAL D 415 -17.39 43.78 1.36
C VAL D 415 -16.80 43.75 -0.06
N TYR D 416 -17.67 43.84 -1.05
CA TYR D 416 -17.25 43.84 -2.46
C TYR D 416 -17.66 45.14 -3.12
N ALA D 417 -16.70 45.79 -3.76
CA ALA D 417 -16.95 47.05 -4.46
C ALA D 417 -16.55 46.96 -5.93
#